data_3HNO
#
_entry.id   3HNO
#
_cell.length_a   211.895
_cell.length_b   89.322
_cell.length_c   115.462
_cell.angle_alpha   90.00
_cell.angle_beta   119.12
_cell.angle_gamma   90.00
#
_symmetry.space_group_name_H-M   'C 1 2 1'
#
loop_
_entity.id
_entity.type
_entity.pdbx_description
1 polymer 'Pyrophosphate-dependent phosphofructokinase'
2 non-polymer 'BROMIDE ION'
3 water water
#
_entity_poly.entity_id   1
_entity_poly.type   'polypeptide(L)'
_entity_poly.pdbx_seq_one_letter_code
;MAAKNAFYAQSGGVTAVINASAAGVIEAARKQSGKIGRIYAGRNGIIGALTEDLIDTGQESDAAISALRYTPSGAFGSCR
YKLKSLEQNRREYERLIEVFKAHDIGYFFYNGGGDSADTCLKVSQLSGTLGYPIQAIHVPKTVDNDLPITDCCPGFGSVA
KYIAVSTLEASFDVASMSATSTKVFVLEVMGRHAGWIAAAGGLASSPEREIPVVILFPEISFDKQKFLAKVDSCVKKFGY
CSVVVSEGVKGDDGKFLSDQGVRDAFGHAQLGGVAPVVASMVKEGLGLKYHWGVADYLQRAARHIASKTDVEQAYAMGQA
AVEFAVQGHNSVMPTIERISARPYQWKVGMAQLSQVANVEKMMPENFITEDGFGITDLCREYLAPLIEGEDYPPYKDGLP
DYVRLKNVAVPKKLSGFTL
;
_entity_poly.pdbx_strand_id   A,B,C,D
#
# COMPACT_ATOMS: atom_id res chain seq x y z
N ALA A 2 0.48 5.87 -22.69
CA ALA A 2 1.83 5.94 -22.07
C ALA A 2 2.55 4.62 -22.28
N ALA A 3 2.52 3.77 -21.25
CA ALA A 3 3.16 2.46 -21.28
C ALA A 3 4.61 2.50 -21.76
N LYS A 4 5.33 3.56 -21.41
CA LYS A 4 6.72 3.71 -21.82
C LYS A 4 7.75 3.27 -20.80
N ASN A 5 7.33 3.00 -19.56
CA ASN A 5 8.28 2.57 -18.54
C ASN A 5 8.70 1.11 -18.72
N ALA A 6 9.86 0.77 -18.20
CA ALA A 6 10.36 -0.59 -18.32
C ALA A 6 10.48 -1.26 -16.97
N PHE A 7 10.39 -2.58 -16.99
CA PHE A 7 10.53 -3.41 -15.79
C PHE A 7 11.57 -4.49 -16.08
N TYR A 8 12.56 -4.58 -15.21
CA TYR A 8 13.63 -5.58 -15.33
C TYR A 8 13.63 -6.40 -14.05
N ALA A 9 13.77 -7.72 -14.18
CA ALA A 9 13.81 -8.58 -13.01
C ALA A 9 14.74 -9.77 -13.27
N GLN A 10 15.38 -10.25 -12.21
CA GLN A 10 16.27 -11.40 -12.33
C GLN A 10 15.51 -12.61 -11.77
N SER A 11 15.77 -13.78 -12.34
CA SER A 11 15.10 -14.99 -11.90
C SER A 11 16.03 -16.18 -11.73
N GLY A 12 15.68 -17.07 -10.82
CA GLY A 12 16.47 -18.26 -10.57
C GLY A 12 17.82 -18.02 -9.91
N GLY A 13 18.69 -19.02 -9.98
CA GLY A 13 20.01 -18.89 -9.38
C GLY A 13 20.79 -17.78 -10.05
N VAL A 14 21.52 -16.99 -9.27
CA VAL A 14 22.30 -15.91 -9.85
C VAL A 14 23.63 -16.40 -10.43
N THR A 15 24.34 -15.52 -11.11
CA THR A 15 25.62 -15.88 -11.71
C THR A 15 26.61 -14.76 -11.45
N ALA A 16 27.84 -14.93 -11.94
CA ALA A 16 28.86 -13.93 -11.74
C ALA A 16 28.71 -12.74 -12.69
N VAL A 17 27.95 -12.92 -13.77
CA VAL A 17 27.79 -11.84 -14.74
C VAL A 17 26.36 -11.42 -15.04
N ILE A 18 25.37 -11.90 -14.29
CA ILE A 18 24.00 -11.51 -14.57
C ILE A 18 23.83 -9.98 -14.40
N ASN A 19 24.69 -9.36 -13.60
CA ASN A 19 24.61 -7.91 -13.42
C ASN A 19 25.15 -7.19 -14.65
N ALA A 20 26.00 -7.89 -15.42
CA ALA A 20 26.53 -7.30 -16.64
C ALA A 20 25.35 -7.22 -17.61
N SER A 21 24.49 -8.23 -17.59
CA SER A 21 23.30 -8.23 -18.44
C SER A 21 22.37 -7.11 -17.97
N ALA A 22 22.29 -6.91 -16.66
CA ALA A 22 21.45 -5.85 -16.12
C ALA A 22 21.97 -4.49 -16.59
N ALA A 23 23.29 -4.33 -16.59
CA ALA A 23 23.91 -3.08 -17.04
C ALA A 23 23.61 -2.89 -18.53
N GLY A 24 23.68 -3.97 -19.30
CA GLY A 24 23.39 -3.86 -20.72
C GLY A 24 21.97 -3.36 -20.92
N VAL A 25 21.02 -3.93 -20.18
CA VAL A 25 19.62 -3.50 -20.30
C VAL A 25 19.45 -2.05 -19.86
N ILE A 26 19.92 -1.72 -18.66
CA ILE A 26 19.77 -0.37 -18.14
C ILE A 26 20.49 0.73 -18.94
N GLU A 27 21.74 0.50 -19.32
CA GLU A 27 22.46 1.51 -20.08
C GLU A 27 21.85 1.70 -21.47
N ALA A 28 21.34 0.63 -22.06
CA ALA A 28 20.71 0.73 -23.38
C ALA A 28 19.40 1.49 -23.26
N ALA A 29 18.66 1.20 -22.20
CA ALA A 29 17.38 1.86 -21.95
C ALA A 29 17.55 3.35 -21.67
N ARG A 30 18.59 3.71 -20.92
CA ARG A 30 18.84 5.11 -20.61
C ARG A 30 19.15 5.90 -21.87
N LYS A 31 19.87 5.29 -22.81
CA LYS A 31 20.23 5.96 -24.05
C LYS A 31 18.99 6.21 -24.90
N GLN A 32 17.92 5.49 -24.58
CA GLN A 32 16.68 5.66 -25.30
C GLN A 32 16.02 6.95 -24.85
N SER A 33 15.03 6.86 -23.97
CA SER A 33 14.31 8.03 -23.48
C SER A 33 13.70 8.72 -24.69
N GLY A 34 12.39 8.61 -24.79
CA GLY A 34 11.65 9.14 -25.91
C GLY A 34 10.86 7.90 -26.27
N LYS A 35 11.53 6.77 -26.10
CA LYS A 35 10.94 5.47 -26.33
C LYS A 35 10.71 4.88 -24.94
N ILE A 36 11.77 4.84 -24.14
CA ILE A 36 11.67 4.30 -22.79
C ILE A 36 11.72 5.37 -21.70
N GLY A 37 10.76 5.31 -20.81
CA GLY A 37 10.69 6.27 -19.71
C GLY A 37 11.52 5.81 -18.53
N ARG A 38 10.86 5.60 -17.39
CA ARG A 38 11.55 5.17 -16.18
C ARG A 38 11.88 3.68 -16.23
N ILE A 39 12.99 3.31 -15.60
CA ILE A 39 13.43 1.92 -15.55
C ILE A 39 13.29 1.35 -14.14
N TYR A 40 12.32 0.46 -13.95
CA TYR A 40 12.10 -0.16 -12.65
C TYR A 40 12.66 -1.57 -12.60
N ALA A 41 13.05 -2.02 -11.41
CA ALA A 41 13.56 -3.37 -11.23
C ALA A 41 12.75 -4.04 -10.14
N GLY A 42 12.56 -5.36 -10.24
CA GLY A 42 11.79 -6.08 -9.23
C GLY A 42 12.67 -6.49 -8.06
N ARG A 43 12.37 -5.99 -6.86
CA ARG A 43 13.17 -6.35 -5.68
C ARG A 43 12.96 -7.83 -5.42
N ASN A 44 14.06 -8.58 -5.44
CA ASN A 44 14.02 -10.02 -5.23
C ASN A 44 13.33 -10.75 -6.37
N GLY A 45 13.34 -10.13 -7.56
CA GLY A 45 12.75 -10.75 -8.73
C GLY A 45 11.28 -10.52 -9.02
N ILE A 46 10.65 -11.51 -9.66
CA ILE A 46 9.25 -11.44 -10.05
C ILE A 46 8.35 -11.22 -8.83
N ILE A 47 8.76 -11.76 -7.68
CA ILE A 47 7.98 -11.62 -6.47
C ILE A 47 7.84 -10.15 -6.12
N GLY A 48 8.88 -9.38 -6.44
CA GLY A 48 8.85 -7.95 -6.18
C GLY A 48 7.74 -7.31 -6.99
N ALA A 49 7.51 -7.82 -8.19
CA ALA A 49 6.47 -7.29 -9.05
C ALA A 49 5.10 -7.60 -8.46
N LEU A 50 4.92 -8.83 -7.99
CA LEU A 50 3.65 -9.24 -7.41
C LEU A 50 3.31 -8.47 -6.13
N THR A 51 4.28 -8.27 -5.25
CA THR A 51 4.04 -7.54 -4.00
C THR A 51 4.27 -6.05 -4.15
N GLU A 52 4.42 -5.59 -5.39
CA GLU A 52 4.64 -4.19 -5.70
C GLU A 52 5.78 -3.55 -4.90
N ASP A 53 6.93 -4.22 -4.93
CA ASP A 53 8.14 -3.73 -4.27
C ASP A 53 9.08 -3.47 -5.43
N LEU A 54 8.89 -2.31 -6.06
CA LEU A 54 9.69 -1.92 -7.21
C LEU A 54 10.84 -1.00 -6.82
N ILE A 55 11.92 -1.07 -7.58
CA ILE A 55 13.11 -0.25 -7.35
C ILE A 55 13.24 0.74 -8.50
N ASP A 56 13.54 1.99 -8.17
CA ASP A 56 13.72 3.00 -9.21
C ASP A 56 15.21 3.07 -9.55
N THR A 57 15.62 2.36 -10.60
CA THR A 57 17.02 2.31 -11.00
C THR A 57 17.53 3.66 -11.50
N GLY A 58 16.61 4.57 -11.82
CA GLY A 58 17.01 5.87 -12.28
C GLY A 58 17.76 6.67 -11.23
N GLN A 59 17.63 6.26 -9.97
CA GLN A 59 18.30 6.96 -8.89
C GLN A 59 19.74 6.50 -8.67
N GLU A 60 20.19 5.54 -9.47
CA GLU A 60 21.57 5.05 -9.38
C GLU A 60 22.40 5.91 -10.33
N SER A 61 23.63 6.24 -9.94
CA SER A 61 24.47 7.06 -10.79
C SER A 61 24.95 6.21 -11.97
N ASP A 62 25.45 6.88 -13.01
CA ASP A 62 25.95 6.16 -14.17
C ASP A 62 27.12 5.27 -13.73
N ALA A 63 27.92 5.76 -12.78
CA ALA A 63 29.06 5.00 -12.27
C ALA A 63 28.60 3.71 -11.59
N ALA A 64 27.52 3.79 -10.81
CA ALA A 64 26.99 2.62 -10.12
C ALA A 64 26.52 1.56 -11.12
N ILE A 65 25.83 2.00 -12.17
CA ILE A 65 25.35 1.05 -13.18
C ILE A 65 26.53 0.40 -13.90
N SER A 66 27.52 1.21 -14.27
CA SER A 66 28.71 0.69 -14.94
C SER A 66 29.40 -0.35 -14.07
N ALA A 67 29.39 -0.12 -12.75
CA ALA A 67 30.03 -1.03 -11.79
C ALA A 67 29.33 -2.39 -11.75
N LEU A 68 28.08 -2.43 -12.21
CA LEU A 68 27.35 -3.69 -12.25
C LEU A 68 28.07 -4.66 -13.18
N ARG A 69 28.77 -4.11 -14.17
CA ARG A 69 29.49 -4.95 -15.14
C ARG A 69 30.58 -5.79 -14.51
N TYR A 70 31.05 -5.41 -13.32
CA TYR A 70 32.08 -6.21 -12.64
C TYR A 70 31.69 -6.64 -11.24
N THR A 71 30.39 -6.78 -11.01
CA THR A 71 29.86 -7.21 -9.72
C THR A 71 29.07 -8.51 -9.88
N PRO A 72 29.37 -9.50 -9.02
CA PRO A 72 28.70 -10.80 -9.04
C PRO A 72 27.31 -10.83 -8.41
N SER A 73 26.58 -11.90 -8.68
CA SER A 73 25.25 -12.13 -8.13
C SER A 73 24.16 -11.19 -8.64
N GLY A 74 23.02 -11.15 -7.95
CA GLY A 74 21.92 -10.29 -8.38
C GLY A 74 21.81 -9.02 -7.57
N ALA A 75 22.19 -7.89 -8.17
CA ALA A 75 22.16 -6.60 -7.49
C ALA A 75 20.77 -6.13 -7.04
N PHE A 76 19.71 -6.72 -7.59
CA PHE A 76 18.33 -6.34 -7.21
C PHE A 76 17.67 -7.46 -6.45
N GLY A 77 18.38 -8.58 -6.28
CA GLY A 77 17.82 -9.72 -5.60
C GLY A 77 17.14 -10.63 -6.61
N SER A 78 17.03 -11.91 -6.28
CA SER A 78 16.37 -12.87 -7.17
C SER A 78 15.55 -13.86 -6.33
N CYS A 79 14.83 -14.74 -7.01
CA CYS A 79 14.00 -15.73 -6.31
C CYS A 79 13.71 -16.91 -7.23
N ARG A 80 13.20 -18.00 -6.66
CA ARG A 80 12.89 -19.18 -7.46
C ARG A 80 11.38 -19.36 -7.63
N TYR A 81 10.63 -18.27 -7.57
CA TYR A 81 9.18 -18.31 -7.73
C TYR A 81 8.84 -18.46 -9.22
N LYS A 82 8.30 -19.61 -9.59
CA LYS A 82 7.95 -19.88 -10.98
C LYS A 82 6.58 -19.33 -11.35
N ASN A 89 -0.21 -19.45 -12.66
CA ASN A 89 -1.20 -18.93 -11.73
C ASN A 89 -1.93 -17.75 -12.37
N ARG A 90 -3.22 -17.94 -12.66
CA ARG A 90 -4.02 -16.88 -13.27
C ARG A 90 -3.99 -15.62 -12.42
N ARG A 91 -4.25 -15.78 -11.12
CA ARG A 91 -4.26 -14.67 -10.18
C ARG A 91 -2.93 -13.91 -10.21
N GLU A 92 -1.82 -14.66 -10.24
CA GLU A 92 -0.49 -14.08 -10.27
C GLU A 92 -0.26 -13.28 -11.54
N TYR A 93 -0.51 -13.89 -12.69
CA TYR A 93 -0.34 -13.22 -13.97
C TYR A 93 -1.19 -11.95 -14.07
N GLU A 94 -2.44 -12.03 -13.61
CA GLU A 94 -3.32 -10.87 -13.65
C GLU A 94 -2.79 -9.77 -12.75
N ARG A 95 -2.22 -10.18 -11.62
CA ARG A 95 -1.65 -9.24 -10.66
C ARG A 95 -0.45 -8.51 -11.28
N LEU A 96 0.36 -9.24 -12.04
CA LEU A 96 1.52 -8.64 -12.70
C LEU A 96 1.05 -7.54 -13.64
N ILE A 97 0.05 -7.84 -14.46
CA ILE A 97 -0.45 -6.84 -15.38
C ILE A 97 -1.00 -5.61 -14.63
N GLU A 98 -1.69 -5.84 -13.52
CA GLU A 98 -2.24 -4.74 -12.72
C GLU A 98 -1.12 -3.83 -12.22
N VAL A 99 -0.04 -4.43 -11.75
CA VAL A 99 1.08 -3.66 -11.24
C VAL A 99 1.78 -2.90 -12.37
N PHE A 100 2.00 -3.57 -13.50
CA PHE A 100 2.66 -2.88 -14.60
C PHE A 100 1.79 -1.71 -15.06
N LYS A 101 0.48 -1.94 -15.14
CA LYS A 101 -0.44 -0.88 -15.55
C LYS A 101 -0.39 0.32 -14.61
N ALA A 102 -0.42 0.07 -13.31
CA ALA A 102 -0.39 1.14 -12.33
C ALA A 102 0.86 2.00 -12.43
N HIS A 103 1.94 1.43 -12.95
CA HIS A 103 3.21 2.16 -13.10
C HIS A 103 3.58 2.46 -14.55
N ASP A 104 2.60 2.39 -15.45
CA ASP A 104 2.80 2.68 -16.86
C ASP A 104 3.94 1.92 -17.52
N ILE A 105 4.09 0.66 -17.17
CA ILE A 105 5.14 -0.18 -17.70
C ILE A 105 4.67 -0.89 -18.97
N GLY A 106 5.40 -0.71 -20.07
CA GLY A 106 5.03 -1.35 -21.32
C GLY A 106 6.11 -2.29 -21.83
N TYR A 107 7.14 -2.49 -21.01
CA TYR A 107 8.27 -3.38 -21.34
C TYR A 107 8.60 -4.29 -20.17
N PHE A 108 8.83 -5.57 -20.45
CA PHE A 108 9.14 -6.55 -19.42
C PHE A 108 10.39 -7.34 -19.82
N PHE A 109 11.52 -7.02 -19.20
CA PHE A 109 12.78 -7.70 -19.47
C PHE A 109 13.03 -8.67 -18.33
N TYR A 110 12.85 -9.96 -18.59
CA TYR A 110 13.03 -10.99 -17.57
C TYR A 110 14.34 -11.74 -17.84
N ASN A 111 15.29 -11.59 -16.90
CA ASN A 111 16.63 -12.19 -16.99
C ASN A 111 16.72 -13.51 -16.21
N GLY A 112 16.50 -14.62 -16.89
CA GLY A 112 16.57 -15.92 -16.23
C GLY A 112 16.81 -17.10 -17.15
N GLY A 113 16.53 -18.30 -16.67
CA GLY A 113 16.73 -19.50 -17.46
C GLY A 113 15.53 -19.92 -18.29
N GLY A 114 15.42 -21.22 -18.55
CA GLY A 114 14.34 -21.74 -19.35
C GLY A 114 12.92 -21.37 -18.90
N ASP A 115 12.67 -21.44 -17.59
CA ASP A 115 11.33 -21.10 -17.08
C ASP A 115 10.95 -19.65 -17.35
N SER A 116 11.94 -18.77 -17.36
CA SER A 116 11.71 -17.35 -17.62
C SER A 116 11.16 -17.15 -19.03
N ALA A 117 11.67 -17.95 -19.96
CA ALA A 117 11.22 -17.88 -21.34
C ALA A 117 9.70 -18.06 -21.43
N ASP A 118 9.20 -19.09 -20.75
CA ASP A 118 7.76 -19.36 -20.78
C ASP A 118 6.97 -18.23 -20.11
N THR A 119 7.49 -17.68 -19.03
CA THR A 119 6.83 -16.59 -18.33
C THR A 119 6.62 -15.39 -19.26
N CYS A 120 7.67 -15.03 -19.99
CA CYS A 120 7.58 -13.90 -20.92
C CYS A 120 6.50 -14.15 -21.95
N LEU A 121 6.44 -15.40 -22.42
CA LEU A 121 5.46 -15.80 -23.43
C LEU A 121 4.04 -15.63 -22.88
N LYS A 122 3.83 -16.01 -21.63
CA LYS A 122 2.52 -15.91 -21.00
C LYS A 122 2.15 -14.48 -20.65
N VAL A 123 3.15 -13.70 -20.23
CA VAL A 123 2.93 -12.31 -19.88
C VAL A 123 2.51 -11.56 -21.14
N SER A 124 3.26 -11.76 -22.21
CA SER A 124 2.96 -11.10 -23.47
C SER A 124 1.55 -11.42 -23.96
N GLN A 125 1.19 -12.70 -23.97
CA GLN A 125 -0.12 -13.10 -24.45
C GLN A 125 -1.29 -12.67 -23.55
N LEU A 126 -1.12 -12.73 -22.24
CA LEU A 126 -2.20 -12.33 -21.34
C LEU A 126 -2.39 -10.82 -21.32
N SER A 127 -1.29 -10.08 -21.46
CA SER A 127 -1.38 -8.62 -21.43
C SER A 127 -2.28 -8.07 -22.54
N GLY A 128 -2.18 -8.64 -23.73
CA GLY A 128 -3.03 -8.17 -24.82
C GLY A 128 -4.48 -8.52 -24.55
N THR A 129 -4.71 -9.72 -24.03
CA THR A 129 -6.05 -10.19 -23.71
C THR A 129 -6.72 -9.27 -22.69
N LEU A 130 -5.94 -8.76 -21.74
CA LEU A 130 -6.48 -7.88 -20.72
C LEU A 130 -6.52 -6.39 -21.10
N GLY A 131 -6.20 -6.07 -22.35
CA GLY A 131 -6.24 -4.69 -22.79
C GLY A 131 -5.08 -3.80 -22.41
N TYR A 132 -3.96 -4.42 -22.02
CA TYR A 132 -2.77 -3.67 -21.64
C TYR A 132 -1.55 -4.43 -22.17
N PRO A 133 -1.37 -4.46 -23.50
CA PRO A 133 -0.24 -5.16 -24.12
C PRO A 133 1.11 -4.76 -23.56
N ILE A 134 1.98 -5.74 -23.38
CA ILE A 134 3.33 -5.50 -22.87
C ILE A 134 4.33 -6.29 -23.71
N GLN A 135 5.43 -5.64 -24.08
CA GLN A 135 6.45 -6.34 -24.86
C GLN A 135 7.35 -7.04 -23.85
N ALA A 136 7.32 -8.37 -23.87
CA ALA A 136 8.11 -9.17 -22.94
C ALA A 136 9.32 -9.74 -23.68
N ILE A 137 10.52 -9.41 -23.19
CA ILE A 137 11.75 -9.90 -23.81
C ILE A 137 12.54 -10.72 -22.80
N HIS A 138 12.94 -11.91 -23.22
CA HIS A 138 13.71 -12.79 -22.35
C HIS A 138 15.21 -12.57 -22.51
N VAL A 139 15.89 -12.24 -21.41
CA VAL A 139 17.34 -12.04 -21.41
C VAL A 139 17.92 -13.35 -20.84
N PRO A 140 18.60 -14.14 -21.67
CA PRO A 140 19.19 -15.43 -21.27
C PRO A 140 20.20 -15.43 -20.12
N LYS A 141 20.07 -16.43 -19.26
CA LYS A 141 20.96 -16.62 -18.12
C LYS A 141 20.85 -18.05 -17.62
N THR A 142 21.99 -18.65 -17.29
CA THR A 142 22.06 -19.98 -16.72
C THR A 142 23.45 -20.58 -16.72
N VAL A 143 23.96 -20.86 -15.52
CA VAL A 143 25.28 -21.45 -15.38
C VAL A 143 25.27 -22.90 -15.89
N ASP A 144 24.08 -23.49 -16.01
CA ASP A 144 23.95 -24.86 -16.48
C ASP A 144 24.06 -24.99 -17.99
N ASN A 145 24.03 -23.87 -18.69
CA ASN A 145 24.18 -23.84 -20.13
C ASN A 145 23.18 -24.74 -20.84
N ASP A 146 21.92 -24.74 -20.40
CA ASP A 146 20.92 -25.60 -21.02
C ASP A 146 19.84 -24.94 -21.85
N LEU A 147 20.07 -23.70 -22.28
CA LEU A 147 19.09 -23.00 -23.12
C LEU A 147 19.33 -23.45 -24.56
N PRO A 148 18.25 -23.60 -25.35
CA PRO A 148 18.43 -24.03 -26.74
C PRO A 148 18.73 -22.85 -27.66
N ILE A 149 19.08 -23.17 -28.90
CA ILE A 149 19.36 -22.19 -29.94
C ILE A 149 20.64 -21.37 -29.78
N THR A 150 20.76 -20.61 -28.70
CA THR A 150 21.96 -19.81 -28.47
C THR A 150 23.17 -20.74 -28.39
N ASP A 151 24.34 -20.26 -28.84
CA ASP A 151 25.55 -21.11 -28.81
C ASP A 151 25.98 -21.42 -27.37
N CYS A 152 25.75 -20.47 -26.47
CA CYS A 152 26.09 -20.63 -25.06
C CYS A 152 25.21 -19.69 -24.22
N CYS A 153 25.24 -19.88 -22.90
CA CYS A 153 24.41 -19.05 -22.03
C CYS A 153 25.22 -18.15 -21.10
N PRO A 154 24.82 -16.87 -20.98
CA PRO A 154 25.53 -15.92 -20.11
C PRO A 154 25.66 -16.51 -18.72
N GLY A 155 26.88 -16.53 -18.19
CA GLY A 155 27.11 -17.09 -16.87
C GLY A 155 27.85 -18.42 -16.92
N PHE A 156 27.62 -19.20 -17.98
CA PHE A 156 28.30 -20.49 -18.08
C PHE A 156 29.80 -20.36 -18.31
N GLY A 157 30.18 -19.47 -19.22
CA GLY A 157 31.59 -19.29 -19.53
C GLY A 157 32.44 -18.95 -18.31
N SER A 158 31.89 -18.16 -17.39
CA SER A 158 32.62 -17.78 -16.20
C SER A 158 32.72 -18.94 -15.21
N VAL A 159 31.66 -19.73 -15.06
CA VAL A 159 31.70 -20.88 -14.16
C VAL A 159 32.71 -21.88 -14.73
N ALA A 160 32.68 -22.07 -16.05
CA ALA A 160 33.60 -22.98 -16.73
C ALA A 160 35.05 -22.56 -16.50
N LYS A 161 35.33 -21.26 -16.59
CA LYS A 161 36.69 -20.76 -16.39
C LYS A 161 37.11 -21.04 -14.94
N TYR A 162 36.21 -20.78 -14.00
CA TYR A 162 36.49 -21.02 -12.59
C TYR A 162 36.80 -22.48 -12.31
N ILE A 163 35.99 -23.37 -12.88
CA ILE A 163 36.16 -24.80 -12.70
C ILE A 163 37.47 -25.29 -13.35
N ALA A 164 37.78 -24.75 -14.53
CA ALA A 164 38.99 -25.12 -15.25
C ALA A 164 40.22 -24.67 -14.45
N VAL A 165 40.22 -23.40 -14.06
CA VAL A 165 41.33 -22.83 -13.29
C VAL A 165 41.49 -23.56 -11.95
N SER A 166 40.38 -23.81 -11.26
CA SER A 166 40.42 -24.50 -9.97
C SER A 166 40.93 -25.92 -10.11
N THR A 167 40.48 -26.60 -11.16
CA THR A 167 40.90 -27.98 -11.40
C THR A 167 42.39 -27.98 -11.71
N LEU A 168 42.83 -27.02 -12.51
CA LEU A 168 44.25 -26.91 -12.84
C LEU A 168 45.09 -26.70 -11.58
N GLU A 169 44.67 -25.77 -10.73
CA GLU A 169 45.41 -25.48 -9.52
C GLU A 169 45.44 -26.66 -8.53
N ALA A 170 44.30 -27.31 -8.34
CA ALA A 170 44.21 -28.45 -7.44
C ALA A 170 45.05 -29.62 -7.95
N SER A 171 45.16 -29.72 -9.27
CA SER A 171 45.97 -30.78 -9.89
C SER A 171 47.45 -30.52 -9.66
N PHE A 172 47.87 -29.26 -9.74
CA PHE A 172 49.28 -28.93 -9.51
C PHE A 172 49.63 -29.26 -8.06
N ASP A 173 48.67 -29.02 -7.16
CA ASP A 173 48.87 -29.27 -5.74
C ASP A 173 48.99 -30.77 -5.43
N VAL A 174 47.97 -31.54 -5.77
CA VAL A 174 47.99 -32.98 -5.51
C VAL A 174 49.20 -33.64 -6.18
N ALA A 175 49.57 -33.15 -7.36
CA ALA A 175 50.71 -33.68 -8.08
C ALA A 175 51.99 -33.53 -7.28
N SER A 176 52.20 -32.36 -6.69
CA SER A 176 53.41 -32.13 -5.92
C SER A 176 53.45 -32.95 -4.63
N MET A 177 52.28 -33.39 -4.16
CA MET A 177 52.20 -34.18 -2.93
C MET A 177 52.05 -35.70 -3.18
N SER A 178 51.68 -36.08 -4.40
CA SER A 178 51.43 -37.48 -4.74
C SER A 178 52.55 -38.50 -4.50
N ALA A 179 53.80 -38.08 -4.53
CA ALA A 179 54.90 -39.02 -4.34
C ALA A 179 54.70 -39.85 -3.07
N THR A 180 54.53 -39.19 -1.94
CA THR A 180 54.35 -39.91 -0.68
C THR A 180 53.09 -39.58 0.10
N SER A 181 52.28 -38.66 -0.42
CA SER A 181 51.05 -38.31 0.27
C SER A 181 49.84 -38.45 -0.63
N THR A 182 48.89 -37.52 -0.51
CA THR A 182 47.66 -37.51 -1.27
C THR A 182 47.85 -37.80 -2.76
N LYS A 183 47.08 -38.74 -3.29
CA LYS A 183 47.18 -39.09 -4.71
C LYS A 183 45.93 -38.79 -5.51
N VAL A 184 44.81 -38.55 -4.83
CA VAL A 184 43.55 -38.28 -5.51
C VAL A 184 42.80 -37.08 -4.93
N PHE A 185 42.40 -36.16 -5.81
CA PHE A 185 41.64 -34.99 -5.39
C PHE A 185 40.28 -35.05 -6.07
N VAL A 186 39.22 -34.88 -5.28
CA VAL A 186 37.86 -34.92 -5.81
C VAL A 186 37.18 -33.57 -5.61
N LEU A 187 36.68 -33.00 -6.70
CA LEU A 187 35.99 -31.71 -6.65
C LEU A 187 34.54 -31.83 -7.10
N GLU A 188 33.62 -31.47 -6.23
CA GLU A 188 32.19 -31.51 -6.56
C GLU A 188 31.80 -30.17 -7.17
N VAL A 189 31.12 -30.21 -8.32
CA VAL A 189 30.68 -29.01 -9.00
C VAL A 189 29.16 -29.04 -9.24
N MET A 190 28.59 -27.92 -9.65
CA MET A 190 27.15 -27.87 -9.90
C MET A 190 26.79 -28.57 -11.20
N GLY A 191 25.50 -28.68 -11.46
CA GLY A 191 25.04 -29.33 -12.67
C GLY A 191 24.16 -30.52 -12.34
N ARG A 192 22.97 -30.25 -11.80
CA ARG A 192 22.04 -31.29 -11.41
C ARG A 192 21.65 -32.23 -12.55
N HIS A 193 21.38 -31.66 -13.72
CA HIS A 193 20.98 -32.48 -14.86
C HIS A 193 21.93 -32.39 -16.04
N ALA A 194 22.57 -31.23 -16.20
CA ALA A 194 23.49 -31.02 -17.31
C ALA A 194 24.94 -31.21 -16.86
N GLY A 195 25.78 -31.67 -17.78
CA GLY A 195 27.18 -31.91 -17.45
C GLY A 195 28.15 -30.88 -17.99
N TRP A 196 27.63 -29.75 -18.49
CA TRP A 196 28.48 -28.71 -19.05
C TRP A 196 29.51 -28.19 -18.04
N ILE A 197 29.07 -27.99 -16.81
CA ILE A 197 29.95 -27.50 -15.75
C ILE A 197 31.10 -28.47 -15.52
N ALA A 198 30.75 -29.73 -15.31
CA ALA A 198 31.74 -30.77 -15.08
C ALA A 198 32.69 -30.85 -16.28
N ALA A 199 32.14 -30.77 -17.47
CA ALA A 199 32.94 -30.83 -18.70
C ALA A 199 34.07 -29.81 -18.70
N ALA A 200 33.83 -28.65 -18.10
CA ALA A 200 34.84 -27.59 -18.02
C ALA A 200 36.09 -28.06 -17.30
N GLY A 201 35.94 -29.04 -16.43
CA GLY A 201 37.08 -29.56 -15.68
C GLY A 201 38.11 -30.18 -16.62
N GLY A 202 37.64 -30.69 -17.75
CA GLY A 202 38.55 -31.31 -18.69
C GLY A 202 39.47 -30.31 -19.36
N LEU A 203 39.09 -29.02 -19.29
CA LEU A 203 39.91 -27.98 -19.90
C LEU A 203 41.23 -27.77 -19.16
N ALA A 204 41.31 -28.28 -17.93
CA ALA A 204 42.54 -28.15 -17.14
C ALA A 204 43.68 -28.89 -17.85
N SER A 205 43.32 -29.93 -18.60
CA SER A 205 44.32 -30.71 -19.34
C SER A 205 44.45 -30.20 -20.76
N SER A 206 45.67 -30.24 -21.29
CA SER A 206 45.96 -29.79 -22.65
C SER A 206 46.88 -30.79 -23.34
N PRO A 207 47.09 -30.63 -24.65
CA PRO A 207 47.98 -31.56 -25.36
C PRO A 207 49.43 -31.35 -24.93
N GLU A 208 49.78 -30.10 -24.65
CA GLU A 208 51.15 -29.78 -24.23
C GLU A 208 51.35 -30.13 -22.76
N ARG A 209 50.26 -30.21 -22.01
CA ARG A 209 50.33 -30.55 -20.60
C ARG A 209 49.14 -31.41 -20.19
N GLU A 210 49.27 -32.71 -20.38
CA GLU A 210 48.20 -33.63 -20.05
C GLU A 210 48.09 -33.81 -18.54
N ILE A 211 46.86 -33.75 -18.04
CA ILE A 211 46.60 -33.94 -16.61
C ILE A 211 45.43 -34.90 -16.45
N PRO A 212 45.57 -35.88 -15.55
CA PRO A 212 44.49 -36.84 -15.35
C PRO A 212 43.27 -36.21 -14.68
N VAL A 213 42.19 -36.05 -15.45
CA VAL A 213 40.96 -35.48 -14.93
C VAL A 213 39.78 -36.39 -15.26
N VAL A 214 39.39 -37.20 -14.29
CA VAL A 214 38.27 -38.11 -14.48
C VAL A 214 36.97 -37.39 -14.12
N ILE A 215 36.11 -37.24 -15.12
CA ILE A 215 34.85 -36.54 -14.93
C ILE A 215 33.63 -37.44 -14.80
N LEU A 216 32.79 -37.12 -13.81
CA LEU A 216 31.58 -37.87 -13.57
C LEU A 216 30.40 -37.01 -14.01
N PHE A 217 29.85 -37.34 -15.18
CA PHE A 217 28.73 -36.60 -15.76
C PHE A 217 27.36 -37.13 -15.31
N PRO A 218 26.38 -36.23 -15.18
CA PRO A 218 25.03 -36.64 -14.76
C PRO A 218 24.39 -37.49 -15.86
N GLU A 219 24.74 -37.19 -17.11
CA GLU A 219 24.21 -37.91 -18.26
C GLU A 219 24.65 -39.36 -18.31
N ILE A 220 25.80 -39.66 -17.70
CA ILE A 220 26.34 -41.01 -17.68
C ILE A 220 25.93 -41.73 -16.40
N SER A 221 25.60 -43.00 -16.52
CA SER A 221 25.20 -43.79 -15.36
C SER A 221 26.48 -44.17 -14.61
N PHE A 222 26.54 -43.86 -13.33
CA PHE A 222 27.73 -44.15 -12.54
C PHE A 222 28.01 -45.64 -12.41
N ASP A 223 29.25 -46.02 -12.75
CA ASP A 223 29.69 -47.41 -12.67
C ASP A 223 30.93 -47.44 -11.79
N LYS A 224 30.74 -47.68 -10.50
CA LYS A 224 31.86 -47.71 -9.56
C LYS A 224 33.03 -48.56 -10.06
N GLN A 225 32.70 -49.65 -10.75
CA GLN A 225 33.74 -50.55 -11.27
C GLN A 225 34.58 -49.85 -12.32
N LYS A 226 33.92 -49.33 -13.35
CA LYS A 226 34.61 -48.64 -14.42
C LYS A 226 35.36 -47.41 -13.87
N PHE A 227 34.73 -46.72 -12.93
CA PHE A 227 35.33 -45.52 -12.31
C PHE A 227 36.67 -45.83 -11.66
N LEU A 228 36.67 -46.74 -10.68
CA LEU A 228 37.87 -47.12 -9.97
C LEU A 228 38.96 -47.59 -10.93
N ALA A 229 38.55 -48.29 -11.98
CA ALA A 229 39.50 -48.78 -12.97
C ALA A 229 40.19 -47.59 -13.66
N LYS A 230 39.39 -46.60 -14.02
CA LYS A 230 39.90 -45.40 -14.69
C LYS A 230 40.87 -44.64 -13.78
N VAL A 231 40.46 -44.40 -12.54
CA VAL A 231 41.30 -43.69 -11.59
C VAL A 231 42.61 -44.43 -11.41
N ASP A 232 42.54 -45.74 -11.18
CA ASP A 232 43.73 -46.53 -11.00
C ASP A 232 44.70 -46.39 -12.19
N SER A 233 44.17 -46.53 -13.40
CA SER A 233 45.01 -46.40 -14.58
C SER A 233 45.69 -45.03 -14.62
N CYS A 234 44.96 -44.01 -14.21
CA CYS A 234 45.51 -42.66 -14.17
C CYS A 234 46.62 -42.54 -13.14
N VAL A 235 46.38 -43.05 -11.93
CA VAL A 235 47.40 -42.98 -10.89
C VAL A 235 48.66 -43.72 -11.32
N LYS A 236 48.48 -44.79 -12.10
CA LYS A 236 49.62 -45.57 -12.57
C LYS A 236 50.43 -44.82 -13.63
N LYS A 237 49.73 -44.09 -14.48
CA LYS A 237 50.37 -43.34 -15.56
C LYS A 237 50.98 -42.01 -15.12
N PHE A 238 50.26 -41.28 -14.28
CA PHE A 238 50.72 -39.96 -13.83
C PHE A 238 51.20 -39.89 -12.38
N GLY A 239 50.76 -40.82 -11.56
CA GLY A 239 51.16 -40.80 -10.16
C GLY A 239 50.10 -40.14 -9.31
N TYR A 240 49.08 -39.60 -9.96
CA TYR A 240 47.99 -38.93 -9.25
C TYR A 240 46.77 -38.86 -10.16
N CYS A 241 45.68 -38.30 -9.66
CA CYS A 241 44.47 -38.17 -10.45
C CYS A 241 43.48 -37.21 -9.81
N SER A 242 42.86 -36.37 -10.64
CA SER A 242 41.87 -35.42 -10.17
C SER A 242 40.53 -35.89 -10.68
N VAL A 243 39.51 -35.78 -9.85
CA VAL A 243 38.16 -36.20 -10.21
C VAL A 243 37.21 -35.02 -10.10
N VAL A 244 36.44 -34.76 -11.15
CA VAL A 244 35.46 -33.68 -11.15
C VAL A 244 34.11 -34.36 -11.15
N VAL A 245 33.30 -34.11 -10.13
CA VAL A 245 32.00 -34.76 -10.05
C VAL A 245 30.81 -33.82 -9.91
N SER A 246 29.81 -34.03 -10.78
CA SER A 246 28.60 -33.21 -10.76
C SER A 246 27.70 -33.64 -9.61
N GLU A 247 27.00 -32.67 -9.05
CA GLU A 247 26.12 -32.94 -7.91
C GLU A 247 24.98 -33.90 -8.27
N GLY A 248 24.64 -33.96 -9.56
CA GLY A 248 23.55 -34.82 -9.98
C GLY A 248 23.91 -36.17 -10.57
N VAL A 249 25.01 -36.76 -10.12
CA VAL A 249 25.42 -38.07 -10.62
C VAL A 249 24.60 -39.18 -9.95
N LYS A 250 24.15 -40.14 -10.75
CA LYS A 250 23.36 -41.27 -10.26
C LYS A 250 23.94 -42.60 -10.71
N GLY A 251 23.86 -43.61 -9.85
CA GLY A 251 24.38 -44.92 -10.20
C GLY A 251 23.34 -45.81 -10.87
N ASP A 252 23.51 -47.12 -10.71
CA ASP A 252 22.58 -48.11 -11.30
C ASP A 252 21.15 -47.77 -10.88
N ASP A 253 21.00 -47.09 -9.75
CA ASP A 253 19.68 -46.71 -9.26
C ASP A 253 19.35 -45.26 -9.57
N GLY A 254 19.71 -44.36 -8.66
CA GLY A 254 19.46 -42.94 -8.84
C GLY A 254 20.00 -42.11 -7.70
N LYS A 255 20.94 -41.22 -8.01
CA LYS A 255 21.53 -40.35 -7.00
C LYS A 255 22.56 -41.10 -6.16
N PHE A 256 23.62 -40.40 -5.76
CA PHE A 256 24.68 -41.00 -4.95
C PHE A 256 25.32 -39.97 -4.03
N GLY A 272 24.88 -33.76 2.82
CA GLY A 272 24.99 -34.72 1.75
C GLY A 272 25.97 -34.47 0.63
N GLY A 273 27.24 -34.80 0.74
CA GLY A 273 27.90 -34.43 -0.49
C GLY A 273 28.10 -35.60 -1.38
N VAL A 274 28.49 -35.30 -2.62
CA VAL A 274 28.82 -36.30 -3.61
C VAL A 274 30.33 -36.41 -3.66
N ALA A 275 31.03 -35.42 -3.13
CA ALA A 275 32.47 -35.51 -3.09
C ALA A 275 32.94 -36.43 -1.98
N PRO A 276 32.40 -36.33 -0.78
CA PRO A 276 32.85 -37.21 0.30
C PRO A 276 32.63 -38.68 -0.08
N VAL A 277 31.51 -38.94 -0.75
CA VAL A 277 31.13 -40.29 -1.17
C VAL A 277 32.10 -40.86 -2.20
N VAL A 278 32.42 -40.07 -3.22
CA VAL A 278 33.34 -40.51 -4.26
C VAL A 278 34.73 -40.74 -3.68
N ALA A 279 35.13 -39.87 -2.76
CA ALA A 279 36.44 -39.99 -2.12
C ALA A 279 36.55 -41.32 -1.38
N SER A 280 35.51 -41.66 -0.63
CA SER A 280 35.50 -42.91 0.12
C SER A 280 35.59 -44.12 -0.79
N MET A 281 34.93 -44.07 -1.95
CA MET A 281 34.99 -45.20 -2.89
C MET A 281 36.43 -45.40 -3.34
N VAL A 282 37.13 -44.30 -3.58
CA VAL A 282 38.52 -44.37 -4.02
C VAL A 282 39.41 -44.99 -2.95
N LYS A 283 39.18 -44.64 -1.69
CA LYS A 283 39.97 -45.18 -0.60
C LYS A 283 39.63 -46.64 -0.39
N GLU A 284 38.34 -46.94 -0.37
CA GLU A 284 37.82 -48.29 -0.17
C GLU A 284 38.28 -49.27 -1.25
N GLY A 285 38.27 -48.84 -2.49
CA GLY A 285 38.64 -49.73 -3.58
C GLY A 285 40.07 -49.71 -4.08
N LEU A 286 40.83 -48.66 -3.78
CA LEU A 286 42.21 -48.58 -4.25
C LEU A 286 43.21 -48.29 -3.13
N GLY A 287 42.70 -47.90 -1.96
CA GLY A 287 43.56 -47.61 -0.84
C GLY A 287 44.43 -46.39 -1.00
N LEU A 288 44.00 -45.43 -1.81
CA LEU A 288 44.77 -44.21 -2.05
C LEU A 288 44.34 -43.05 -1.17
N LYS A 289 45.30 -42.29 -0.65
CA LYS A 289 45.02 -41.13 0.18
C LYS A 289 44.33 -40.07 -0.68
N TYR A 290 43.31 -39.42 -0.12
CA TYR A 290 42.56 -38.43 -0.89
C TYR A 290 42.33 -37.09 -0.20
N HIS A 291 41.74 -36.19 -0.97
CA HIS A 291 41.39 -34.84 -0.54
C HIS A 291 40.18 -34.47 -1.39
N TRP A 292 39.21 -33.78 -0.82
CA TRP A 292 38.05 -33.39 -1.60
C TRP A 292 37.57 -32.00 -1.25
N GLY A 293 36.85 -31.39 -2.18
CA GLY A 293 36.32 -30.06 -1.96
C GLY A 293 34.97 -29.92 -2.64
N VAL A 294 34.19 -28.96 -2.17
CA VAL A 294 32.87 -28.67 -2.74
C VAL A 294 32.85 -27.16 -2.98
N ALA A 295 32.81 -26.77 -4.24
CA ALA A 295 32.83 -25.34 -4.58
C ALA A 295 31.52 -24.63 -4.24
N ASP A 296 30.41 -25.31 -4.49
CA ASP A 296 29.09 -24.75 -4.23
C ASP A 296 28.98 -23.34 -4.80
N TYR A 297 28.50 -22.39 -4.00
CA TYR A 297 28.32 -21.00 -4.45
C TYR A 297 29.54 -20.31 -5.04
N LEU A 298 30.73 -20.65 -4.55
CA LEU A 298 31.95 -20.00 -5.05
C LEU A 298 32.09 -20.08 -6.56
N GLN A 299 31.69 -21.20 -7.15
CA GLN A 299 31.84 -21.36 -8.59
C GLN A 299 30.94 -20.44 -9.40
N ARG A 300 29.77 -20.09 -8.86
CA ARG A 300 28.87 -19.22 -9.59
C ARG A 300 28.93 -17.74 -9.22
N ALA A 301 29.79 -17.38 -8.25
CA ALA A 301 29.92 -15.98 -7.85
C ALA A 301 31.35 -15.49 -8.04
N ALA A 302 32.14 -16.27 -8.78
CA ALA A 302 33.55 -15.97 -9.00
C ALA A 302 33.87 -14.85 -9.99
N ARG A 303 33.33 -13.66 -9.77
CA ARG A 303 33.60 -12.55 -10.67
C ARG A 303 35.09 -12.16 -10.69
N HIS A 304 35.82 -12.54 -9.66
CA HIS A 304 37.24 -12.21 -9.59
C HIS A 304 38.04 -12.97 -10.66
N ILE A 305 37.43 -14.00 -11.24
CA ILE A 305 38.09 -14.77 -12.31
C ILE A 305 37.06 -15.14 -13.38
N ALA A 306 36.27 -14.15 -13.77
CA ALA A 306 35.25 -14.35 -14.78
C ALA A 306 35.85 -14.41 -16.18
N SER A 307 35.08 -14.96 -17.10
CA SER A 307 35.50 -15.04 -18.49
C SER A 307 35.19 -13.71 -19.18
N LYS A 308 36.21 -13.11 -19.79
CA LYS A 308 36.00 -11.84 -20.47
C LYS A 308 34.98 -12.01 -21.60
N THR A 309 35.05 -13.15 -22.28
CA THR A 309 34.13 -13.44 -23.37
C THR A 309 32.70 -13.52 -22.83
N ASP A 310 32.53 -14.25 -21.73
CA ASP A 310 31.23 -14.39 -21.10
C ASP A 310 30.68 -13.03 -20.65
N VAL A 311 31.54 -12.20 -20.06
CA VAL A 311 31.13 -10.88 -19.61
C VAL A 311 30.62 -10.04 -20.78
N GLU A 312 31.36 -10.03 -21.88
CA GLU A 312 30.97 -9.25 -23.05
C GLU A 312 29.66 -9.78 -23.64
N GLN A 313 29.48 -11.09 -23.63
CA GLN A 313 28.27 -11.69 -24.17
C GLN A 313 27.07 -11.40 -23.27
N ALA A 314 27.28 -11.44 -21.95
CA ALA A 314 26.20 -11.16 -21.01
C ALA A 314 25.69 -9.72 -21.17
N TYR A 315 26.62 -8.78 -21.31
CA TYR A 315 26.28 -7.37 -21.49
C TYR A 315 25.54 -7.22 -22.82
N ALA A 316 26.06 -7.88 -23.85
CA ALA A 316 25.47 -7.82 -25.19
C ALA A 316 24.01 -8.25 -25.19
N MET A 317 23.71 -9.35 -24.54
CA MET A 317 22.34 -9.87 -24.49
C MET A 317 21.38 -8.86 -23.84
N GLY A 318 21.85 -8.15 -22.83
CA GLY A 318 20.98 -7.17 -22.17
C GLY A 318 20.71 -5.98 -23.08
N GLN A 319 21.75 -5.51 -23.75
CA GLN A 319 21.64 -4.39 -24.66
C GLN A 319 20.73 -4.75 -25.84
N ALA A 320 20.91 -5.94 -26.39
CA ALA A 320 20.12 -6.40 -27.52
C ALA A 320 18.64 -6.55 -27.18
N ALA A 321 18.34 -6.93 -25.94
CA ALA A 321 16.96 -7.09 -25.51
C ALA A 321 16.23 -5.76 -25.69
N VAL A 322 16.87 -4.69 -25.25
CA VAL A 322 16.30 -3.36 -25.35
C VAL A 322 16.17 -2.92 -26.81
N GLU A 323 17.24 -3.10 -27.60
CA GLU A 323 17.19 -2.73 -29.00
C GLU A 323 16.08 -3.48 -29.73
N PHE A 324 15.91 -4.77 -29.44
CA PHE A 324 14.87 -5.56 -30.09
C PHE A 324 13.49 -5.01 -29.72
N ALA A 325 13.32 -4.70 -28.44
CA ALA A 325 12.04 -4.17 -27.96
C ALA A 325 11.68 -2.87 -28.69
N VAL A 326 12.64 -1.97 -28.76
CA VAL A 326 12.43 -0.69 -29.43
C VAL A 326 12.15 -0.85 -30.93
N GLN A 327 12.72 -1.89 -31.53
CA GLN A 327 12.49 -2.15 -32.95
C GLN A 327 11.09 -2.70 -33.14
N GLY A 328 10.44 -3.10 -32.05
CA GLY A 328 9.09 -3.60 -32.15
C GLY A 328 8.90 -5.10 -32.02
N HIS A 329 9.96 -5.82 -31.64
CA HIS A 329 9.84 -7.27 -31.49
C HIS A 329 9.22 -7.63 -30.15
N ASN A 330 8.61 -8.81 -30.09
CA ASN A 330 7.95 -9.24 -28.87
C ASN A 330 8.11 -10.75 -28.71
N SER A 331 8.14 -11.21 -27.46
CA SER A 331 8.25 -12.63 -27.19
C SER A 331 9.47 -13.27 -27.88
N VAL A 332 10.63 -12.67 -27.70
CA VAL A 332 11.86 -13.19 -28.30
C VAL A 332 12.98 -13.21 -27.26
N MET A 333 14.09 -13.86 -27.62
CA MET A 333 15.25 -13.96 -26.73
C MET A 333 16.52 -13.72 -27.56
N PRO A 334 17.35 -12.75 -27.17
CA PRO A 334 18.56 -12.56 -27.97
C PRO A 334 19.43 -13.79 -27.79
N THR A 335 20.28 -14.06 -28.77
CA THR A 335 21.14 -15.23 -28.71
C THR A 335 22.57 -14.90 -29.10
N ILE A 336 23.45 -15.87 -28.83
CA ILE A 336 24.84 -15.78 -29.19
C ILE A 336 24.99 -16.72 -30.40
N GLU A 337 25.42 -16.18 -31.53
CA GLU A 337 25.59 -17.01 -32.72
C GLU A 337 27.08 -17.17 -33.01
N ARG A 338 27.56 -18.42 -32.98
CA ARG A 338 28.96 -18.69 -33.26
C ARG A 338 29.12 -18.65 -34.79
N ILE A 339 29.75 -17.60 -35.28
CA ILE A 339 29.95 -17.44 -36.72
C ILE A 339 31.17 -18.21 -37.23
N SER A 340 32.20 -18.31 -36.39
CA SER A 340 33.43 -19.00 -36.77
C SER A 340 34.24 -19.47 -35.57
N ALA A 341 35.09 -20.46 -35.80
CA ALA A 341 35.95 -21.00 -34.75
C ALA A 341 37.42 -20.85 -35.12
N PRO A 343 39.40 -17.96 -36.13
CA PRO A 343 39.30 -17.77 -34.67
C PRO A 343 37.83 -17.75 -34.25
N TYR A 344 37.59 -17.78 -32.94
CA TYR A 344 36.22 -17.75 -32.44
C TYR A 344 35.62 -16.37 -32.70
N GLN A 345 34.46 -16.36 -33.36
CA GLN A 345 33.76 -15.12 -33.66
C GLN A 345 32.28 -15.34 -33.39
N TRP A 346 31.62 -14.36 -32.78
CA TRP A 346 30.20 -14.48 -32.48
C TRP A 346 29.48 -13.17 -32.75
N LYS A 347 28.17 -13.26 -32.93
CA LYS A 347 27.34 -12.08 -33.17
C LYS A 347 26.03 -12.31 -32.44
N VAL A 348 25.22 -11.26 -32.35
CA VAL A 348 23.94 -11.36 -31.68
C VAL A 348 22.85 -11.85 -32.64
N GLY A 349 22.08 -12.84 -32.21
CA GLY A 349 21.00 -13.36 -33.02
C GLY A 349 19.69 -13.18 -32.26
N MET A 350 18.59 -13.66 -32.81
CA MET A 350 17.29 -13.52 -32.14
C MET A 350 16.45 -14.78 -32.32
N ALA A 351 15.90 -15.29 -31.22
CA ALA A 351 15.06 -16.48 -31.28
C ALA A 351 13.66 -16.18 -30.78
N GLN A 352 12.68 -16.86 -31.36
CA GLN A 352 11.30 -16.72 -30.95
C GLN A 352 11.16 -17.58 -29.69
N LEU A 353 10.42 -17.10 -28.69
CA LEU A 353 10.28 -17.85 -27.46
C LEU A 353 9.52 -19.17 -27.64
N SER A 354 8.75 -19.28 -28.72
CA SER A 354 8.02 -20.52 -28.98
C SER A 354 9.03 -21.63 -29.26
N GLN A 355 10.25 -21.24 -29.64
CA GLN A 355 11.32 -22.19 -29.94
C GLN A 355 12.14 -22.51 -28.69
N VAL A 356 12.02 -21.65 -27.69
CA VAL A 356 12.77 -21.83 -26.45
C VAL A 356 11.94 -22.52 -25.37
N ALA A 357 10.68 -22.13 -25.25
CA ALA A 357 9.78 -22.72 -24.27
C ALA A 357 10.01 -24.22 -24.23
N ASN A 358 10.42 -24.72 -23.07
CA ASN A 358 10.71 -26.15 -22.90
C ASN A 358 11.82 -26.50 -23.89
N VAL A 359 12.17 -27.78 -24.00
CA VAL A 359 13.22 -28.20 -24.91
C VAL A 359 14.54 -27.58 -24.44
N GLU A 360 15.41 -28.41 -23.90
CA GLU A 360 16.70 -27.96 -23.38
C GLU A 360 17.87 -28.35 -24.27
N LYS A 361 19.03 -27.77 -23.97
CA LYS A 361 20.24 -28.06 -24.72
C LYS A 361 21.04 -29.12 -23.96
N MET A 362 20.69 -30.38 -24.21
CA MET A 362 21.36 -31.50 -23.56
C MET A 362 22.79 -31.58 -24.09
N MET A 363 23.70 -32.08 -23.25
CA MET A 363 25.09 -32.22 -23.66
C MET A 363 25.18 -33.29 -24.76
N PRO A 364 25.77 -32.94 -25.91
CA PRO A 364 25.91 -33.88 -27.04
C PRO A 364 26.59 -35.18 -26.64
N GLU A 365 26.17 -36.29 -27.24
CA GLU A 365 26.76 -37.59 -26.92
C GLU A 365 28.20 -37.65 -27.42
N ASN A 366 28.48 -36.96 -28.52
CA ASN A 366 29.82 -36.97 -29.08
C ASN A 366 30.75 -35.93 -28.43
N PHE A 367 30.37 -35.46 -27.25
CA PHE A 367 31.17 -34.50 -26.50
C PHE A 367 31.84 -35.23 -25.34
N ILE A 368 31.37 -36.45 -25.07
CA ILE A 368 31.90 -37.28 -23.99
C ILE A 368 32.64 -38.49 -24.57
N THR A 369 33.82 -38.75 -24.06
CA THR A 369 34.65 -39.86 -24.53
C THR A 369 33.95 -41.22 -24.45
N GLU A 370 34.53 -42.20 -25.13
CA GLU A 370 34.02 -43.56 -25.18
C GLU A 370 33.90 -44.19 -23.80
N ASP A 371 34.90 -43.97 -22.95
CA ASP A 371 34.87 -44.53 -21.61
C ASP A 371 33.94 -43.74 -20.70
N GLY A 372 33.44 -42.62 -21.22
CA GLY A 372 32.52 -41.77 -20.47
C GLY A 372 33.10 -40.97 -19.32
N PHE A 373 34.42 -40.84 -19.25
CA PHE A 373 35.05 -40.09 -18.16
C PHE A 373 35.80 -38.83 -18.59
N GLY A 374 35.66 -38.45 -19.85
CA GLY A 374 36.35 -37.25 -20.31
C GLY A 374 35.63 -36.53 -21.42
N ILE A 375 36.16 -35.38 -21.83
CA ILE A 375 35.54 -34.62 -22.92
C ILE A 375 36.32 -34.89 -24.21
N THR A 376 35.61 -34.87 -25.33
CA THR A 376 36.21 -35.13 -26.63
C THR A 376 36.77 -33.85 -27.25
N ASP A 377 37.55 -34.01 -28.32
CA ASP A 377 38.12 -32.85 -29.00
C ASP A 377 37.01 -31.94 -29.53
N LEU A 378 35.86 -32.51 -29.84
CA LEU A 378 34.74 -31.71 -30.34
C LEU A 378 34.26 -30.81 -29.21
N CYS A 379 34.15 -31.39 -28.01
CA CYS A 379 33.72 -30.64 -26.84
C CYS A 379 34.71 -29.51 -26.55
N ARG A 380 36.01 -29.84 -26.56
CA ARG A 380 37.04 -28.84 -26.30
C ARG A 380 36.94 -27.66 -27.27
N GLU A 381 36.65 -27.94 -28.52
CA GLU A 381 36.52 -26.90 -29.54
C GLU A 381 35.36 -25.97 -29.22
N TYR A 382 34.32 -26.51 -28.62
CA TYR A 382 33.15 -25.72 -28.26
C TYR A 382 33.40 -24.91 -26.99
N LEU A 383 33.87 -25.59 -25.95
CA LEU A 383 34.11 -24.98 -24.64
C LEU A 383 35.25 -23.98 -24.53
N ALA A 384 36.42 -24.33 -25.07
CA ALA A 384 37.61 -23.48 -24.98
C ALA A 384 37.43 -21.99 -25.24
N PRO A 385 36.79 -21.61 -26.36
CA PRO A 385 36.60 -20.19 -26.65
C PRO A 385 35.75 -19.45 -25.62
N LEU A 386 34.85 -20.17 -24.98
CA LEU A 386 33.95 -19.58 -24.00
C LEU A 386 34.64 -19.04 -22.74
N ILE A 387 35.79 -19.59 -22.37
CA ILE A 387 36.51 -19.13 -21.17
C ILE A 387 37.67 -18.19 -21.48
N GLU A 388 37.82 -17.83 -22.75
CA GLU A 388 38.92 -16.96 -23.18
C GLU A 388 38.90 -15.55 -22.60
N GLY A 389 40.08 -15.08 -22.18
CA GLY A 389 40.19 -13.73 -21.65
C GLY A 389 39.83 -13.54 -20.19
N GLU A 390 40.49 -12.57 -19.57
CA GLU A 390 40.27 -12.26 -18.17
C GLU A 390 39.76 -10.82 -18.08
N ASP A 391 38.75 -10.63 -17.25
CA ASP A 391 38.15 -9.33 -17.05
C ASP A 391 38.15 -9.16 -15.53
N TYR A 392 39.16 -8.47 -15.01
CA TYR A 392 39.26 -8.31 -13.56
C TYR A 392 38.58 -7.06 -13.03
N PRO A 393 37.83 -7.21 -11.92
CA PRO A 393 37.16 -6.05 -11.34
C PRO A 393 38.23 -5.20 -10.65
N PRO A 394 37.93 -3.92 -10.37
CA PRO A 394 38.93 -3.09 -9.71
C PRO A 394 39.00 -3.51 -8.23
N TYR A 395 40.13 -3.25 -7.59
CA TYR A 395 40.32 -3.62 -6.20
C TYR A 395 40.52 -2.43 -5.26
N LYS A 396 40.17 -2.64 -4.00
CA LYS A 396 40.30 -1.61 -2.97
C LYS A 396 40.59 -2.31 -1.65
N ASP A 397 41.67 -1.92 -0.99
CA ASP A 397 42.06 -2.53 0.28
C ASP A 397 42.17 -4.04 0.19
N GLY A 398 42.72 -4.53 -0.92
CA GLY A 398 42.91 -5.95 -1.10
C GLY A 398 41.73 -6.75 -1.63
N LEU A 399 40.56 -6.12 -1.75
CA LEU A 399 39.38 -6.84 -2.25
C LEU A 399 38.70 -6.20 -3.45
N PRO A 400 37.89 -6.98 -4.19
CA PRO A 400 37.18 -6.47 -5.37
C PRO A 400 36.20 -5.40 -4.88
N ASP A 401 36.27 -4.22 -5.47
CA ASP A 401 35.39 -3.12 -5.09
C ASP A 401 34.00 -3.30 -5.70
N TYR A 402 33.31 -4.37 -5.31
CA TYR A 402 31.97 -4.66 -5.83
C TYR A 402 30.93 -3.61 -5.41
N VAL A 403 29.96 -3.35 -6.28
CA VAL A 403 28.95 -2.35 -5.98
C VAL A 403 27.69 -2.86 -5.30
N ARG A 404 27.10 -1.98 -4.50
CA ARG A 404 25.86 -2.24 -3.80
C ARG A 404 24.99 -1.06 -4.22
N LEU A 405 23.92 -1.33 -4.96
CA LEU A 405 23.03 -0.26 -5.42
C LEU A 405 22.18 0.30 -4.29
N LYS A 406 21.70 1.53 -4.45
CA LYS A 406 20.87 2.14 -3.42
C LYS A 406 19.51 1.46 -3.41
N ASN A 407 19.08 1.03 -4.59
CA ASN A 407 17.79 0.35 -4.75
C ASN A 407 16.67 1.07 -3.99
N VAL A 408 16.42 2.32 -4.36
CA VAL A 408 15.37 3.13 -3.74
C VAL A 408 13.99 2.62 -4.14
N ALA A 409 13.18 2.31 -3.14
CA ALA A 409 11.82 1.79 -3.35
C ALA A 409 10.90 2.79 -4.03
N VAL A 410 9.94 2.27 -4.77
CA VAL A 410 8.94 3.06 -5.49
C VAL A 410 7.67 3.10 -4.63
N PRO A 411 7.09 4.29 -4.43
CA PRO A 411 5.86 4.38 -3.63
C PRO A 411 4.77 3.43 -4.14
N LYS A 412 4.14 2.68 -3.24
CA LYS A 412 3.10 1.74 -3.65
C LYS A 412 1.83 2.45 -4.11
N LYS A 413 1.17 1.89 -5.13
CA LYS A 413 -0.04 2.48 -5.66
C LYS A 413 -1.25 1.57 -5.50
N LEU A 414 -1.00 0.29 -5.31
CA LEU A 414 -2.09 -0.66 -5.16
C LEU A 414 -2.16 -1.22 -3.75
N SER A 415 -3.21 -1.98 -3.48
CA SER A 415 -3.38 -2.60 -2.17
C SER A 415 -2.51 -3.85 -2.15
N GLY A 416 -2.11 -4.27 -0.95
CA GLY A 416 -1.25 -5.43 -0.81
C GLY A 416 -1.68 -6.71 -1.49
N PHE A 417 -0.70 -7.56 -1.81
CA PHE A 417 -0.94 -8.84 -2.45
C PHE A 417 -0.31 -9.95 -1.61
N THR A 418 -1.03 -11.05 -1.44
CA THR A 418 -0.54 -12.17 -0.64
C THR A 418 0.21 -13.20 -1.49
N ALA B 2 -21.43 59.54 10.70
CA ALA B 2 -21.92 58.35 9.94
C ALA B 2 -20.74 57.58 9.34
N ALA B 3 -20.25 58.07 8.21
CA ALA B 3 -19.12 57.45 7.52
C ALA B 3 -19.14 55.93 7.54
N LYS B 4 -20.32 55.34 7.37
CA LYS B 4 -20.45 53.88 7.39
C LYS B 4 -20.49 53.23 6.00
N ASN B 5 -20.55 54.04 4.96
CA ASN B 5 -20.60 53.49 3.61
C ASN B 5 -19.22 53.13 3.10
N ALA B 6 -19.16 52.25 2.10
CA ALA B 6 -17.88 51.82 1.58
C ALA B 6 -17.76 52.10 0.10
N PHE B 7 -16.53 52.24 -0.35
CA PHE B 7 -16.22 52.51 -1.75
C PHE B 7 -15.24 51.46 -2.24
N TYR B 8 -15.54 50.88 -3.39
CA TYR B 8 -14.70 49.87 -4.01
C TYR B 8 -14.38 50.31 -5.42
N ALA B 9 -13.15 50.08 -5.84
CA ALA B 9 -12.75 50.44 -7.19
C ALA B 9 -11.61 49.54 -7.64
N GLN B 10 -11.58 49.26 -8.94
CA GLN B 10 -10.52 48.45 -9.53
C GLN B 10 -9.57 49.41 -10.20
N SER B 11 -8.29 49.04 -10.27
CA SER B 11 -7.28 49.89 -10.88
C SER B 11 -6.32 49.12 -11.77
N GLY B 12 -5.85 49.78 -12.82
CA GLY B 12 -4.91 49.15 -13.74
C GLY B 12 -5.53 48.12 -14.66
N GLY B 13 -4.70 47.32 -15.32
CA GLY B 13 -5.22 46.31 -16.21
C GLY B 13 -6.04 45.29 -15.44
N VAL B 14 -7.10 44.77 -16.06
CA VAL B 14 -7.93 43.79 -15.39
C VAL B 14 -7.38 42.38 -15.49
N THR B 15 -7.98 41.44 -14.76
CA THR B 15 -7.55 40.05 -14.76
C THR B 15 -8.79 39.19 -14.91
N ALA B 16 -8.60 37.88 -14.96
CA ALA B 16 -9.72 36.97 -15.10
C ALA B 16 -10.46 36.79 -13.79
N VAL B 17 -9.80 37.08 -12.68
CA VAL B 17 -10.39 36.87 -11.37
C VAL B 17 -10.54 38.08 -10.46
N ILE B 18 -10.28 39.29 -10.97
CA ILE B 18 -10.40 40.47 -10.13
C ILE B 18 -11.86 40.62 -9.67
N ASN B 19 -12.81 40.15 -10.48
CA ASN B 19 -14.22 40.22 -10.08
C ASN B 19 -14.49 39.26 -8.92
N ALA B 20 -13.62 38.27 -8.72
CA ALA B 20 -13.79 37.33 -7.61
C ALA B 20 -13.41 38.09 -6.33
N SER B 21 -12.40 38.95 -6.44
CA SER B 21 -11.99 39.77 -5.29
C SER B 21 -13.14 40.73 -4.97
N ALA B 22 -13.76 41.28 -6.02
CA ALA B 22 -14.90 42.18 -5.85
C ALA B 22 -16.02 41.47 -5.10
N ALA B 23 -16.32 40.24 -5.53
CA ALA B 23 -17.37 39.45 -4.87
C ALA B 23 -17.00 39.25 -3.39
N GLY B 24 -15.73 38.97 -3.14
CA GLY B 24 -15.28 38.78 -1.77
C GLY B 24 -15.56 40.01 -0.92
N VAL B 25 -15.28 41.18 -1.47
CA VAL B 25 -15.50 42.45 -0.78
C VAL B 25 -17.00 42.71 -0.57
N ILE B 26 -17.75 42.63 -1.65
CA ILE B 26 -19.18 42.90 -1.59
C ILE B 26 -19.97 41.91 -0.75
N GLU B 27 -19.73 40.62 -0.91
CA GLU B 27 -20.47 39.63 -0.12
C GLU B 27 -20.12 39.74 1.37
N ALA B 28 -18.88 40.07 1.69
CA ALA B 28 -18.48 40.22 3.09
C ALA B 28 -19.09 41.50 3.67
N ALA B 29 -19.08 42.58 2.88
CA ALA B 29 -19.63 43.84 3.34
C ALA B 29 -21.14 43.71 3.59
N ARG B 30 -21.83 43.00 2.70
CA ARG B 30 -23.27 42.79 2.85
C ARG B 30 -23.58 42.03 4.12
N LYS B 31 -22.70 41.11 4.51
CA LYS B 31 -22.92 40.34 5.73
C LYS B 31 -22.77 41.24 6.95
N GLN B 32 -22.09 42.37 6.76
CA GLN B 32 -21.89 43.30 7.87
C GLN B 32 -23.17 44.07 8.18
N SER B 33 -23.35 45.23 7.56
CA SER B 33 -24.54 46.05 7.81
C SER B 33 -24.69 46.18 9.32
N GLY B 34 -24.30 47.35 9.83
CA GLY B 34 -24.33 47.62 11.24
C GLY B 34 -22.97 48.26 11.39
N LYS B 35 -22.06 47.78 10.56
CA LYS B 35 -20.70 48.29 10.49
C LYS B 35 -20.60 49.00 9.16
N ILE B 36 -21.13 48.37 8.11
CA ILE B 36 -21.09 48.93 6.77
C ILE B 36 -22.48 49.21 6.19
N GLY B 37 -22.65 50.40 5.64
CA GLY B 37 -23.92 50.78 5.05
C GLY B 37 -23.97 50.42 3.58
N ARG B 38 -24.17 51.41 2.72
CA ARG B 38 -24.22 51.17 1.29
C ARG B 38 -22.82 50.94 0.72
N ILE B 39 -22.75 50.14 -0.33
CA ILE B 39 -21.48 49.80 -0.99
C ILE B 39 -21.44 50.43 -2.37
N TYR B 40 -20.59 51.44 -2.54
CA TYR B 40 -20.47 52.12 -3.82
C TYR B 40 -19.23 51.67 -4.57
N ALA B 41 -19.32 51.68 -5.90
CA ALA B 41 -18.20 51.31 -6.74
C ALA B 41 -17.87 52.48 -7.65
N GLY B 42 -16.59 52.67 -7.96
CA GLY B 42 -16.21 53.74 -8.85
C GLY B 42 -16.33 53.27 -10.28
N ARG B 43 -17.15 53.96 -11.07
CA ARG B 43 -17.31 53.59 -12.47
C ARG B 43 -15.99 53.91 -13.16
N ASN B 44 -15.39 52.89 -13.77
CA ASN B 44 -14.10 53.03 -14.45
C ASN B 44 -12.93 53.29 -13.51
N GLY B 45 -13.04 52.82 -12.28
CA GLY B 45 -11.96 52.99 -11.33
C GLY B 45 -11.97 54.26 -10.51
N ILE B 46 -10.79 54.69 -10.08
CA ILE B 46 -10.65 55.88 -9.26
C ILE B 46 -11.19 57.12 -9.96
N ILE B 47 -11.05 57.17 -11.29
CA ILE B 47 -11.54 58.32 -12.04
C ILE B 47 -13.04 58.48 -11.78
N GLY B 48 -13.72 57.37 -11.50
CA GLY B 48 -15.14 57.45 -11.21
C GLY B 48 -15.39 58.22 -9.94
N ALA B 49 -14.52 58.06 -8.96
CA ALA B 49 -14.67 58.78 -7.69
C ALA B 49 -14.39 60.28 -7.90
N LEU B 50 -13.37 60.57 -8.69
CA LEU B 50 -12.99 61.95 -8.95
C LEU B 50 -14.08 62.76 -9.66
N THR B 51 -14.74 62.15 -10.63
CA THR B 51 -15.80 62.84 -11.37
C THR B 51 -17.18 62.52 -10.80
N GLU B 52 -17.19 62.00 -9.57
CA GLU B 52 -18.42 61.63 -8.88
C GLU B 52 -19.39 60.81 -9.73
N ASP B 53 -18.92 59.67 -10.22
CA ASP B 53 -19.75 58.76 -10.99
C ASP B 53 -19.70 57.43 -10.27
N LEU B 54 -20.48 57.35 -9.20
CA LEU B 54 -20.55 56.17 -8.37
C LEU B 54 -21.64 55.21 -8.80
N ILE B 55 -21.46 53.95 -8.44
CA ILE B 55 -22.40 52.89 -8.78
C ILE B 55 -22.95 52.32 -7.48
N ASP B 56 -24.26 52.11 -7.42
CA ASP B 56 -24.87 51.55 -6.23
C ASP B 56 -24.96 50.03 -6.37
N THR B 57 -23.94 49.33 -5.86
CA THR B 57 -23.91 47.87 -5.98
C THR B 57 -25.03 47.21 -5.19
N GLY B 58 -25.68 47.99 -4.32
CA GLY B 58 -26.78 47.46 -3.53
C GLY B 58 -27.98 47.07 -4.38
N GLN B 59 -28.04 47.60 -5.60
CA GLN B 59 -29.16 47.28 -6.47
C GLN B 59 -28.93 45.98 -7.27
N GLU B 60 -27.76 45.37 -7.09
CA GLU B 60 -27.45 44.11 -7.76
C GLU B 60 -27.95 43.00 -6.85
N SER B 61 -28.52 41.95 -7.43
CA SER B 61 -29.02 40.83 -6.63
C SER B 61 -27.83 40.03 -6.13
N ASP B 62 -28.07 39.19 -5.12
CA ASP B 62 -27.01 38.36 -4.58
C ASP B 62 -26.50 37.40 -5.67
N ALA B 63 -27.43 36.89 -6.50
CA ALA B 63 -27.03 35.98 -7.58
C ALA B 63 -26.08 36.70 -8.54
N ALA B 64 -26.37 37.97 -8.81
CA ALA B 64 -25.51 38.75 -9.70
C ALA B 64 -24.12 38.89 -9.08
N ILE B 65 -24.06 39.25 -7.82
CA ILE B 65 -22.78 39.41 -7.14
C ILE B 65 -22.03 38.08 -7.13
N SER B 66 -22.75 37.01 -6.86
CA SER B 66 -22.17 35.68 -6.83
C SER B 66 -21.56 35.33 -8.20
N ALA B 67 -22.22 35.75 -9.27
CA ALA B 67 -21.76 35.47 -10.62
C ALA B 67 -20.43 36.18 -10.93
N LEU B 68 -20.09 37.19 -10.13
CA LEU B 68 -18.84 37.89 -10.34
C LEU B 68 -17.67 36.94 -10.11
N ARG B 69 -17.90 35.91 -9.30
CA ARG B 69 -16.85 34.95 -9.01
C ARG B 69 -16.41 34.14 -10.23
N TYR B 70 -17.24 34.12 -11.28
CA TYR B 70 -16.87 33.38 -12.48
C TYR B 70 -16.94 34.24 -13.74
N THR B 71 -16.77 35.54 -13.58
CA THR B 71 -16.80 36.49 -14.69
C THR B 71 -15.47 37.23 -14.74
N PRO B 72 -14.85 37.29 -15.95
CA PRO B 72 -13.57 37.95 -16.19
C PRO B 72 -13.65 39.47 -16.31
N SER B 73 -12.48 40.11 -16.27
CA SER B 73 -12.32 41.54 -16.40
C SER B 73 -12.92 42.35 -15.24
N GLY B 74 -13.08 43.65 -15.44
CA GLY B 74 -13.61 44.52 -14.38
C GLY B 74 -15.07 44.86 -14.59
N ALA B 75 -15.95 44.26 -13.79
CA ALA B 75 -17.38 44.49 -13.93
C ALA B 75 -17.83 45.94 -13.73
N PHE B 76 -16.96 46.78 -13.16
CA PHE B 76 -17.27 48.19 -12.92
C PHE B 76 -16.43 49.10 -13.81
N GLY B 77 -15.49 48.50 -14.53
CA GLY B 77 -14.61 49.27 -15.38
C GLY B 77 -13.37 49.63 -14.59
N SER B 78 -12.27 49.86 -15.29
CA SER B 78 -11.03 50.23 -14.60
C SER B 78 -10.32 51.28 -15.44
N CYS B 79 -9.22 51.80 -14.94
CA CYS B 79 -8.45 52.82 -15.66
C CYS B 79 -7.00 52.78 -15.18
N ARG B 80 -6.14 53.52 -15.85
CA ARG B 80 -4.73 53.56 -15.47
C ARG B 80 -4.33 54.93 -14.92
N TYR B 81 -5.30 55.64 -14.37
CA TYR B 81 -5.06 56.95 -13.80
C TYR B 81 -4.36 56.76 -12.47
N LYS B 82 -3.15 57.29 -12.34
CA LYS B 82 -2.39 57.13 -11.11
C LYS B 82 -2.56 58.33 -10.17
N ASN B 89 -1.25 63.98 -6.61
CA ASN B 89 -1.93 65.23 -6.91
C ASN B 89 -2.79 65.67 -5.72
N ARG B 90 -2.32 66.70 -5.01
CA ARG B 90 -3.04 67.24 -3.86
C ARG B 90 -4.49 67.50 -4.23
N ARG B 91 -4.69 68.13 -5.37
CA ARG B 91 -6.01 68.47 -5.88
C ARG B 91 -6.87 67.21 -6.07
N GLU B 92 -6.25 66.13 -6.51
CA GLU B 92 -6.94 64.86 -6.72
C GLU B 92 -7.37 64.25 -5.39
N TYR B 93 -6.43 64.18 -4.45
CA TYR B 93 -6.73 63.60 -3.15
C TYR B 93 -7.78 64.38 -2.39
N GLU B 94 -7.71 65.71 -2.45
CA GLU B 94 -8.70 66.55 -1.76
C GLU B 94 -10.07 66.32 -2.36
N ARG B 95 -10.13 66.17 -3.68
CA ARG B 95 -11.40 65.93 -4.36
C ARG B 95 -11.97 64.58 -3.91
N LEU B 96 -11.13 63.56 -3.84
CA LEU B 96 -11.56 62.25 -3.39
C LEU B 96 -12.22 62.35 -2.02
N ILE B 97 -11.57 63.08 -1.12
CA ILE B 97 -12.10 63.26 0.23
C ILE B 97 -13.46 63.93 0.20
N GLU B 98 -13.62 64.94 -0.66
CA GLU B 98 -14.89 65.66 -0.79
C GLU B 98 -15.99 64.70 -1.23
N VAL B 99 -15.70 63.91 -2.26
CA VAL B 99 -16.67 62.95 -2.78
C VAL B 99 -17.08 61.92 -1.72
N PHE B 100 -16.11 61.35 -1.03
CA PHE B 100 -16.41 60.35 -0.02
C PHE B 100 -17.22 60.95 1.14
N LYS B 101 -16.86 62.16 1.54
CA LYS B 101 -17.55 62.84 2.63
C LYS B 101 -19.01 63.06 2.24
N ALA B 102 -19.23 63.59 1.04
CA ALA B 102 -20.58 63.86 0.56
C ALA B 102 -21.46 62.60 0.56
N HIS B 103 -20.86 61.45 0.33
CA HIS B 103 -21.60 60.19 0.29
C HIS B 103 -21.41 59.32 1.53
N ASP B 104 -20.98 59.94 2.63
CA ASP B 104 -20.77 59.25 3.90
C ASP B 104 -19.91 57.98 3.82
N ILE B 105 -18.89 58.01 2.97
CA ILE B 105 -18.02 56.86 2.81
C ILE B 105 -16.86 56.87 3.81
N GLY B 106 -16.76 55.81 4.60
CA GLY B 106 -15.69 55.71 5.58
C GLY B 106 -14.76 54.51 5.34
N TYR B 107 -14.98 53.82 4.23
CA TYR B 107 -14.17 52.65 3.86
C TYR B 107 -13.76 52.79 2.39
N PHE B 108 -12.48 52.60 2.12
CA PHE B 108 -11.94 52.71 0.77
C PHE B 108 -11.20 51.40 0.46
N PHE B 109 -11.76 50.60 -0.44
CA PHE B 109 -11.15 49.31 -0.84
C PHE B 109 -10.69 49.48 -2.27
N TYR B 110 -9.38 49.56 -2.47
CA TYR B 110 -8.82 49.79 -3.79
C TYR B 110 -8.12 48.51 -4.27
N ASN B 111 -8.67 47.91 -5.32
CA ASN B 111 -8.22 46.65 -5.91
C ASN B 111 -7.28 46.87 -7.11
N GLY B 112 -5.97 46.80 -6.88
CA GLY B 112 -5.02 47.03 -7.95
C GLY B 112 -3.62 46.58 -7.61
N GLY B 113 -2.64 47.06 -8.36
CA GLY B 113 -1.25 46.69 -8.14
C GLY B 113 -0.51 47.53 -7.12
N GLY B 114 0.81 47.57 -7.24
CA GLY B 114 1.64 48.32 -6.31
C GLY B 114 1.32 49.80 -6.15
N ASP B 115 0.99 50.47 -7.25
CA ASP B 115 0.67 51.88 -7.17
C ASP B 115 -0.61 52.16 -6.38
N SER B 116 -1.52 51.20 -6.39
CA SER B 116 -2.78 51.31 -5.68
C SER B 116 -2.53 51.35 -4.17
N ALA B 117 -1.51 50.62 -3.72
CA ALA B 117 -1.17 50.58 -2.31
C ALA B 117 -0.76 51.96 -1.82
N ASP B 118 0.00 52.67 -2.64
CA ASP B 118 0.45 54.00 -2.25
C ASP B 118 -0.76 54.94 -2.20
N THR B 119 -1.71 54.72 -3.09
CA THR B 119 -2.91 55.55 -3.12
C THR B 119 -3.71 55.37 -1.83
N CYS B 120 -3.86 54.12 -1.38
CA CYS B 120 -4.59 53.86 -0.15
C CYS B 120 -3.89 54.55 1.04
N LEU B 121 -2.57 54.45 1.06
CA LEU B 121 -1.79 55.05 2.13
C LEU B 121 -1.98 56.57 2.20
N LYS B 122 -2.05 57.23 1.04
CA LYS B 122 -2.24 58.68 1.04
C LYS B 122 -3.67 59.06 1.42
N VAL B 123 -4.65 58.33 0.89
CA VAL B 123 -6.04 58.61 1.21
C VAL B 123 -6.23 58.50 2.72
N SER B 124 -5.65 57.46 3.31
CA SER B 124 -5.76 57.25 4.74
C SER B 124 -5.20 58.41 5.56
N GLN B 125 -3.97 58.81 5.27
CA GLN B 125 -3.34 59.91 6.00
C GLN B 125 -3.97 61.28 5.76
N LEU B 126 -4.31 61.59 4.50
CA LEU B 126 -4.90 62.89 4.21
C LEU B 126 -6.34 63.02 4.73
N SER B 127 -7.08 61.93 4.76
CA SER B 127 -8.46 61.99 5.25
C SER B 127 -8.45 62.37 6.74
N GLY B 128 -7.53 61.78 7.50
CA GLY B 128 -7.42 62.08 8.91
C GLY B 128 -7.07 63.55 9.10
N THR B 129 -6.16 64.05 8.28
CA THR B 129 -5.73 65.44 8.35
C THR B 129 -6.86 66.43 8.03
N LEU B 130 -7.78 66.04 7.16
CA LEU B 130 -8.87 66.92 6.80
C LEU B 130 -10.12 66.74 7.67
N GLY B 131 -9.96 66.07 8.81
CA GLY B 131 -11.09 65.86 9.71
C GLY B 131 -12.14 64.85 9.28
N TYR B 132 -11.81 63.96 8.36
CA TYR B 132 -12.75 62.95 7.91
C TYR B 132 -11.99 61.64 7.65
N PRO B 133 -11.57 60.96 8.73
CA PRO B 133 -10.82 59.70 8.65
C PRO B 133 -11.50 58.61 7.83
N ILE B 134 -10.74 58.00 6.93
CA ILE B 134 -11.23 56.93 6.09
C ILE B 134 -10.29 55.74 6.23
N GLN B 135 -10.86 54.56 6.40
CA GLN B 135 -10.05 53.35 6.50
C GLN B 135 -9.79 52.89 5.07
N ALA B 136 -8.52 52.86 4.67
CA ALA B 136 -8.18 52.42 3.31
C ALA B 136 -7.44 51.10 3.35
N ILE B 137 -7.96 50.12 2.62
CA ILE B 137 -7.37 48.78 2.57
C ILE B 137 -7.09 48.43 1.10
N HIS B 138 -5.86 48.00 0.82
CA HIS B 138 -5.48 47.61 -0.53
C HIS B 138 -5.80 46.14 -0.82
N VAL B 139 -6.54 45.88 -1.89
CA VAL B 139 -6.88 44.51 -2.29
C VAL B 139 -5.94 44.21 -3.46
N PRO B 140 -4.93 43.35 -3.23
CA PRO B 140 -3.94 42.97 -4.24
C PRO B 140 -4.42 42.37 -5.55
N LYS B 141 -3.82 42.84 -6.64
CA LYS B 141 -4.10 42.38 -8.00
C LYS B 141 -2.90 42.67 -8.91
N THR B 142 -2.55 41.71 -9.75
CA THR B 142 -1.50 41.88 -10.75
C THR B 142 -1.08 40.58 -11.44
N VAL B 143 -1.34 40.52 -12.74
CA VAL B 143 -1.00 39.34 -13.51
C VAL B 143 0.52 39.25 -13.64
N ASP B 144 1.23 40.32 -13.32
CA ASP B 144 2.69 40.32 -13.40
C ASP B 144 3.34 39.72 -12.16
N ASN B 145 2.54 39.49 -11.13
CA ASN B 145 3.00 38.86 -9.89
C ASN B 145 4.16 39.63 -9.25
N ASP B 146 4.13 40.96 -9.30
CA ASP B 146 5.22 41.74 -8.76
C ASP B 146 5.04 42.42 -7.40
N LEU B 147 3.95 42.12 -6.70
CA LEU B 147 3.75 42.71 -5.38
C LEU B 147 4.66 41.97 -4.39
N PRO B 148 5.24 42.68 -3.43
CA PRO B 148 6.11 42.04 -2.44
C PRO B 148 5.31 41.41 -1.30
N ILE B 149 6.02 40.72 -0.42
CA ILE B 149 5.47 40.08 0.77
C ILE B 149 4.48 38.95 0.49
N THR B 150 3.39 39.22 -0.22
CA THR B 150 2.43 38.16 -0.53
C THR B 150 3.17 37.12 -1.38
N ASP B 151 2.90 35.83 -1.15
CA ASP B 151 3.60 34.77 -1.89
C ASP B 151 3.35 34.81 -3.39
N CYS B 152 2.13 35.20 -3.76
CA CYS B 152 1.73 35.33 -5.15
C CYS B 152 0.62 36.37 -5.22
N CYS B 153 0.26 36.81 -6.43
CA CYS B 153 -0.76 37.84 -6.59
C CYS B 153 -1.97 37.37 -7.36
N PRO B 154 -3.18 37.77 -6.92
CA PRO B 154 -4.42 37.38 -7.59
C PRO B 154 -4.40 37.75 -9.06
N GLY B 155 -4.73 36.78 -9.90
CA GLY B 155 -4.75 37.01 -11.33
C GLY B 155 -3.57 36.32 -12.00
N PHE B 156 -2.42 36.26 -11.31
CA PHE B 156 -1.25 35.63 -11.90
C PHE B 156 -1.42 34.14 -12.11
N GLY B 157 -1.90 33.45 -11.07
CA GLY B 157 -2.09 32.01 -11.17
C GLY B 157 -2.92 31.60 -12.38
N SER B 158 -3.94 32.38 -12.70
CA SER B 158 -4.81 32.08 -13.85
C SER B 158 -4.10 32.33 -15.18
N VAL B 159 -3.36 33.42 -15.29
CA VAL B 159 -2.64 33.69 -16.53
C VAL B 159 -1.64 32.55 -16.71
N ALA B 160 -0.92 32.21 -15.65
CA ALA B 160 0.06 31.13 -15.69
C ALA B 160 -0.55 29.81 -16.16
N LYS B 161 -1.76 29.51 -15.67
CA LYS B 161 -2.46 28.28 -16.06
C LYS B 161 -2.78 28.33 -17.56
N TYR B 162 -3.28 29.47 -18.02
CA TYR B 162 -3.63 29.67 -19.43
C TYR B 162 -2.38 29.50 -20.30
N ILE B 163 -1.27 30.08 -19.86
CA ILE B 163 -0.03 30.00 -20.62
C ILE B 163 0.50 28.57 -20.68
N ALA B 164 0.49 27.89 -19.54
CA ALA B 164 0.95 26.51 -19.45
C ALA B 164 0.10 25.60 -20.33
N VAL B 165 -1.21 25.73 -20.22
CA VAL B 165 -2.12 24.91 -21.03
C VAL B 165 -1.94 25.22 -22.52
N SER B 166 -1.89 26.50 -22.86
CA SER B 166 -1.74 26.90 -24.26
C SER B 166 -0.44 26.38 -24.86
N THR B 167 0.64 26.52 -24.10
CA THR B 167 1.95 26.07 -24.53
C THR B 167 1.95 24.57 -24.75
N LEU B 168 1.33 23.84 -23.82
CA LEU B 168 1.23 22.40 -23.94
C LEU B 168 0.45 21.99 -25.20
N GLU B 169 -0.70 22.63 -25.44
CA GLU B 169 -1.51 22.30 -26.62
C GLU B 169 -0.84 22.66 -27.94
N ALA B 170 -0.17 23.80 -27.98
CA ALA B 170 0.53 24.20 -29.19
C ALA B 170 1.69 23.24 -29.44
N SER B 171 2.29 22.76 -28.35
CA SER B 171 3.42 21.84 -28.44
C SER B 171 2.96 20.47 -28.96
N PHE B 172 1.72 20.08 -28.62
CA PHE B 172 1.20 18.81 -29.11
C PHE B 172 0.96 18.95 -30.61
N ASP B 173 0.54 20.14 -31.01
CA ASP B 173 0.25 20.41 -32.40
C ASP B 173 1.52 20.41 -33.27
N VAL B 174 2.49 21.24 -32.91
CA VAL B 174 3.72 21.32 -33.68
C VAL B 174 4.43 19.98 -33.72
N ALA B 175 4.35 19.23 -32.63
CA ALA B 175 4.99 17.92 -32.57
C ALA B 175 4.41 16.97 -33.62
N SER B 176 3.09 17.00 -33.80
CA SER B 176 2.46 16.12 -34.77
C SER B 176 2.74 16.53 -36.21
N MET B 177 3.10 17.80 -36.42
CA MET B 177 3.40 18.30 -37.76
C MET B 177 4.88 18.36 -38.11
N SER B 178 5.72 18.34 -37.09
CA SER B 178 7.17 18.47 -37.24
C SER B 178 7.92 17.53 -38.20
N ALA B 179 7.44 16.32 -38.40
CA ALA B 179 8.11 15.38 -39.30
C ALA B 179 8.42 16.00 -40.65
N THR B 180 7.41 16.54 -41.32
CA THR B 180 7.62 17.12 -42.64
C THR B 180 7.05 18.52 -42.80
N SER B 181 6.75 19.20 -41.70
CA SER B 181 6.22 20.54 -41.81
C SER B 181 6.76 21.45 -40.70
N THR B 182 5.88 22.24 -40.10
CA THR B 182 6.28 23.16 -39.04
C THR B 182 7.14 22.49 -37.97
N LYS B 183 8.28 23.13 -37.66
CA LYS B 183 9.21 22.61 -36.67
C LYS B 183 9.25 23.46 -35.41
N VAL B 184 8.94 24.75 -35.54
CA VAL B 184 8.99 25.65 -34.39
C VAL B 184 7.74 26.48 -34.18
N PHE B 185 7.32 26.60 -32.92
CA PHE B 185 6.16 27.41 -32.59
C PHE B 185 6.60 28.47 -31.57
N VAL B 186 6.32 29.73 -31.90
CA VAL B 186 6.68 30.86 -31.05
C VAL B 186 5.43 31.53 -30.50
N LEU B 187 5.33 31.62 -29.17
CA LEU B 187 4.17 32.25 -28.54
C LEU B 187 4.59 33.48 -27.75
N GLU B 188 4.00 34.62 -28.09
CA GLU B 188 4.30 35.87 -27.40
C GLU B 188 3.35 36.04 -26.23
N VAL B 189 3.89 36.32 -25.03
CA VAL B 189 3.08 36.50 -23.83
C VAL B 189 3.40 37.83 -23.14
N MET B 190 2.57 38.22 -22.17
CA MET B 190 2.76 39.48 -21.45
C MET B 190 3.96 39.40 -20.50
N GLY B 191 4.42 40.56 -20.04
CA GLY B 191 5.56 40.60 -19.14
C GLY B 191 6.57 41.59 -19.66
N ARG B 192 6.30 42.87 -19.46
CA ARG B 192 7.19 43.92 -19.93
C ARG B 192 8.46 44.02 -19.09
N HIS B 193 8.38 43.68 -17.81
CA HIS B 193 9.54 43.76 -16.93
C HIS B 193 9.88 42.49 -16.18
N ALA B 194 8.88 41.66 -15.90
CA ALA B 194 9.12 40.43 -15.17
C ALA B 194 8.80 39.21 -16.02
N GLY B 195 9.52 38.12 -15.79
CA GLY B 195 9.31 36.91 -16.56
C GLY B 195 8.42 35.87 -15.92
N TRP B 196 7.61 36.27 -14.93
CA TRP B 196 6.73 35.33 -14.26
C TRP B 196 5.78 34.66 -15.23
N ILE B 197 5.13 35.44 -16.08
CA ILE B 197 4.19 34.90 -17.05
C ILE B 197 4.88 33.93 -18.00
N ALA B 198 6.02 34.34 -18.56
CA ALA B 198 6.77 33.50 -19.49
C ALA B 198 7.22 32.20 -18.82
N ALA B 199 7.63 32.29 -17.56
CA ALA B 199 8.07 31.12 -16.80
C ALA B 199 7.01 30.04 -16.77
N ALA B 200 5.75 30.45 -16.76
CA ALA B 200 4.64 29.50 -16.71
C ALA B 200 4.66 28.59 -17.93
N GLY B 201 5.21 29.07 -19.04
CA GLY B 201 5.28 28.23 -20.23
C GLY B 201 6.07 26.97 -19.96
N GLY B 202 7.06 27.07 -19.09
CA GLY B 202 7.89 25.92 -18.76
C GLY B 202 7.12 24.78 -18.09
N LEU B 203 5.99 25.10 -17.49
CA LEU B 203 5.18 24.08 -16.83
C LEU B 203 4.58 23.10 -17.84
N ALA B 204 4.60 23.45 -19.12
CA ALA B 204 4.07 22.55 -20.14
C ALA B 204 4.92 21.30 -20.17
N SER B 205 6.17 21.41 -19.72
CA SER B 205 7.08 20.27 -19.70
C SER B 205 7.09 19.63 -18.31
N SER B 206 7.47 18.35 -18.26
CA SER B 206 7.52 17.60 -17.02
C SER B 206 8.51 16.45 -17.15
N PRO B 207 8.88 15.81 -16.02
CA PRO B 207 9.81 14.69 -16.06
C PRO B 207 9.28 13.52 -16.88
N GLU B 208 8.03 13.13 -16.61
CA GLU B 208 7.41 12.02 -17.32
C GLU B 208 7.12 12.36 -18.78
N ARG B 209 7.03 13.65 -19.10
CA ARG B 209 6.75 14.10 -20.46
C ARG B 209 7.51 15.38 -20.76
N GLU B 210 8.78 15.23 -21.15
CA GLU B 210 9.61 16.38 -21.45
C GLU B 210 9.26 17.01 -22.80
N ILE B 211 9.10 18.33 -22.80
CA ILE B 211 8.76 19.06 -24.00
C ILE B 211 9.72 20.23 -24.14
N PRO B 212 10.33 20.38 -25.31
CA PRO B 212 11.28 21.48 -25.49
C PRO B 212 10.57 22.84 -25.47
N VAL B 213 10.87 23.64 -24.46
CA VAL B 213 10.28 24.96 -24.34
C VAL B 213 11.40 25.96 -24.07
N VAL B 214 11.72 26.76 -25.08
CA VAL B 214 12.75 27.78 -24.96
C VAL B 214 12.08 29.10 -24.57
N ILE B 215 12.44 29.60 -23.40
CA ILE B 215 11.85 30.83 -22.87
C ILE B 215 12.76 32.06 -22.94
N LEU B 216 12.22 33.14 -23.48
CA LEU B 216 12.96 34.39 -23.58
C LEU B 216 12.41 35.33 -22.51
N PHE B 217 13.13 35.42 -21.39
CA PHE B 217 12.76 36.25 -20.24
C PHE B 217 13.19 37.72 -20.37
N PRO B 218 12.39 38.65 -19.80
CA PRO B 218 12.71 40.07 -19.85
C PRO B 218 13.99 40.32 -19.06
N GLU B 219 14.24 39.47 -18.07
CA GLU B 219 15.41 39.57 -17.21
C GLU B 219 16.72 39.13 -17.85
N ILE B 220 16.63 38.36 -18.93
CA ILE B 220 17.83 37.86 -19.62
C ILE B 220 18.10 38.66 -20.90
N SER B 221 19.33 39.14 -21.06
CA SER B 221 19.70 39.90 -22.24
C SER B 221 19.66 38.94 -23.44
N PHE B 222 18.88 39.26 -24.45
CA PHE B 222 18.76 38.39 -25.63
C PHE B 222 20.06 38.26 -26.40
N ASP B 223 20.43 37.02 -26.69
CA ASP B 223 21.65 36.71 -27.44
C ASP B 223 21.26 35.75 -28.56
N LYS B 224 21.06 36.29 -29.76
CA LYS B 224 20.64 35.48 -30.90
C LYS B 224 21.46 34.22 -31.15
N GLN B 225 22.78 34.31 -31.01
CA GLN B 225 23.63 33.15 -31.23
C GLN B 225 23.30 32.03 -30.24
N LYS B 226 23.15 32.39 -28.98
CA LYS B 226 22.81 31.42 -27.94
C LYS B 226 21.42 30.83 -28.20
N PHE B 227 20.49 31.70 -28.54
CA PHE B 227 19.11 31.32 -28.82
C PHE B 227 19.01 30.30 -29.96
N LEU B 228 19.54 30.65 -31.13
CA LEU B 228 19.50 29.74 -32.28
C LEU B 228 20.14 28.39 -31.98
N ALA B 229 21.23 28.41 -31.21
CA ALA B 229 21.93 27.18 -30.85
C ALA B 229 21.03 26.32 -29.96
N LYS B 230 20.35 26.97 -29.03
CA LYS B 230 19.44 26.28 -28.10
C LYS B 230 18.28 25.65 -28.89
N VAL B 231 17.66 26.44 -29.76
CA VAL B 231 16.55 25.94 -30.55
C VAL B 231 17.00 24.77 -31.42
N ASP B 232 18.19 24.90 -31.99
CA ASP B 232 18.76 23.87 -32.85
C ASP B 232 18.95 22.56 -32.08
N SER B 233 19.48 22.65 -30.86
CA SER B 233 19.71 21.46 -30.07
C SER B 233 18.38 20.81 -29.70
N CYS B 234 17.36 21.63 -29.46
CA CYS B 234 16.05 21.11 -29.12
C CYS B 234 15.45 20.39 -30.33
N VAL B 235 15.48 21.06 -31.48
CA VAL B 235 14.94 20.46 -32.70
C VAL B 235 15.65 19.16 -33.05
N LYS B 236 16.97 19.13 -32.93
CA LYS B 236 17.72 17.93 -33.24
C LYS B 236 17.36 16.81 -32.27
N LYS B 237 17.11 17.18 -31.03
CA LYS B 237 16.78 16.23 -29.97
C LYS B 237 15.33 15.72 -29.93
N PHE B 238 14.37 16.62 -30.14
CA PHE B 238 12.96 16.26 -30.09
C PHE B 238 12.25 16.28 -31.43
N GLY B 239 12.88 16.93 -32.41
CA GLY B 239 12.27 17.02 -33.74
C GLY B 239 11.47 18.29 -33.92
N TYR B 240 11.31 19.04 -32.83
CA TYR B 240 10.56 20.28 -32.87
C TYR B 240 10.96 21.13 -31.66
N CYS B 241 10.41 22.34 -31.58
CA CYS B 241 10.71 23.23 -30.45
C CYS B 241 9.64 24.32 -30.30
N SER B 242 9.29 24.61 -29.05
CA SER B 242 8.32 25.65 -28.74
C SER B 242 9.08 26.79 -28.06
N VAL B 243 8.71 28.02 -28.40
CA VAL B 243 9.37 29.20 -27.85
C VAL B 243 8.35 30.13 -27.20
N VAL B 244 8.55 30.44 -25.93
CA VAL B 244 7.67 31.35 -25.20
C VAL B 244 8.49 32.62 -25.00
N VAL B 245 8.03 33.73 -25.57
CA VAL B 245 8.76 34.99 -25.44
C VAL B 245 7.94 36.12 -24.80
N SER B 246 8.56 36.79 -23.83
CA SER B 246 7.91 37.91 -23.15
C SER B 246 7.97 39.14 -24.04
N GLU B 247 6.90 39.93 -24.00
CA GLU B 247 6.83 41.14 -24.80
C GLU B 247 7.96 42.11 -24.43
N GLY B 248 8.54 41.93 -23.26
CA GLY B 248 9.59 42.82 -22.80
C GLY B 248 11.04 42.40 -23.02
N VAL B 249 11.28 41.41 -23.85
CA VAL B 249 12.65 40.96 -24.10
C VAL B 249 13.48 42.05 -24.80
N LYS B 250 14.74 42.18 -24.38
CA LYS B 250 15.65 43.17 -24.93
C LYS B 250 17.01 42.57 -25.27
N GLY B 251 17.70 43.18 -26.23
CA GLY B 251 19.01 42.67 -26.61
C GLY B 251 20.14 43.52 -26.04
N ASP B 252 21.36 43.34 -26.52
CA ASP B 252 22.49 44.19 -26.12
C ASP B 252 22.23 45.73 -26.25
N ASP B 253 21.09 46.15 -26.81
CA ASP B 253 20.68 47.56 -26.82
C ASP B 253 19.25 47.81 -26.13
N GLY B 254 18.14 47.71 -26.95
CA GLY B 254 16.67 47.95 -26.69
C GLY B 254 15.56 46.89 -26.90
N LYS B 255 14.31 47.13 -27.26
CA LYS B 255 13.38 45.99 -27.33
C LYS B 255 13.63 45.08 -28.52
N PHE B 256 13.14 43.84 -28.54
CA PHE B 256 13.26 43.15 -29.84
C PHE B 256 11.91 43.31 -30.68
N GLY B 272 4.42 43.01 -35.76
CA GLY B 272 4.52 44.19 -34.92
C GLY B 272 4.69 43.68 -33.54
N GLY B 273 5.12 42.48 -33.42
CA GLY B 273 5.22 42.13 -32.04
C GLY B 273 6.52 41.52 -32.07
N VAL B 274 6.87 40.88 -30.96
CA VAL B 274 8.12 40.18 -30.82
C VAL B 274 8.00 38.76 -31.33
N ALA B 275 6.77 38.23 -31.41
CA ALA B 275 6.67 36.87 -31.94
C ALA B 275 7.13 36.78 -33.41
N PRO B 276 6.70 37.68 -34.28
CA PRO B 276 7.12 37.63 -35.70
C PRO B 276 8.64 37.76 -35.83
N VAL B 277 9.22 38.61 -34.98
CA VAL B 277 10.66 38.86 -34.98
C VAL B 277 11.46 37.59 -34.65
N VAL B 278 11.08 36.92 -33.57
CA VAL B 278 11.76 35.69 -33.19
C VAL B 278 11.57 34.62 -34.25
N ALA B 279 10.36 34.53 -34.80
CA ALA B 279 10.06 33.55 -35.84
C ALA B 279 11.01 33.72 -37.02
N SER B 280 11.14 34.95 -37.49
CA SER B 280 12.02 35.26 -38.61
C SER B 280 13.45 34.84 -38.35
N MET B 281 13.94 35.13 -37.16
CA MET B 281 15.30 34.77 -36.77
C MET B 281 15.52 33.27 -36.93
N VAL B 282 14.50 32.48 -36.60
CA VAL B 282 14.59 31.04 -36.69
C VAL B 282 14.67 30.57 -38.15
N LYS B 283 13.83 31.13 -39.00
CA LYS B 283 13.85 30.76 -40.41
C LYS B 283 15.19 31.16 -41.01
N GLU B 284 15.53 32.45 -40.84
CA GLU B 284 16.78 33.02 -41.35
C GLU B 284 18.04 32.33 -40.84
N GLY B 285 18.09 32.05 -39.54
CA GLY B 285 19.27 31.42 -38.98
C GLY B 285 19.32 29.91 -38.96
N LEU B 286 18.18 29.25 -39.13
CA LEU B 286 18.18 27.78 -39.09
C LEU B 286 17.41 27.11 -40.22
N GLY B 287 16.70 27.91 -41.01
CA GLY B 287 15.93 27.35 -42.12
C GLY B 287 14.79 26.43 -41.70
N LEU B 288 14.22 26.67 -40.54
CA LEU B 288 13.11 25.85 -40.05
C LEU B 288 11.77 26.54 -40.25
N LYS B 289 10.79 25.77 -40.71
CA LYS B 289 9.44 26.30 -40.93
C LYS B 289 8.86 26.64 -39.56
N TYR B 290 8.11 27.73 -39.48
CA TYR B 290 7.55 28.15 -38.20
C TYR B 290 6.09 28.55 -38.21
N HIS B 291 5.59 28.82 -37.01
CA HIS B 291 4.23 29.28 -36.78
C HIS B 291 4.35 30.12 -35.52
N TRP B 292 3.60 31.21 -35.44
CA TRP B 292 3.67 32.04 -34.24
C TRP B 292 2.31 32.61 -33.92
N GLY B 293 2.11 32.93 -32.64
CA GLY B 293 0.86 33.50 -32.19
C GLY B 293 1.11 34.55 -31.12
N VAL B 294 0.09 35.33 -30.81
CA VAL B 294 0.18 36.37 -29.80
C VAL B 294 -1.11 36.33 -28.99
N ALA B 295 -0.99 35.94 -27.73
CA ALA B 295 -2.17 35.82 -26.88
C ALA B 295 -2.82 37.15 -26.50
N ASP B 296 -2.01 38.14 -26.17
CA ASP B 296 -2.51 39.45 -25.76
C ASP B 296 -3.60 39.31 -24.69
N TYR B 297 -4.70 40.06 -24.84
CA TYR B 297 -5.79 40.03 -23.86
C TYR B 297 -6.33 38.64 -23.52
N LEU B 298 -6.29 37.71 -24.47
CA LEU B 298 -6.82 36.37 -24.22
C LEU B 298 -6.21 35.75 -22.97
N GLN B 299 -4.93 36.04 -22.71
CA GLN B 299 -4.27 35.44 -21.56
C GLN B 299 -4.72 35.99 -20.20
N ARG B 300 -5.22 37.22 -20.15
CA ARG B 300 -5.66 37.79 -18.87
C ARG B 300 -7.17 37.86 -18.72
N ALA B 301 -7.90 37.30 -19.69
CA ALA B 301 -9.36 37.30 -19.61
C ALA B 301 -9.89 35.87 -19.71
N ALA B 302 -8.96 34.91 -19.67
CA ALA B 302 -9.30 33.50 -19.80
C ALA B 302 -9.97 32.85 -18.60
N ARG B 303 -11.10 33.39 -18.18
CA ARG B 303 -11.80 32.82 -17.02
C ARG B 303 -12.29 31.42 -17.30
N HIS B 304 -12.46 31.07 -18.58
CA HIS B 304 -12.94 29.72 -18.91
C HIS B 304 -11.92 28.67 -18.51
N ILE B 305 -10.68 29.07 -18.26
CA ILE B 305 -9.65 28.13 -17.83
C ILE B 305 -8.81 28.71 -16.69
N ALA B 306 -9.48 29.34 -15.73
CA ALA B 306 -8.80 29.95 -14.59
C ALA B 306 -8.29 28.91 -13.59
N SER B 307 -7.31 29.31 -12.80
CA SER B 307 -6.76 28.44 -11.78
C SER B 307 -7.71 28.49 -10.58
N LYS B 308 -8.16 27.33 -10.13
CA LYS B 308 -9.07 27.25 -9.00
C LYS B 308 -8.41 27.87 -7.78
N THR B 309 -7.12 27.61 -7.62
CA THR B 309 -6.35 28.15 -6.50
C THR B 309 -6.31 29.67 -6.56
N ASP B 310 -6.12 30.21 -7.76
CA ASP B 310 -6.08 31.66 -7.95
C ASP B 310 -7.44 32.27 -7.63
N VAL B 311 -8.51 31.62 -8.06
CA VAL B 311 -9.86 32.14 -7.80
C VAL B 311 -10.13 32.22 -6.31
N GLU B 312 -9.88 31.14 -5.57
CA GLU B 312 -10.10 31.12 -4.13
C GLU B 312 -9.28 32.19 -3.43
N GLN B 313 -8.03 32.36 -3.85
CA GLN B 313 -7.16 33.36 -3.25
C GLN B 313 -7.65 34.78 -3.56
N ALA B 314 -8.10 34.99 -4.80
CA ALA B 314 -8.60 36.30 -5.20
C ALA B 314 -9.83 36.65 -4.35
N TYR B 315 -10.70 35.68 -4.15
CA TYR B 315 -11.90 35.91 -3.35
C TYR B 315 -11.51 36.16 -1.89
N ALA B 316 -10.61 35.33 -1.37
CA ALA B 316 -10.14 35.46 0.01
C ALA B 316 -9.52 36.84 0.30
N MET B 317 -8.82 37.41 -0.68
CA MET B 317 -8.21 38.72 -0.46
C MET B 317 -9.29 39.80 -0.30
N GLY B 318 -10.35 39.71 -1.10
CA GLY B 318 -11.43 40.68 -1.03
C GLY B 318 -12.18 40.57 0.30
N GLN B 319 -12.50 39.34 0.70
CA GLN B 319 -13.19 39.06 1.95
C GLN B 319 -12.36 39.50 3.16
N ALA B 320 -11.05 39.23 3.11
CA ALA B 320 -10.16 39.58 4.21
C ALA B 320 -10.03 41.09 4.38
N ALA B 321 -10.06 41.82 3.27
CA ALA B 321 -9.94 43.28 3.32
C ALA B 321 -11.09 43.88 4.14
N VAL B 322 -12.28 43.34 3.96
CA VAL B 322 -13.45 43.83 4.69
C VAL B 322 -13.35 43.40 6.15
N GLU B 323 -12.99 42.15 6.40
CA GLU B 323 -12.85 41.66 7.77
C GLU B 323 -11.81 42.50 8.53
N PHE B 324 -10.67 42.79 7.91
CA PHE B 324 -9.64 43.59 8.56
C PHE B 324 -10.17 45.00 8.89
N ALA B 325 -10.90 45.60 7.96
CA ALA B 325 -11.44 46.94 8.20
C ALA B 325 -12.43 46.92 9.37
N VAL B 326 -13.30 45.92 9.41
CA VAL B 326 -14.28 45.81 10.49
C VAL B 326 -13.61 45.59 11.84
N GLN B 327 -12.48 44.88 11.83
CA GLN B 327 -11.71 44.62 13.05
C GLN B 327 -11.02 45.90 13.53
N GLY B 328 -10.96 46.90 12.67
CA GLY B 328 -10.33 48.16 13.03
C GLY B 328 -8.97 48.45 12.45
N HIS B 329 -8.52 47.65 11.48
CA HIS B 329 -7.21 47.91 10.89
C HIS B 329 -7.29 48.96 9.81
N ASN B 330 -6.14 49.52 9.44
CA ASN B 330 -6.09 50.56 8.42
C ASN B 330 -4.73 50.55 7.72
N SER B 331 -4.71 51.00 6.47
CA SER B 331 -3.48 51.05 5.70
C SER B 331 -2.76 49.72 5.69
N VAL B 332 -3.49 48.66 5.34
CA VAL B 332 -2.92 47.32 5.24
C VAL B 332 -3.35 46.67 3.93
N MET B 333 -2.70 45.57 3.59
CA MET B 333 -2.99 44.79 2.39
C MET B 333 -3.00 43.33 2.83
N PRO B 334 -4.09 42.60 2.55
CA PRO B 334 -4.12 41.19 2.95
C PRO B 334 -3.10 40.49 2.05
N THR B 335 -2.56 39.37 2.50
CA THR B 335 -1.56 38.65 1.72
C THR B 335 -1.85 37.16 1.66
N ILE B 336 -1.12 36.48 0.79
CA ILE B 336 -1.25 35.03 0.70
C ILE B 336 0.07 34.51 1.27
N GLU B 337 -0.02 33.73 2.34
CA GLU B 337 1.20 33.18 2.93
C GLU B 337 1.26 31.68 2.66
N ARG B 338 2.35 31.23 2.06
CA ARG B 338 2.55 29.82 1.78
C ARG B 338 3.05 29.23 3.09
N ILE B 339 2.28 28.31 3.67
CA ILE B 339 2.63 27.70 4.94
C ILE B 339 3.33 26.36 4.79
N SER B 340 3.15 25.72 3.65
CA SER B 340 3.75 24.42 3.39
C SER B 340 3.77 24.15 1.90
N ALA B 341 4.56 23.16 1.48
CA ALA B 341 4.66 22.79 0.06
C ALA B 341 4.59 21.27 -0.09
N PRO B 343 2.05 18.93 1.19
CA PRO B 343 1.28 19.50 0.07
C PRO B 343 1.18 21.01 0.22
N TYR B 344 0.89 21.70 -0.88
CA TYR B 344 0.77 23.15 -0.87
C TYR B 344 -0.38 23.60 0.03
N GLN B 345 -0.09 24.52 0.94
CA GLN B 345 -1.11 25.06 1.85
C GLN B 345 -0.83 26.56 2.02
N TRP B 346 -1.89 27.36 2.05
CA TRP B 346 -1.75 28.80 2.20
C TRP B 346 -2.80 29.33 3.15
N LYS B 347 -2.54 30.52 3.69
CA LYS B 347 -3.47 31.17 4.60
C LYS B 347 -3.42 32.65 4.32
N VAL B 348 -4.35 33.40 4.90
CA VAL B 348 -4.40 34.86 4.70
C VAL B 348 -3.48 35.57 5.68
N GLY B 349 -2.76 36.57 5.18
CA GLY B 349 -1.85 37.34 6.00
C GLY B 349 -2.20 38.82 6.03
N MET B 350 -1.34 39.61 6.67
CA MET B 350 -1.56 41.05 6.76
C MET B 350 -0.24 41.81 6.74
N ALA B 351 -0.12 42.76 5.84
CA ALA B 351 1.08 43.57 5.71
C ALA B 351 0.75 45.06 5.67
N GLN B 352 1.59 45.87 6.31
CA GLN B 352 1.38 47.32 6.35
C GLN B 352 1.68 47.87 4.96
N LEU B 353 0.92 48.87 4.53
CA LEU B 353 1.16 49.44 3.21
C LEU B 353 2.57 50.04 3.15
N SER B 354 3.09 50.50 4.28
CA SER B 354 4.43 51.09 4.29
C SER B 354 5.50 50.02 3.99
N GLN B 355 5.18 48.75 4.21
CA GLN B 355 6.14 47.65 3.98
C GLN B 355 6.08 47.16 2.54
N VAL B 356 5.05 47.61 1.84
CA VAL B 356 4.85 47.23 0.45
C VAL B 356 5.25 48.36 -0.49
N ALA B 357 4.83 49.57 -0.17
CA ALA B 357 5.15 50.74 -0.98
C ALA B 357 6.29 50.44 -1.95
N ASN B 358 7.50 50.85 -1.57
CA ASN B 358 8.68 50.63 -2.40
C ASN B 358 9.24 49.21 -2.23
N VAL B 359 9.39 48.51 -3.36
CA VAL B 359 9.90 47.14 -3.34
C VAL B 359 9.03 46.27 -4.22
N GLU B 360 9.62 45.23 -4.82
CA GLU B 360 8.85 44.40 -5.73
C GLU B 360 9.25 42.94 -5.68
N LYS B 361 8.39 42.10 -6.21
CA LYS B 361 8.67 40.67 -6.25
C LYS B 361 9.45 40.45 -7.55
N MET B 362 10.76 40.62 -7.49
CA MET B 362 11.58 40.38 -8.68
C MET B 362 11.74 38.87 -8.80
N MET B 363 11.72 38.38 -10.03
CA MET B 363 11.88 36.95 -10.28
C MET B 363 13.29 36.54 -9.84
N PRO B 364 13.39 35.61 -8.87
CA PRO B 364 14.68 35.13 -8.36
C PRO B 364 15.61 34.62 -9.46
N GLU B 365 16.90 34.91 -9.32
CA GLU B 365 17.86 34.48 -10.32
C GLU B 365 17.93 32.97 -10.42
N ASN B 366 17.79 32.27 -9.30
CA ASN B 366 17.86 30.82 -9.30
C ASN B 366 16.59 30.13 -9.81
N PHE B 367 15.66 30.90 -10.38
CA PHE B 367 14.42 30.35 -10.92
C PHE B 367 14.67 30.08 -12.40
N ILE B 368 15.75 30.66 -12.93
CA ILE B 368 16.10 30.51 -14.33
C ILE B 368 17.35 29.65 -14.50
N THR B 369 17.31 28.74 -15.47
CA THR B 369 18.43 27.83 -15.74
C THR B 369 19.73 28.53 -16.11
N GLU B 370 20.81 27.77 -16.08
CA GLU B 370 22.13 28.28 -16.41
C GLU B 370 22.18 28.94 -17.78
N ASP B 371 21.66 28.28 -18.81
CA ASP B 371 21.69 28.86 -20.14
C ASP B 371 20.68 29.99 -20.32
N GLY B 372 19.94 30.28 -19.25
CA GLY B 372 18.95 31.35 -19.26
C GLY B 372 17.72 31.14 -20.14
N PHE B 373 17.52 29.91 -20.62
CA PHE B 373 16.37 29.62 -21.50
C PHE B 373 15.26 28.76 -20.89
N GLY B 374 15.36 28.46 -19.60
CA GLY B 374 14.32 27.66 -18.97
C GLY B 374 14.15 27.95 -17.48
N ILE B 375 13.24 27.22 -16.86
CA ILE B 375 12.97 27.38 -15.43
C ILE B 375 13.61 26.21 -14.69
N THR B 376 14.05 26.46 -13.46
CA THR B 376 14.70 25.45 -12.63
C THR B 376 13.66 24.69 -11.80
N ASP B 377 14.11 23.65 -11.10
CA ASP B 377 13.20 22.88 -10.27
C ASP B 377 12.65 23.77 -9.17
N LEU B 378 13.47 24.70 -8.68
CA LEU B 378 13.02 25.62 -7.65
C LEU B 378 11.86 26.47 -8.15
N CYS B 379 11.94 26.89 -9.41
CA CYS B 379 10.89 27.69 -10.00
C CYS B 379 9.60 26.85 -10.11
N ARG B 380 9.72 25.60 -10.54
CA ARG B 380 8.55 24.73 -10.66
C ARG B 380 7.85 24.53 -9.31
N GLU B 381 8.64 24.41 -8.24
CA GLU B 381 8.09 24.23 -6.90
C GLU B 381 7.22 25.42 -6.51
N TYR B 382 7.64 26.60 -6.93
CA TYR B 382 6.90 27.83 -6.64
C TYR B 382 5.64 27.96 -7.48
N LEU B 383 5.79 27.78 -8.80
CA LEU B 383 4.69 27.95 -9.75
C LEU B 383 3.60 26.88 -9.82
N ALA B 384 3.98 25.60 -9.86
CA ALA B 384 3.00 24.51 -10.00
C ALA B 384 1.75 24.58 -9.13
N PRO B 385 1.91 24.79 -7.81
CA PRO B 385 0.74 24.86 -6.93
C PRO B 385 -0.22 25.99 -7.28
N LEU B 386 0.31 27.06 -7.87
CA LEU B 386 -0.51 28.22 -8.20
C LEU B 386 -1.52 27.99 -9.32
N ILE B 387 -1.23 27.03 -10.21
CA ILE B 387 -2.17 26.78 -11.32
C ILE B 387 -3.05 25.55 -11.05
N GLU B 388 -2.92 24.96 -9.86
CA GLU B 388 -3.65 23.76 -9.48
C GLU B 388 -5.17 23.90 -9.39
N GLY B 389 -5.87 22.93 -9.99
CA GLY B 389 -7.32 22.93 -9.95
C GLY B 389 -8.02 23.75 -11.02
N GLU B 390 -9.20 23.29 -11.40
CA GLU B 390 -9.98 23.98 -12.41
C GLU B 390 -11.28 24.49 -11.78
N ASP B 391 -11.67 25.71 -12.13
CA ASP B 391 -12.89 26.31 -11.62
C ASP B 391 -13.58 26.85 -12.86
N TYR B 392 -14.47 26.05 -13.44
CA TYR B 392 -15.17 26.45 -14.66
C TYR B 392 -16.46 27.23 -14.45
N PRO B 393 -16.70 28.25 -15.26
CA PRO B 393 -17.94 29.00 -15.11
C PRO B 393 -19.09 28.16 -15.68
N PRO B 394 -20.34 28.50 -15.32
CA PRO B 394 -21.47 27.72 -15.86
C PRO B 394 -21.65 28.15 -17.31
N TYR B 395 -22.25 27.30 -18.13
CA TYR B 395 -22.45 27.60 -19.55
C TYR B 395 -23.91 27.67 -19.96
N LYS B 396 -24.17 28.49 -20.99
CA LYS B 396 -25.50 28.66 -21.54
C LYS B 396 -25.34 28.85 -23.05
N ASP B 397 -25.97 27.98 -23.84
CA ASP B 397 -25.88 28.04 -25.29
C ASP B 397 -24.44 27.98 -25.84
N GLY B 398 -23.64 27.09 -25.26
CA GLY B 398 -22.27 26.92 -25.72
C GLY B 398 -21.24 27.91 -25.22
N LEU B 399 -21.67 28.93 -24.48
CA LEU B 399 -20.73 29.94 -23.97
C LEU B 399 -20.83 30.16 -22.46
N PRO B 400 -19.76 30.70 -21.84
CA PRO B 400 -19.78 30.95 -20.39
C PRO B 400 -20.85 32.00 -20.10
N ASP B 401 -21.68 31.73 -19.11
CA ASP B 401 -22.74 32.66 -18.75
C ASP B 401 -22.22 33.80 -17.88
N TYR B 402 -21.31 34.60 -18.43
CA TYR B 402 -20.72 35.70 -17.68
C TYR B 402 -21.76 36.79 -17.36
N VAL B 403 -21.64 37.38 -16.17
CA VAL B 403 -22.59 38.39 -15.75
C VAL B 403 -22.22 39.81 -16.15
N ARG B 404 -23.25 40.62 -16.38
CA ARG B 404 -23.10 42.03 -16.72
C ARG B 404 -23.94 42.73 -15.65
N LEU B 405 -23.31 43.58 -14.85
CA LEU B 405 -24.02 44.28 -13.79
C LEU B 405 -24.86 45.46 -14.28
N LYS B 406 -25.95 45.74 -13.58
CA LYS B 406 -26.81 46.86 -13.95
C LYS B 406 -26.03 48.15 -13.76
N ASN B 407 -25.16 48.18 -12.77
CA ASN B 407 -24.35 49.35 -12.43
C ASN B 407 -25.16 50.66 -12.44
N VAL B 408 -26.19 50.71 -11.59
CA VAL B 408 -27.03 51.91 -11.50
C VAL B 408 -26.23 53.08 -10.93
N ALA B 409 -26.34 54.24 -11.57
CA ALA B 409 -25.62 55.43 -11.13
C ALA B 409 -26.21 56.07 -9.87
N VAL B 410 -25.35 56.73 -9.11
CA VAL B 410 -25.75 57.41 -7.88
C VAL B 410 -25.90 58.90 -8.21
N PRO B 411 -26.99 59.54 -7.72
CA PRO B 411 -27.18 60.96 -8.00
C PRO B 411 -25.98 61.79 -7.53
N LYS B 412 -25.56 62.75 -8.34
CA LYS B 412 -24.42 63.61 -8.00
C LYS B 412 -24.84 64.62 -6.94
N LYS B 413 -23.90 64.98 -6.07
CA LYS B 413 -24.19 65.93 -5.01
C LYS B 413 -23.19 67.09 -5.01
N LEU B 414 -22.12 66.95 -5.79
CA LEU B 414 -21.09 67.97 -5.87
C LEU B 414 -20.91 68.58 -7.26
N SER B 415 -20.16 69.68 -7.33
CA SER B 415 -19.87 70.35 -8.58
C SER B 415 -18.87 69.50 -9.36
N GLY B 416 -18.89 69.64 -10.68
CA GLY B 416 -17.98 68.88 -11.53
C GLY B 416 -16.51 69.07 -11.24
N PHE B 417 -15.71 68.11 -11.67
CA PHE B 417 -14.25 68.14 -11.48
C PHE B 417 -13.57 67.80 -12.81
N THR B 418 -12.48 68.50 -13.11
CA THR B 418 -11.76 68.26 -14.37
C THR B 418 -10.46 67.50 -14.12
N ALA C 2 -7.15 19.59 4.68
CA ALA C 2 -7.56 18.42 3.87
C ALA C 2 -7.94 17.24 4.78
N ALA C 3 -7.96 17.50 6.08
CA ALA C 3 -8.30 16.49 7.08
C ALA C 3 -7.42 15.26 6.93
N LYS C 4 -6.11 15.47 6.86
CA LYS C 4 -5.15 14.39 6.70
C LYS C 4 -4.18 14.29 7.89
N ASN C 5 -4.32 15.17 8.87
CA ASN C 5 -3.43 15.14 10.02
C ASN C 5 -3.86 14.14 11.09
N ALA C 6 -2.91 13.71 11.92
CA ALA C 6 -3.22 12.75 12.96
C ALA C 6 -2.98 13.31 14.34
N PHE C 7 -3.77 12.83 15.30
CA PHE C 7 -3.64 13.23 16.69
C PHE C 7 -3.39 11.98 17.52
N TYR C 8 -2.30 12.00 18.28
CA TYR C 8 -1.93 10.88 19.16
C TYR C 8 -1.86 11.40 20.58
N ALA C 9 -2.40 10.64 21.53
CA ALA C 9 -2.38 11.03 22.93
C ALA C 9 -2.24 9.80 23.80
N GLN C 10 -1.57 9.95 24.93
CA GLN C 10 -1.38 8.86 25.88
C GLN C 10 -2.36 9.14 27.00
N SER C 11 -2.98 8.09 27.54
CA SER C 11 -3.96 8.27 28.60
C SER C 11 -3.84 7.25 29.74
N GLY C 12 -4.20 7.68 30.94
CA GLY C 12 -4.14 6.82 32.11
C GLY C 12 -2.75 6.62 32.69
N GLY C 13 -2.62 5.63 33.56
CA GLY C 13 -1.31 5.34 34.14
C GLY C 13 -0.36 4.89 33.05
N VAL C 14 0.86 5.41 33.08
CA VAL C 14 1.85 5.06 32.07
C VAL C 14 2.53 3.72 32.35
N THR C 15 3.26 3.20 31.37
CA THR C 15 3.96 1.93 31.51
C THR C 15 5.40 2.12 31.06
N ALA C 16 6.15 1.03 31.03
CA ALA C 16 7.56 1.10 30.62
C ALA C 16 7.72 1.09 29.10
N VAL C 17 6.68 0.68 28.38
CA VAL C 17 6.75 0.57 26.93
C VAL C 17 5.71 1.35 26.14
N ILE C 18 4.93 2.19 26.80
CA ILE C 18 3.93 2.95 26.05
C ILE C 18 4.61 3.83 24.99
N ASN C 19 5.84 4.26 25.26
CA ASN C 19 6.55 5.07 24.27
C ASN C 19 6.96 4.21 23.08
N ALA C 20 6.98 2.89 23.29
CA ALA C 20 7.34 1.98 22.20
C ALA C 20 6.16 2.01 21.22
N SER C 21 4.95 2.12 21.77
CA SER C 21 3.74 2.20 20.96
C SER C 21 3.74 3.55 20.24
N ALA C 22 4.10 4.61 20.96
CA ALA C 22 4.15 5.95 20.37
C ALA C 22 5.08 5.90 19.14
N ALA C 23 6.25 5.29 19.31
CA ALA C 23 7.20 5.15 18.22
C ALA C 23 6.60 4.38 17.05
N GLY C 24 5.88 3.30 17.35
CA GLY C 24 5.25 2.52 16.29
C GLY C 24 4.28 3.38 15.49
N VAL C 25 3.50 4.21 16.18
CA VAL C 25 2.54 5.10 15.52
C VAL C 25 3.27 6.15 14.67
N ILE C 26 4.21 6.84 15.30
CA ILE C 26 4.95 7.90 14.63
C ILE C 26 5.80 7.43 13.44
N GLU C 27 6.57 6.37 13.61
CA GLU C 27 7.39 5.88 12.50
C GLU C 27 6.50 5.31 11.38
N ALA C 28 5.40 4.66 11.75
CA ALA C 28 4.49 4.12 10.75
C ALA C 28 3.82 5.28 10.00
N ALA C 29 3.34 6.28 10.76
CA ALA C 29 2.66 7.44 10.18
C ALA C 29 3.57 8.21 9.23
N ARG C 30 4.86 8.29 9.54
CA ARG C 30 5.84 8.99 8.71
C ARG C 30 6.07 8.31 7.36
N LYS C 31 5.97 6.98 7.33
CA LYS C 31 6.16 6.25 6.09
C LYS C 31 4.91 6.36 5.22
N GLN C 32 3.89 7.00 5.76
CA GLN C 32 2.66 7.16 5.01
C GLN C 32 2.76 8.42 4.15
N SER C 33 2.17 9.53 4.59
CA SER C 33 2.22 10.76 3.80
C SER C 33 1.52 10.50 2.47
N GLY C 34 0.44 11.25 2.23
CA GLY C 34 -0.35 11.06 1.04
C GLY C 34 -1.67 10.62 1.64
N LYS C 35 -1.55 9.98 2.80
CA LYS C 35 -2.68 9.50 3.58
C LYS C 35 -2.65 10.32 4.87
N ILE C 36 -1.46 10.44 5.47
CA ILE C 36 -1.29 11.21 6.70
C ILE C 36 -0.34 12.38 6.50
N GLY C 37 -0.80 13.58 6.88
CA GLY C 37 0.02 14.77 6.71
C GLY C 37 1.01 15.02 7.83
N ARG C 38 0.53 15.53 8.96
CA ARG C 38 1.38 15.81 10.11
C ARG C 38 0.88 15.03 11.31
N ILE C 39 1.80 14.61 12.17
CA ILE C 39 1.46 13.84 13.36
C ILE C 39 1.59 14.69 14.63
N TYR C 40 0.46 15.11 15.18
CA TYR C 40 0.46 15.90 16.39
C TYR C 40 0.18 15.03 17.60
N ALA C 41 0.80 15.36 18.73
CA ALA C 41 0.57 14.63 19.95
C ALA C 41 -0.03 15.63 20.91
N GLY C 42 -0.90 15.17 21.80
CA GLY C 42 -1.50 16.09 22.75
C GLY C 42 -0.62 16.12 23.98
N ARG C 43 -0.24 17.31 24.43
CA ARG C 43 0.60 17.42 25.62
C ARG C 43 -0.29 17.10 26.82
N ASN C 44 0.07 16.05 27.55
CA ASN C 44 -0.70 15.63 28.71
C ASN C 44 -2.03 14.97 28.30
N GLY C 45 -1.99 14.23 27.19
CA GLY C 45 -3.18 13.52 26.73
C GLY C 45 -4.30 14.31 26.08
N ILE C 46 -5.53 13.83 26.29
CA ILE C 46 -6.72 14.47 25.73
C ILE C 46 -6.81 15.92 26.19
N ILE C 47 -6.29 16.20 27.39
CA ILE C 47 -6.28 17.54 27.93
C ILE C 47 -5.62 18.49 26.93
N GLY C 48 -4.57 17.99 26.28
CA GLY C 48 -3.85 18.78 25.30
C GLY C 48 -4.71 19.16 24.12
N ALA C 49 -5.63 18.28 23.74
CA ALA C 49 -6.52 18.58 22.63
C ALA C 49 -7.49 19.67 23.04
N LEU C 50 -7.99 19.58 24.28
CA LEU C 50 -8.94 20.56 24.82
C LEU C 50 -8.38 21.97 25.00
N THR C 51 -7.14 22.09 25.49
CA THR C 51 -6.52 23.39 25.71
C THR C 51 -5.67 23.80 24.51
N GLU C 52 -5.80 23.06 23.43
CA GLU C 52 -5.05 23.31 22.21
C GLU C 52 -3.54 23.41 22.47
N ASP C 53 -3.02 22.46 23.23
CA ASP C 53 -1.59 22.41 23.52
C ASP C 53 -1.13 21.15 22.82
N LEU C 54 -0.82 21.33 21.54
CA LEU C 54 -0.38 20.24 20.68
C LEU C 54 1.12 20.27 20.43
N ILE C 55 1.66 19.10 20.13
CA ILE C 55 3.08 18.94 19.86
C ILE C 55 3.24 18.40 18.46
N ASP C 56 4.15 19.01 17.69
CA ASP C 56 4.41 18.59 16.34
C ASP C 56 5.56 17.58 16.39
N THR C 57 5.22 16.29 16.34
CA THR C 57 6.25 15.26 16.40
C THR C 57 7.06 15.26 15.12
N GLY C 58 6.57 15.98 14.12
CA GLY C 58 7.30 16.07 12.87
C GLY C 58 8.63 16.80 13.07
N GLN C 59 8.76 17.53 14.16
CA GLN C 59 9.99 18.25 14.44
C GLN C 59 10.92 17.52 15.40
N GLU C 60 10.61 16.25 15.66
CA GLU C 60 11.45 15.42 16.53
C GLU C 60 12.45 14.70 15.63
N SER C 61 13.68 14.57 16.09
CA SER C 61 14.69 13.88 15.30
C SER C 61 14.35 12.40 15.22
N ASP C 62 14.81 11.73 14.17
CA ASP C 62 14.58 10.30 14.00
C ASP C 62 15.19 9.54 15.19
N ALA C 63 16.37 9.99 15.59
CA ALA C 63 17.07 9.36 16.71
C ALA C 63 16.25 9.41 18.00
N ALA C 64 15.62 10.55 18.27
CA ALA C 64 14.80 10.69 19.48
C ALA C 64 13.58 9.76 19.44
N ILE C 65 12.92 9.71 18.28
CA ILE C 65 11.73 8.86 18.12
C ILE C 65 12.16 7.40 18.34
N SER C 66 13.29 7.02 17.76
CA SER C 66 13.79 5.67 17.90
C SER C 66 14.11 5.36 19.37
N ALA C 67 14.58 6.36 20.10
CA ALA C 67 14.92 6.18 21.51
C ALA C 67 13.67 5.96 22.38
N LEU C 68 12.51 6.39 21.89
CA LEU C 68 11.28 6.17 22.64
C LEU C 68 11.11 4.67 22.90
N ARG C 69 11.65 3.86 22.00
CA ARG C 69 11.55 2.41 22.10
C ARG C 69 12.22 1.85 23.37
N TYR C 70 13.13 2.60 23.97
CA TYR C 70 13.78 2.13 25.18
C TYR C 70 13.67 3.12 26.34
N THR C 71 12.61 3.93 26.29
CA THR C 71 12.37 4.95 27.31
C THR C 71 11.02 4.70 27.99
N PRO C 72 10.98 4.69 29.33
CA PRO C 72 9.74 4.46 30.08
C PRO C 72 8.83 5.66 30.21
N SER C 73 7.61 5.40 30.68
CA SER C 73 6.60 6.43 30.93
C SER C 73 6.03 7.09 29.67
N GLY C 74 5.28 8.17 29.86
CA GLY C 74 4.68 8.87 28.74
C GLY C 74 5.49 10.08 28.33
N ALA C 75 6.18 9.98 27.20
CA ALA C 75 7.03 11.07 26.73
C ALA C 75 6.25 12.33 26.36
N PHE C 76 4.95 12.19 26.15
CA PHE C 76 4.12 13.34 25.80
C PHE C 76 3.26 13.79 26.98
N GLY C 77 3.39 13.08 28.09
CA GLY C 77 2.58 13.40 29.25
C GLY C 77 1.25 12.68 29.09
N SER C 78 0.68 12.23 30.19
CA SER C 78 -0.60 11.52 30.15
C SER C 78 -1.55 12.25 31.09
N CYS C 79 -2.72 11.66 31.37
CA CYS C 79 -3.68 12.25 32.28
C CYS C 79 -4.84 11.29 32.52
N ARG C 80 -5.70 11.62 33.47
CA ARG C 80 -6.84 10.77 33.79
C ARG C 80 -8.16 11.50 33.59
N TYR C 81 -8.32 12.14 32.44
CA TYR C 81 -9.53 12.88 32.13
C TYR C 81 -10.52 11.94 31.43
N LYS C 82 -11.73 11.87 31.94
CA LYS C 82 -12.75 11.00 31.34
C LYS C 82 -13.89 11.79 30.73
N ASN C 89 -20.21 16.64 28.50
CA ASN C 89 -20.99 17.73 27.96
C ASN C 89 -20.70 17.92 26.47
N ARG C 90 -21.67 18.47 25.74
CA ARG C 90 -21.53 18.73 24.32
C ARG C 90 -20.37 19.71 24.08
N ARG C 91 -20.15 20.58 25.06
CA ARG C 91 -19.10 21.59 24.99
C ARG C 91 -17.70 21.01 24.82
N GLU C 92 -17.45 19.88 25.46
CA GLU C 92 -16.14 19.23 25.38
C GLU C 92 -15.96 18.60 24.01
N TYR C 93 -17.04 18.05 23.46
CA TYR C 93 -16.98 17.42 22.15
C TYR C 93 -16.90 18.50 21.07
N GLU C 94 -17.68 19.56 21.26
CA GLU C 94 -17.67 20.65 20.30
C GLU C 94 -16.28 21.29 20.27
N ARG C 95 -15.63 21.34 21.43
CA ARG C 95 -14.28 21.90 21.52
C ARG C 95 -13.29 21.01 20.76
N LEU C 96 -13.36 19.70 20.99
CA LEU C 96 -12.47 18.77 20.29
C LEU C 96 -12.62 18.93 18.79
N ILE C 97 -13.86 19.04 18.34
CA ILE C 97 -14.12 19.21 16.91
C ILE C 97 -13.53 20.51 16.40
N GLU C 98 -13.66 21.59 17.16
CA GLU C 98 -13.10 22.88 16.74
C GLU C 98 -11.59 22.73 16.63
N VAL C 99 -10.97 22.15 17.65
CA VAL C 99 -9.53 21.96 17.64
C VAL C 99 -9.06 21.07 16.49
N PHE C 100 -9.71 19.93 16.29
CA PHE C 100 -9.32 19.03 15.20
C PHE C 100 -9.53 19.67 13.84
N LYS C 101 -10.63 20.42 13.71
CA LYS C 101 -10.94 21.09 12.46
C LYS C 101 -9.89 22.15 12.17
N ALA C 102 -9.55 22.93 13.19
CA ALA C 102 -8.57 24.00 13.06
C ALA C 102 -7.22 23.46 12.59
N HIS C 103 -6.92 22.22 12.97
CA HIS C 103 -5.64 21.61 12.60
C HIS C 103 -5.76 20.49 11.56
N ASP C 104 -6.90 20.43 10.88
CA ASP C 104 -7.14 19.42 9.84
C ASP C 104 -6.84 18.01 10.31
N ILE C 105 -7.29 17.67 11.51
CA ILE C 105 -7.04 16.34 12.05
C ILE C 105 -8.17 15.39 11.70
N GLY C 106 -7.83 14.31 11.00
CA GLY C 106 -8.82 13.33 10.61
C GLY C 106 -8.58 11.97 11.24
N TYR C 107 -7.48 11.84 11.99
CA TYR C 107 -7.12 10.58 12.66
C TYR C 107 -6.91 10.81 14.16
N PHE C 108 -7.52 9.94 14.96
CA PHE C 108 -7.43 10.04 16.42
C PHE C 108 -6.89 8.73 16.98
N PHE C 109 -5.65 8.75 17.48
CA PHE C 109 -5.01 7.56 18.06
C PHE C 109 -4.93 7.77 19.57
N TYR C 110 -5.70 7.01 20.33
CA TYR C 110 -5.73 7.14 21.78
C TYR C 110 -5.10 5.91 22.43
N ASN C 111 -3.92 6.12 23.02
CA ASN C 111 -3.13 5.06 23.64
C ASN C 111 -3.41 4.95 25.14
N GLY C 112 -4.27 4.01 25.52
CA GLY C 112 -4.59 3.85 26.93
C GLY C 112 -5.25 2.51 27.25
N GLY C 113 -5.78 2.40 28.46
CA GLY C 113 -6.44 1.18 28.87
C GLY C 113 -7.94 1.16 28.71
N GLY C 114 -8.60 0.42 29.61
CA GLY C 114 -10.05 0.30 29.58
C GLY C 114 -10.85 1.59 29.53
N ASP C 115 -10.50 2.55 30.37
CA ASP C 115 -11.22 3.82 30.39
C ASP C 115 -10.98 4.60 29.09
N SER C 116 -9.75 4.56 28.61
CA SER C 116 -9.40 5.25 27.38
C SER C 116 -10.21 4.67 26.24
N ALA C 117 -10.48 3.37 26.30
CA ALA C 117 -11.25 2.70 25.26
C ALA C 117 -12.64 3.32 25.14
N ASP C 118 -13.20 3.69 26.28
CA ASP C 118 -14.53 4.30 26.30
C ASP C 118 -14.47 5.71 25.72
N THR C 119 -13.45 6.46 26.13
CA THR C 119 -13.27 7.82 25.64
C THR C 119 -13.15 7.75 24.13
N CYS C 120 -12.31 6.85 23.65
CA CYS C 120 -12.09 6.68 22.23
C CYS C 120 -13.40 6.34 21.53
N LEU C 121 -14.23 5.53 22.17
CA LEU C 121 -15.52 5.15 21.58
C LEU C 121 -16.42 6.37 21.47
N LYS C 122 -16.42 7.23 22.48
CA LYS C 122 -17.25 8.42 22.49
C LYS C 122 -16.79 9.46 21.47
N VAL C 123 -15.49 9.51 21.22
CA VAL C 123 -14.95 10.46 20.25
C VAL C 123 -15.42 10.08 18.85
N SER C 124 -15.88 8.85 18.70
CA SER C 124 -16.35 8.39 17.40
C SER C 124 -17.86 8.42 17.28
N GLN C 125 -18.53 7.55 18.03
CA GLN C 125 -19.98 7.45 18.02
C GLN C 125 -20.66 8.82 18.07
N LEU C 126 -20.01 9.78 18.71
CA LEU C 126 -20.58 11.11 18.84
C LEU C 126 -20.14 12.06 17.74
N SER C 127 -18.89 11.96 17.31
CA SER C 127 -18.37 12.83 16.26
C SER C 127 -18.98 12.47 14.90
N GLY C 128 -19.46 11.23 14.79
CA GLY C 128 -20.07 10.78 13.56
C GLY C 128 -21.44 11.40 13.38
N THR C 129 -22.23 11.39 14.45
CA THR C 129 -23.57 11.97 14.42
C THR C 129 -23.44 13.49 14.37
N LEU C 130 -22.25 14.00 14.65
CA LEU C 130 -22.01 15.45 14.63
C LEU C 130 -21.50 15.92 13.28
N GLY C 131 -21.29 14.97 12.36
CA GLY C 131 -20.84 15.30 11.03
C GLY C 131 -19.41 15.76 10.83
N TYR C 132 -18.47 15.14 11.55
CA TYR C 132 -17.07 15.50 11.39
C TYR C 132 -16.27 14.25 11.07
N PRO C 133 -15.76 14.14 9.83
CA PRO C 133 -14.98 12.96 9.45
C PRO C 133 -13.72 12.77 10.29
N ILE C 134 -13.79 11.86 11.25
CA ILE C 134 -12.64 11.56 12.10
C ILE C 134 -12.63 10.07 12.44
N GLN C 135 -11.50 9.41 12.19
CA GLN C 135 -11.38 7.99 12.50
C GLN C 135 -10.71 7.86 13.87
N ALA C 136 -11.32 7.09 14.76
CA ALA C 136 -10.80 6.90 16.10
C ALA C 136 -10.26 5.48 16.27
N ILE C 137 -8.97 5.37 16.58
CA ILE C 137 -8.33 4.07 16.78
C ILE C 137 -7.72 3.99 18.17
N HIS C 138 -8.07 2.94 18.91
CA HIS C 138 -7.57 2.74 20.26
C HIS C 138 -6.27 1.92 20.22
N VAL C 139 -5.24 2.41 20.91
CA VAL C 139 -3.97 1.70 20.97
C VAL C 139 -3.92 1.14 22.39
N PRO C 140 -3.94 -0.19 22.51
CA PRO C 140 -3.93 -0.85 23.82
C PRO C 140 -2.73 -0.59 24.72
N LYS C 141 -3.04 -0.42 26.01
CA LYS C 141 -2.02 -0.20 27.04
C LYS C 141 -2.65 -0.45 28.41
N THR C 142 -1.90 -1.12 29.28
CA THR C 142 -2.31 -1.40 30.66
C THR C 142 -1.43 -2.45 31.34
N VAL C 143 -0.82 -2.04 32.45
CA VAL C 143 0.04 -2.93 33.21
C VAL C 143 -0.79 -3.99 33.92
N ASP C 144 -2.09 -3.73 34.04
CA ASP C 144 -3.02 -4.64 34.70
C ASP C 144 -3.42 -5.82 33.82
N ASN C 145 -3.20 -5.68 32.50
CA ASN C 145 -3.51 -6.76 31.56
C ASN C 145 -5.00 -7.08 31.53
N ASP C 146 -5.83 -6.09 31.86
CA ASP C 146 -7.28 -6.29 31.92
C ASP C 146 -8.12 -5.99 30.68
N LEU C 147 -7.49 -5.84 29.51
CA LEU C 147 -8.27 -5.57 28.30
C LEU C 147 -8.71 -6.91 27.71
N PRO C 148 -9.95 -6.98 27.20
CA PRO C 148 -10.44 -8.22 26.62
C PRO C 148 -9.97 -8.43 25.18
N ILE C 149 -10.34 -9.59 24.63
CA ILE C 149 -10.03 -9.97 23.27
C ILE C 149 -8.56 -10.17 22.97
N THR C 150 -7.74 -9.16 23.23
CA THR C 150 -6.31 -9.30 22.97
C THR C 150 -5.76 -10.37 23.92
N ASP C 151 -4.75 -11.11 23.48
CA ASP C 151 -4.17 -12.16 24.33
C ASP C 151 -3.48 -11.54 25.54
N CYS C 152 -2.85 -10.37 25.31
CA CYS C 152 -2.15 -9.65 26.36
C CYS C 152 -2.11 -8.15 26.04
N CYS C 153 -1.78 -7.34 27.05
CA CYS C 153 -1.72 -5.90 26.88
C CYS C 153 -0.32 -5.32 26.97
N PRO C 154 0.01 -4.37 26.08
CA PRO C 154 1.34 -3.75 26.10
C PRO C 154 1.57 -3.14 27.48
N GLY C 155 2.69 -3.49 28.10
CA GLY C 155 2.99 -2.97 29.41
C GLY C 155 3.00 -4.06 30.46
N PHE C 156 2.08 -5.01 30.34
CA PHE C 156 1.98 -6.09 31.30
C PHE C 156 3.19 -7.02 31.31
N GLY C 157 3.58 -7.50 30.14
CA GLY C 157 4.72 -8.39 30.05
C GLY C 157 5.94 -7.87 30.79
N SER C 158 6.17 -6.57 30.70
CA SER C 158 7.31 -5.94 31.36
C SER C 158 7.10 -5.82 32.85
N VAL C 159 5.87 -5.55 33.29
CA VAL C 159 5.64 -5.45 34.72
C VAL C 159 5.80 -6.85 35.29
N ALA C 160 5.29 -7.85 34.57
CA ALA C 160 5.38 -9.24 35.00
C ALA C 160 6.83 -9.69 35.12
N LYS C 161 7.67 -9.30 34.18
CA LYS C 161 9.08 -9.68 34.21
C LYS C 161 9.73 -9.06 35.44
N TYR C 162 9.40 -7.80 35.68
CA TYR C 162 9.90 -7.06 36.83
C TYR C 162 9.46 -7.70 38.15
N ILE C 163 8.20 -8.09 38.23
CA ILE C 163 7.67 -8.71 39.45
C ILE C 163 8.29 -10.08 39.68
N ALA C 164 8.45 -10.85 38.61
CA ALA C 164 9.04 -12.17 38.74
C ALA C 164 10.50 -12.07 39.17
N VAL C 165 11.25 -11.19 38.52
CA VAL C 165 12.66 -11.00 38.84
C VAL C 165 12.80 -10.50 40.28
N SER C 166 12.03 -9.49 40.65
CA SER C 166 12.07 -8.94 42.02
C SER C 166 11.72 -9.99 43.05
N THR C 167 10.65 -10.76 42.80
CA THR C 167 10.24 -11.79 43.75
C THR C 167 11.36 -12.81 43.90
N LEU C 168 11.98 -13.17 42.77
CA LEU C 168 13.08 -14.13 42.78
C LEU C 168 14.25 -13.61 43.61
N GLU C 169 14.67 -12.39 43.35
CA GLU C 169 15.80 -11.81 44.07
C GLU C 169 15.49 -11.66 45.56
N ALA C 170 14.28 -11.24 45.89
CA ALA C 170 13.89 -11.08 47.27
C ALA C 170 13.85 -12.44 47.96
N SER C 171 13.51 -13.48 47.21
CA SER C 171 13.44 -14.84 47.75
C SER C 171 14.82 -15.39 48.03
N PHE C 172 15.79 -15.08 47.17
CA PHE C 172 17.15 -15.53 47.39
C PHE C 172 17.69 -14.84 48.63
N ASP C 173 17.27 -13.59 48.83
CA ASP C 173 17.73 -12.82 49.97
C ASP C 173 17.17 -13.37 51.28
N VAL C 174 15.85 -13.47 51.38
CA VAL C 174 15.22 -13.97 52.59
C VAL C 174 15.69 -15.40 52.92
N ALA C 175 15.88 -16.21 51.90
CA ALA C 175 16.32 -17.58 52.12
C ALA C 175 17.68 -17.63 52.83
N SER C 176 18.62 -16.80 52.40
CA SER C 176 19.94 -16.83 53.04
C SER C 176 19.99 -16.28 54.46
N MET C 177 18.96 -15.54 54.86
CA MET C 177 18.93 -14.98 56.22
C MET C 177 17.93 -15.72 57.12
N SER C 178 17.10 -16.58 56.50
CA SER C 178 16.05 -17.28 57.22
C SER C 178 16.43 -18.16 58.41
N ALA C 179 17.64 -18.69 58.42
CA ALA C 179 18.07 -19.56 59.52
C ALA C 179 17.82 -18.95 60.90
N THR C 180 18.37 -17.76 61.13
CA THR C 180 18.22 -17.10 62.41
C THR C 180 17.63 -15.70 62.33
N SER C 181 17.18 -15.29 61.15
CA SER C 181 16.62 -13.96 61.02
C SER C 181 15.31 -13.94 60.26
N THR C 182 15.14 -12.91 59.42
CA THR C 182 13.92 -12.75 58.63
C THR C 182 13.50 -14.02 57.91
N LYS C 183 12.24 -14.41 58.08
CA LYS C 183 11.73 -15.61 57.45
C LYS C 183 10.61 -15.37 56.44
N VAL C 184 10.00 -14.20 56.48
CA VAL C 184 8.92 -13.89 55.54
C VAL C 184 9.10 -12.53 54.88
N PHE C 185 8.93 -12.49 53.56
CA PHE C 185 9.04 -11.25 52.83
C PHE C 185 7.72 -10.98 52.10
N VAL C 186 7.14 -9.82 52.33
CA VAL C 186 5.87 -9.47 51.69
C VAL C 186 6.06 -8.35 50.68
N LEU C 187 5.68 -8.60 49.44
CA LEU C 187 5.79 -7.60 48.37
C LEU C 187 4.42 -7.17 47.87
N GLU C 188 4.14 -5.87 47.94
CA GLU C 188 2.87 -5.34 47.46
C GLU C 188 2.99 -4.91 46.00
N VAL C 189 2.09 -5.40 45.17
CA VAL C 189 2.12 -5.09 43.74
C VAL C 189 0.83 -4.40 43.30
N MET C 190 0.80 -3.93 42.05
CA MET C 190 -0.38 -3.26 41.53
C MET C 190 -1.46 -4.24 41.06
N GLY C 191 -2.58 -3.69 40.62
CA GLY C 191 -3.69 -4.50 40.15
C GLY C 191 -4.83 -4.41 41.16
N ARG C 192 -5.74 -3.48 40.93
CA ARG C 192 -6.87 -3.28 41.84
C ARG C 192 -8.02 -4.27 41.64
N HIS C 193 -8.19 -4.78 40.43
CA HIS C 193 -9.28 -5.72 40.17
C HIS C 193 -8.80 -7.00 39.50
N ALA C 194 -7.69 -6.93 38.78
CA ALA C 194 -7.14 -8.10 38.10
C ALA C 194 -5.90 -8.57 38.85
N GLY C 195 -5.70 -9.88 38.94
CA GLY C 195 -4.55 -10.41 39.63
C GLY C 195 -3.41 -10.86 38.74
N TRP C 196 -3.40 -10.38 37.50
CA TRP C 196 -2.35 -10.73 36.55
C TRP C 196 -0.97 -10.31 37.05
N ILE C 197 -0.90 -9.14 37.69
CA ILE C 197 0.37 -8.65 38.20
C ILE C 197 0.87 -9.61 39.27
N ALA C 198 0.03 -9.85 40.27
CA ALA C 198 0.38 -10.75 41.36
C ALA C 198 0.75 -12.13 40.84
N ALA C 199 0.03 -12.60 39.83
CA ALA C 199 0.29 -13.91 39.24
C ALA C 199 1.73 -14.03 38.78
N ALA C 200 2.28 -12.91 38.29
CA ALA C 200 3.66 -12.89 37.81
C ALA C 200 4.61 -13.38 38.90
N GLY C 201 4.29 -13.09 40.16
CA GLY C 201 5.13 -13.53 41.27
C GLY C 201 5.37 -15.03 41.27
N GLY C 202 4.39 -15.79 40.81
CA GLY C 202 4.53 -17.24 40.78
C GLY C 202 5.58 -17.77 39.80
N LEU C 203 6.00 -16.93 38.86
CA LEU C 203 7.00 -17.38 37.90
C LEU C 203 8.38 -17.43 38.53
N ALA C 204 8.52 -16.84 39.72
CA ALA C 204 9.80 -16.84 40.42
C ALA C 204 10.15 -18.28 40.76
N SER C 205 9.13 -19.12 40.90
CA SER C 205 9.35 -20.53 41.21
C SER C 205 9.15 -21.42 39.99
N SER C 206 9.76 -22.60 40.03
CA SER C 206 9.67 -23.56 38.94
C SER C 206 10.04 -24.95 39.43
N PRO C 207 9.87 -25.98 38.59
CA PRO C 207 10.21 -27.34 38.99
C PRO C 207 11.70 -27.52 39.32
N GLU C 208 12.56 -26.90 38.52
CA GLU C 208 14.00 -27.01 38.73
C GLU C 208 14.43 -26.35 40.05
N ARG C 209 13.69 -25.32 40.46
CA ARG C 209 13.98 -24.61 41.70
C ARG C 209 12.70 -24.08 42.33
N GLU C 210 12.08 -24.89 43.17
CA GLU C 210 10.84 -24.53 43.84
C GLU C 210 11.09 -23.42 44.86
N ILE C 211 10.23 -22.41 44.85
CA ILE C 211 10.35 -21.31 45.80
C ILE C 211 8.98 -21.03 46.40
N PRO C 212 8.91 -20.88 47.72
CA PRO C 212 7.61 -20.61 48.35
C PRO C 212 7.09 -19.21 48.06
N VAL C 213 6.01 -19.13 47.30
CA VAL C 213 5.41 -17.84 46.98
C VAL C 213 3.89 -17.90 47.17
N VAL C 214 3.41 -17.30 48.25
CA VAL C 214 1.98 -17.26 48.53
C VAL C 214 1.43 -16.00 47.86
N ILE C 215 0.57 -16.18 46.87
CA ILE C 215 -0.01 -15.03 46.16
C ILE C 215 -1.41 -14.68 46.60
N LEU C 216 -1.61 -13.41 46.94
CA LEU C 216 -2.92 -12.92 47.38
C LEU C 216 -3.57 -12.14 46.23
N PHE C 217 -4.49 -12.79 45.55
CA PHE C 217 -5.21 -12.22 44.41
C PHE C 217 -6.41 -11.37 44.80
N PRO C 218 -6.75 -10.38 43.96
CA PRO C 218 -7.89 -9.49 44.19
C PRO C 218 -9.21 -10.26 43.99
N GLU C 219 -9.16 -11.28 43.14
CA GLU C 219 -10.34 -12.08 42.84
C GLU C 219 -10.72 -13.05 43.96
N ILE C 220 -9.73 -13.45 44.76
CA ILE C 220 -9.97 -14.38 45.86
C ILE C 220 -10.22 -13.62 47.16
N SER C 221 -11.32 -13.93 47.84
CA SER C 221 -11.63 -13.29 49.10
C SER C 221 -10.58 -13.70 50.12
N PHE C 222 -10.06 -12.73 50.87
CA PHE C 222 -9.02 -13.00 51.86
C PHE C 222 -9.53 -13.72 53.12
N ASP C 223 -8.82 -14.79 53.48
CA ASP C 223 -9.13 -15.60 54.65
C ASP C 223 -7.83 -15.71 55.45
N LYS C 224 -7.68 -14.86 56.47
CA LYS C 224 -6.47 -14.88 57.28
C LYS C 224 -6.09 -16.26 57.78
N GLN C 225 -7.08 -17.03 58.22
CA GLN C 225 -6.82 -18.38 58.73
C GLN C 225 -6.18 -19.27 57.67
N LYS C 226 -6.74 -19.26 56.47
CA LYS C 226 -6.20 -20.06 55.38
C LYS C 226 -4.83 -19.53 54.96
N PHE C 227 -4.65 -18.22 55.08
CA PHE C 227 -3.39 -17.57 54.71
C PHE C 227 -2.25 -17.98 55.64
N LEU C 228 -2.42 -17.70 56.93
CA LEU C 228 -1.39 -18.03 57.91
C LEU C 228 -1.04 -19.51 57.87
N ALA C 229 -2.03 -20.34 57.57
CA ALA C 229 -1.81 -21.78 57.48
C ALA C 229 -0.88 -22.09 56.32
N LYS C 230 -1.14 -21.45 55.18
CA LYS C 230 -0.35 -21.64 53.98
C LYS C 230 1.09 -21.16 54.21
N VAL C 231 1.24 -20.00 54.84
CA VAL C 231 2.55 -19.46 55.13
C VAL C 231 3.33 -20.43 56.04
N ASP C 232 2.72 -20.75 57.18
CA ASP C 232 3.33 -21.66 58.15
C ASP C 232 3.83 -22.93 57.45
N SER C 233 2.97 -23.55 56.64
CA SER C 233 3.35 -24.77 55.94
C SER C 233 4.55 -24.54 55.00
N CYS C 234 4.68 -23.31 54.49
CA CYS C 234 5.79 -22.99 53.61
C CYS C 234 7.09 -22.84 54.40
N VAL C 235 7.01 -22.14 55.53
CA VAL C 235 8.17 -21.93 56.38
C VAL C 235 8.69 -23.25 56.94
N LYS C 236 7.81 -24.22 57.11
CA LYS C 236 8.19 -25.53 57.65
C LYS C 236 8.88 -26.39 56.60
N LYS C 237 8.43 -26.27 55.36
CA LYS C 237 9.00 -27.04 54.26
C LYS C 237 10.27 -26.39 53.70
N PHE C 238 10.27 -25.08 53.56
CA PHE C 238 11.41 -24.36 53.00
C PHE C 238 12.26 -23.61 54.01
N GLY C 239 11.64 -23.11 55.07
CA GLY C 239 12.40 -22.36 56.07
C GLY C 239 12.14 -20.87 55.95
N TYR C 240 11.42 -20.49 54.91
CA TYR C 240 11.09 -19.10 54.66
C TYR C 240 9.88 -19.05 53.73
N CYS C 241 9.32 -17.87 53.52
CA CYS C 241 8.19 -17.73 52.61
C CYS C 241 8.11 -16.33 52.01
N SER C 242 7.74 -16.26 50.73
CA SER C 242 7.60 -14.97 50.05
C SER C 242 6.13 -14.79 49.74
N VAL C 243 5.61 -13.60 49.98
CA VAL C 243 4.21 -13.31 49.73
C VAL C 243 4.05 -12.13 48.77
N VAL C 244 3.29 -12.34 47.70
CA VAL C 244 3.03 -11.30 46.72
C VAL C 244 1.56 -10.93 46.89
N VAL C 245 1.30 -9.70 47.32
CA VAL C 245 -0.09 -9.25 47.56
C VAL C 245 -0.53 -8.04 46.75
N SER C 246 -1.66 -8.17 46.06
CA SER C 246 -2.21 -7.08 45.26
C SER C 246 -2.77 -6.02 46.18
N GLU C 247 -2.70 -4.77 45.75
CA GLU C 247 -3.20 -3.65 46.54
C GLU C 247 -4.73 -3.68 46.63
N GLY C 248 -5.38 -4.47 45.78
CA GLY C 248 -6.83 -4.54 45.79
C GLY C 248 -7.47 -5.73 46.50
N VAL C 249 -6.66 -6.54 47.19
CA VAL C 249 -7.17 -7.70 47.89
C VAL C 249 -8.19 -7.27 48.94
N LYS C 250 -9.32 -7.98 48.99
CA LYS C 250 -10.37 -7.67 49.95
C LYS C 250 -10.86 -8.93 50.66
N GLY C 251 -11.20 -8.80 51.94
CA GLY C 251 -11.68 -9.91 52.72
C GLY C 251 -13.19 -10.04 52.69
N ASP C 252 -13.82 -9.84 53.85
CA ASP C 252 -15.27 -9.93 53.95
C ASP C 252 -15.93 -8.60 53.62
N ASP C 253 -15.54 -7.56 54.34
CA ASP C 253 -16.09 -6.22 54.12
C ASP C 253 -15.29 -5.46 53.06
N GLY C 254 -14.56 -6.21 52.23
CA GLY C 254 -13.76 -5.61 51.18
C GLY C 254 -12.85 -4.50 51.70
N LYS C 255 -11.55 -4.77 51.68
CA LYS C 255 -10.57 -3.79 52.15
C LYS C 255 -9.22 -4.44 52.39
N PHE C 256 -8.68 -4.25 53.60
CA PHE C 256 -7.39 -4.81 53.96
C PHE C 256 -6.33 -3.73 54.09
N GLY C 272 1.20 2.23 55.47
CA GLY C 272 -0.19 2.39 55.07
C GLY C 272 -0.41 1.82 53.71
N GLY C 273 -0.53 0.52 53.69
CA GLY C 273 -0.81 -0.08 52.43
C GLY C 273 -1.12 -1.43 52.88
N VAL C 274 -1.18 -2.36 51.92
CA VAL C 274 -1.49 -3.74 52.21
C VAL C 274 -0.27 -4.53 52.65
N ALA C 275 0.93 -4.10 52.28
CA ALA C 275 2.09 -4.88 52.66
C ALA C 275 2.29 -4.91 54.18
N PRO C 276 2.33 -3.73 54.83
CA PRO C 276 2.50 -3.66 56.28
C PRO C 276 1.41 -4.42 57.02
N VAL C 277 0.19 -4.36 56.47
CA VAL C 277 -0.95 -5.05 57.07
C VAL C 277 -0.73 -6.55 57.06
N VAL C 278 -0.47 -7.10 55.89
CA VAL C 278 -0.24 -8.54 55.75
C VAL C 278 0.95 -8.99 56.59
N ALA C 279 2.00 -8.17 56.63
CA ALA C 279 3.19 -8.48 57.41
C ALA C 279 2.80 -8.64 58.88
N SER C 280 1.99 -7.72 59.38
CA SER C 280 1.53 -7.76 60.76
C SER C 280 0.84 -9.09 61.08
N MET C 281 -0.04 -9.52 60.20
CA MET C 281 -0.76 -10.78 60.38
C MET C 281 0.18 -11.96 60.57
N VAL C 282 1.35 -11.90 59.92
CA VAL C 282 2.32 -12.98 60.01
C VAL C 282 3.05 -12.98 61.36
N LYS C 283 3.38 -11.80 61.86
CA LYS C 283 4.08 -11.69 63.13
C LYS C 283 3.10 -12.05 64.24
N GLU C 284 1.86 -11.59 64.09
CA GLU C 284 0.80 -11.84 65.06
C GLU C 284 0.49 -13.32 65.18
N GLY C 285 -0.07 -13.89 64.13
CA GLY C 285 -0.44 -15.29 64.14
C GLY C 285 0.66 -16.34 64.07
N LEU C 286 1.88 -15.93 63.71
CA LEU C 286 2.96 -16.90 63.62
C LEU C 286 4.25 -16.49 64.32
N GLY C 287 4.33 -15.24 64.73
CA GLY C 287 5.53 -14.76 65.41
C GLY C 287 6.79 -14.84 64.60
N LEU C 288 6.65 -14.85 63.27
CA LEU C 288 7.80 -14.93 62.38
C LEU C 288 8.33 -13.57 61.98
N LYS C 289 9.64 -13.39 62.07
CA LYS C 289 10.27 -12.12 61.71
C LYS C 289 9.98 -11.86 60.24
N TYR C 290 9.61 -10.62 59.91
CA TYR C 290 9.27 -10.29 58.53
C TYR C 290 9.98 -9.06 57.95
N HIS C 291 9.75 -8.87 56.65
CA HIS C 291 10.29 -7.74 55.89
C HIS C 291 9.27 -7.52 54.77
N TRP C 292 9.04 -6.26 54.41
CA TRP C 292 8.09 -5.99 53.34
C TRP C 292 8.50 -4.80 52.48
N GLY C 293 8.00 -4.80 51.25
CA GLY C 293 8.28 -3.71 50.34
C GLY C 293 7.05 -3.38 49.53
N VAL C 294 7.08 -2.22 48.87
CA VAL C 294 5.97 -1.77 48.03
C VAL C 294 6.62 -1.20 46.78
N ALA C 295 6.49 -1.90 45.67
CA ALA C 295 7.09 -1.48 44.41
C ALA C 295 6.54 -0.15 43.92
N ASP C 296 5.22 -0.02 43.90
CA ASP C 296 4.56 1.18 43.43
C ASP C 296 5.08 1.53 42.03
N TYR C 297 5.41 2.80 41.79
CA TYR C 297 5.89 3.22 40.46
C TYR C 297 6.99 2.38 39.84
N LEU C 298 7.92 1.90 40.68
CA LEU C 298 9.04 1.11 40.18
C LEU C 298 8.63 -0.02 39.24
N GLN C 299 7.51 -0.67 39.52
CA GLN C 299 7.08 -1.80 38.71
C GLN C 299 6.54 -1.43 37.33
N ARG C 300 6.10 -0.18 37.16
CA ARG C 300 5.56 0.21 35.86
C ARG C 300 6.47 1.17 35.07
N ALA C 301 7.65 1.45 35.60
CA ALA C 301 8.59 2.34 34.91
C ALA C 301 9.94 1.62 34.74
N ALA C 302 9.95 0.33 35.06
CA ALA C 302 11.17 -0.48 35.00
C ALA C 302 11.61 -0.88 33.59
N ARG C 303 11.87 0.10 32.74
CA ARG C 303 12.31 -0.18 31.38
C ARG C 303 13.70 -0.83 31.40
N HIS C 304 14.44 -0.66 32.51
CA HIS C 304 15.78 -1.24 32.59
C HIS C 304 15.72 -2.77 32.62
N ILE C 305 14.53 -3.32 32.88
CA ILE C 305 14.38 -4.78 32.89
C ILE C 305 13.05 -5.16 32.24
N ALA C 306 12.77 -4.55 31.09
CA ALA C 306 11.53 -4.82 30.37
C ALA C 306 11.60 -6.12 29.60
N SER C 307 10.43 -6.61 29.23
CA SER C 307 10.32 -7.84 28.46
C SER C 307 10.50 -7.50 26.98
N LYS C 308 11.46 -8.17 26.32
CA LYS C 308 11.70 -7.94 24.90
C LYS C 308 10.45 -8.24 24.09
N THR C 309 9.75 -9.30 24.47
CA THR C 309 8.53 -9.68 23.77
C THR C 309 7.50 -8.55 23.88
N ASP C 310 7.35 -8.04 25.10
CA ASP C 310 6.42 -6.96 25.40
C ASP C 310 6.75 -5.70 24.60
N VAL C 311 8.01 -5.35 24.53
CA VAL C 311 8.44 -4.17 23.79
C VAL C 311 8.09 -4.30 22.31
N GLU C 312 8.31 -5.49 21.75
CA GLU C 312 8.00 -5.73 20.35
C GLU C 312 6.51 -5.67 20.08
N GLN C 313 5.72 -6.17 21.02
CA GLN C 313 4.26 -6.16 20.85
C GLN C 313 3.73 -4.73 21.01
N ALA C 314 4.36 -3.96 21.90
CA ALA C 314 3.95 -2.58 22.12
C ALA C 314 4.14 -1.77 20.85
N TYR C 315 5.27 -1.98 20.21
CA TYR C 315 5.61 -1.27 18.98
C TYR C 315 4.72 -1.74 17.82
N ALA C 316 4.43 -3.03 17.79
CA ALA C 316 3.58 -3.59 16.74
C ALA C 316 2.17 -3.02 16.82
N MET C 317 1.66 -2.82 18.03
CA MET C 317 0.32 -2.27 18.22
C MET C 317 0.22 -0.83 17.71
N GLY C 318 1.26 -0.03 17.94
CA GLY C 318 1.26 1.33 17.46
C GLY C 318 1.32 1.36 15.94
N GLN C 319 2.18 0.50 15.37
CA GLN C 319 2.33 0.41 13.93
C GLN C 319 1.03 -0.06 13.28
N ALA C 320 0.37 -1.03 13.91
CA ALA C 320 -0.89 -1.58 13.41
C ALA C 320 -2.02 -0.56 13.45
N ALA C 321 -2.06 0.27 14.49
CA ALA C 321 -3.11 1.28 14.60
C ALA C 321 -3.11 2.19 13.38
N VAL C 322 -1.90 2.59 12.97
CA VAL C 322 -1.77 3.47 11.81
C VAL C 322 -2.14 2.76 10.52
N GLU C 323 -1.71 1.51 10.39
CA GLU C 323 -2.06 0.74 9.19
C GLU C 323 -3.57 0.61 9.07
N PHE C 324 -4.25 0.47 10.21
CA PHE C 324 -5.70 0.34 10.22
C PHE C 324 -6.35 1.66 9.80
N ALA C 325 -5.84 2.77 10.34
CA ALA C 325 -6.37 4.09 10.03
C ALA C 325 -6.27 4.38 8.54
N VAL C 326 -5.11 4.09 7.97
CA VAL C 326 -4.87 4.32 6.56
C VAL C 326 -5.73 3.39 5.72
N GLN C 327 -6.11 2.25 6.31
CA GLN C 327 -6.95 1.27 5.64
C GLN C 327 -8.42 1.70 5.70
N GLY C 328 -8.69 2.80 6.40
CA GLY C 328 -10.05 3.30 6.50
C GLY C 328 -10.90 2.76 7.64
N HIS C 329 -10.27 2.12 8.61
CA HIS C 329 -11.00 1.55 9.73
C HIS C 329 -11.31 2.57 10.79
N ASN C 330 -12.33 2.26 11.59
CA ASN C 330 -12.78 3.17 12.64
C ASN C 330 -13.37 2.44 13.83
N SER C 331 -13.18 3.00 15.02
CA SER C 331 -13.70 2.43 16.25
C SER C 331 -13.20 1.00 16.47
N VAL C 332 -11.90 0.81 16.28
CA VAL C 332 -11.27 -0.49 16.44
C VAL C 332 -10.00 -0.38 17.27
N MET C 333 -9.50 -1.54 17.71
CA MET C 333 -8.29 -1.66 18.52
C MET C 333 -7.45 -2.83 18.03
N PRO C 334 -6.15 -2.60 17.75
CA PRO C 334 -5.32 -3.73 17.30
C PRO C 334 -5.16 -4.66 18.50
N THR C 335 -4.97 -5.94 18.24
CA THR C 335 -4.81 -6.90 19.33
C THR C 335 -3.64 -7.81 19.06
N ILE C 336 -3.32 -8.63 20.06
CA ILE C 336 -2.25 -9.60 19.94
C ILE C 336 -2.96 -10.96 19.94
N GLU C 337 -2.72 -11.77 18.92
CA GLU C 337 -3.35 -13.09 18.84
C GLU C 337 -2.34 -14.21 18.98
N ARG C 338 -2.46 -15.01 20.03
CA ARG C 338 -1.56 -16.13 20.24
C ARG C 338 -1.92 -17.21 19.23
N ILE C 339 -0.99 -17.53 18.34
CA ILE C 339 -1.22 -18.52 17.30
C ILE C 339 -0.63 -19.88 17.63
N SER C 340 0.31 -19.91 18.58
CA SER C 340 0.98 -21.15 18.96
C SER C 340 1.67 -21.00 20.31
N ALA C 341 2.25 -22.09 20.80
CA ALA C 341 2.96 -22.06 22.08
C ALA C 341 3.95 -23.21 22.19
N PRO C 343 6.57 -23.16 19.24
CA PRO C 343 6.70 -22.32 20.45
C PRO C 343 5.72 -21.17 20.42
N TYR C 344 5.89 -20.22 21.33
CA TYR C 344 5.03 -19.05 21.39
C TYR C 344 5.13 -18.26 20.10
N GLN C 345 3.99 -18.01 19.47
CA GLN C 345 3.91 -17.26 18.23
C GLN C 345 2.65 -16.43 18.29
N TRP C 346 2.73 -15.18 17.82
CA TRP C 346 1.60 -14.27 17.84
C TRP C 346 1.51 -13.45 16.56
N LYS C 347 0.36 -12.82 16.36
CA LYS C 347 0.12 -11.98 15.19
C LYS C 347 -0.81 -10.87 15.61
N VAL C 348 -0.94 -9.85 14.77
CA VAL C 348 -1.80 -8.71 15.05
C VAL C 348 -3.23 -8.98 14.62
N GLY C 349 -4.19 -8.63 15.47
CA GLY C 349 -5.59 -8.83 15.18
C GLY C 349 -6.39 -7.55 15.25
N MET C 350 -7.66 -7.58 14.91
CA MET C 350 -8.43 -6.34 14.92
CA MET C 350 -8.43 -6.34 14.92
C MET C 350 -9.69 -6.51 15.75
N ALA C 351 -9.85 -5.75 16.82
CA ALA C 351 -11.08 -5.96 17.60
C ALA C 351 -11.98 -4.73 17.53
N GLN C 352 -13.27 -4.95 17.75
CA GLN C 352 -14.25 -3.86 17.72
C GLN C 352 -14.24 -3.20 19.10
N LEU C 353 -14.08 -1.89 19.14
CA LEU C 353 -14.04 -1.16 20.41
C LEU C 353 -15.31 -1.37 21.22
N SER C 354 -16.43 -1.58 20.53
CA SER C 354 -17.70 -1.78 21.21
C SER C 354 -17.67 -3.05 22.06
N GLN C 355 -16.77 -3.97 21.73
CA GLN C 355 -16.65 -5.22 22.48
C GLN C 355 -15.53 -5.11 23.51
N VAL C 356 -14.81 -4.00 23.49
CA VAL C 356 -13.72 -3.77 24.42
C VAL C 356 -14.15 -2.78 25.48
N ALA C 357 -14.95 -1.79 25.06
CA ALA C 357 -15.43 -0.75 25.95
C ALA C 357 -16.13 -1.29 27.20
N ASN C 358 -15.62 -0.88 28.35
CA ASN C 358 -16.15 -1.26 29.64
C ASN C 358 -16.31 -2.77 29.86
N VAL C 359 -15.20 -3.49 29.68
CA VAL C 359 -15.16 -4.92 29.87
C VAL C 359 -13.79 -5.23 30.43
N GLU C 360 -13.74 -5.98 31.53
CA GLU C 360 -12.46 -6.31 32.15
C GLU C 360 -12.12 -7.79 32.04
N LYS C 361 -10.86 -8.07 31.69
CA LYS C 361 -10.39 -9.44 31.58
C LYS C 361 -9.75 -9.80 32.92
N MET C 362 -10.54 -10.40 33.79
CA MET C 362 -10.07 -10.83 35.10
C MET C 362 -9.31 -12.14 34.98
N MET C 363 -8.74 -12.59 36.07
CA MET C 363 -8.00 -13.84 36.08
C MET C 363 -9.01 -14.99 35.98
N PRO C 364 -8.77 -15.94 35.07
CA PRO C 364 -9.68 -17.08 34.92
C PRO C 364 -9.59 -17.97 36.17
N GLU C 365 -10.69 -18.60 36.55
CA GLU C 365 -10.70 -19.46 37.73
C GLU C 365 -9.70 -20.59 37.66
N ASN C 366 -9.49 -21.16 36.47
CA ASN C 366 -8.56 -22.27 36.30
C ASN C 366 -7.09 -21.84 36.22
N PHE C 367 -6.82 -20.55 36.40
CA PHE C 367 -5.44 -20.05 36.36
C PHE C 367 -4.90 -19.95 37.78
N ILE C 368 -5.80 -20.14 38.74
CA ILE C 368 -5.46 -20.10 40.15
C ILE C 368 -5.62 -21.51 40.75
N THR C 369 -4.76 -21.85 41.69
CA THR C 369 -4.78 -23.16 42.34
C THR C 369 -5.97 -23.34 43.27
N GLU C 370 -6.22 -24.59 43.65
CA GLU C 370 -7.32 -24.93 44.54
C GLU C 370 -7.36 -24.10 45.82
N ASP C 371 -6.24 -24.00 46.52
CA ASP C 371 -6.22 -23.21 47.76
C ASP C 371 -6.22 -21.71 47.49
N GLY C 372 -6.20 -21.35 46.20
CA GLY C 372 -6.21 -19.95 45.80
C GLY C 372 -5.00 -19.12 46.16
N PHE C 373 -3.85 -19.77 46.35
CA PHE C 373 -2.64 -19.04 46.71
C PHE C 373 -1.51 -19.18 45.70
N GLY C 374 -1.80 -19.75 44.53
CA GLY C 374 -0.78 -19.90 43.52
C GLY C 374 -1.35 -19.92 42.11
N ILE C 375 -0.47 -20.08 41.12
CA ILE C 375 -0.91 -20.15 39.73
C ILE C 375 -0.78 -21.59 39.26
N THR C 376 -1.65 -21.99 38.33
CA THR C 376 -1.64 -23.34 37.79
C THR C 376 -0.69 -23.44 36.59
N ASP C 377 -0.50 -24.65 36.08
CA ASP C 377 0.38 -24.83 34.93
C ASP C 377 -0.22 -24.13 33.70
N LEU C 378 -1.54 -24.02 33.65
CA LEU C 378 -2.18 -23.35 32.52
C LEU C 378 -1.79 -21.88 32.56
N CYS C 379 -1.76 -21.32 33.76
CA CYS C 379 -1.39 -19.93 33.95
C CYS C 379 0.07 -19.74 33.49
N ARG C 380 0.97 -20.60 33.98
CA ARG C 380 2.38 -20.53 33.61
C ARG C 380 2.55 -20.59 32.09
N GLU C 381 1.75 -21.44 31.44
CA GLU C 381 1.80 -21.61 29.99
C GLU C 381 1.46 -20.28 29.33
N TYR C 382 0.49 -19.58 29.90
CA TYR C 382 0.07 -18.30 29.37
C TYR C 382 1.10 -17.20 29.65
N LEU C 383 1.51 -17.06 30.91
CA LEU C 383 2.45 -16.02 31.33
C LEU C 383 3.91 -16.09 30.89
N ALA C 384 4.54 -17.26 31.02
CA ALA C 384 5.95 -17.43 30.67
C ALA C 384 6.44 -16.76 29.38
N PRO C 385 5.74 -16.99 28.26
CA PRO C 385 6.15 -16.41 26.99
C PRO C 385 6.13 -14.88 26.95
N LEU C 386 5.29 -14.28 27.76
CA LEU C 386 5.15 -12.84 27.77
C LEU C 386 6.35 -12.08 28.35
N ILE C 387 7.12 -12.73 29.21
CA ILE C 387 8.29 -12.09 29.83
C ILE C 387 9.59 -12.53 29.19
N GLU C 388 9.50 -13.29 28.11
CA GLU C 388 10.67 -13.82 27.40
C GLU C 388 11.53 -12.75 26.74
N GLY C 389 12.85 -12.91 26.87
CA GLY C 389 13.79 -11.99 26.26
C GLY C 389 14.06 -10.72 27.04
N GLU C 390 15.29 -10.22 26.92
CA GLU C 390 15.68 -9.00 27.59
C GLU C 390 15.99 -7.96 26.55
N ASP C 391 15.49 -6.75 26.75
CA ASP C 391 15.73 -5.66 25.82
C ASP C 391 16.21 -4.50 26.68
N TYR C 392 17.52 -4.41 26.85
CA TYR C 392 18.13 -3.38 27.68
C TYR C 392 18.37 -2.07 26.94
N PRO C 393 18.06 -0.94 27.60
CA PRO C 393 18.29 0.34 26.94
C PRO C 393 19.79 0.62 27.02
N PRO C 394 20.31 1.55 26.20
CA PRO C 394 21.74 1.88 26.24
C PRO C 394 22.01 2.73 27.49
N TYR C 395 23.23 2.68 28.02
CA TYR C 395 23.59 3.43 29.22
C TYR C 395 24.64 4.53 29.01
N LYS C 396 24.65 5.48 29.93
CA LYS C 396 25.59 6.59 29.91
C LYS C 396 25.82 7.02 31.34
N ASP C 397 27.09 7.01 31.76
CA ASP C 397 27.46 7.41 33.11
C ASP C 397 26.73 6.62 34.20
N GLY C 398 26.61 5.32 33.98
CA GLY C 398 25.96 4.46 34.96
C GLY C 398 24.44 4.38 34.91
N LEU C 399 23.81 5.23 34.12
CA LEU C 399 22.35 5.24 34.03
C LEU C 399 21.82 5.02 32.62
N PRO C 400 20.58 4.51 32.50
CA PRO C 400 20.00 4.29 31.17
C PRO C 400 19.91 5.66 30.51
N ASP C 401 20.26 5.74 29.23
CA ASP C 401 20.23 7.00 28.52
C ASP C 401 18.84 7.28 27.96
N TYR C 402 17.86 7.43 28.85
CA TYR C 402 16.47 7.68 28.45
C TYR C 402 16.29 9.04 27.76
N VAL C 403 15.45 9.08 26.73
CA VAL C 403 15.24 10.31 25.98
C VAL C 403 14.14 11.22 26.54
N ARG C 404 14.36 12.52 26.35
CA ARG C 404 13.38 13.53 26.74
C ARG C 404 13.15 14.27 25.42
N LEU C 405 11.96 14.13 24.86
CA LEU C 405 11.65 14.77 23.58
C LEU C 405 11.65 16.29 23.62
N LYS C 406 12.05 16.90 22.52
CA LYS C 406 12.05 18.35 22.43
C LYS C 406 10.59 18.80 22.48
N ASN C 407 9.70 18.03 21.87
CA ASN C 407 8.27 18.34 21.86
C ASN C 407 7.95 19.80 21.50
N VAL C 408 8.24 20.18 20.26
CA VAL C 408 7.97 21.55 19.80
C VAL C 408 6.46 21.82 19.81
N ALA C 409 6.07 22.95 20.37
CA ALA C 409 4.67 23.34 20.44
C ALA C 409 4.11 23.76 19.09
N VAL C 410 2.80 23.61 18.92
CA VAL C 410 2.14 24.02 17.69
C VAL C 410 1.44 25.33 18.05
N PRO C 411 1.71 26.41 17.30
CA PRO C 411 1.06 27.70 17.61
C PRO C 411 -0.45 27.60 17.65
N LYS C 412 -1.07 28.19 18.67
CA LYS C 412 -2.52 28.13 18.83
C LYS C 412 -3.25 28.91 17.74
N LYS C 413 -4.45 28.46 17.41
CA LYS C 413 -5.27 29.09 16.38
C LYS C 413 -6.68 29.43 16.87
N LEU C 414 -7.01 29.00 18.09
CA LEU C 414 -8.33 29.26 18.65
C LEU C 414 -8.30 29.96 20.01
N SER C 415 -9.48 30.30 20.51
CA SER C 415 -9.64 30.95 21.81
C SER C 415 -9.43 29.92 22.90
N GLY C 416 -9.21 30.38 24.13
CA GLY C 416 -8.99 29.47 25.24
C GLY C 416 -10.18 28.62 25.62
N PHE C 417 -9.92 27.61 26.45
CA PHE C 417 -10.94 26.70 26.93
C PHE C 417 -10.58 26.29 28.37
N THR C 418 -11.58 26.23 29.24
CA THR C 418 -11.34 25.85 30.64
C THR C 418 -11.92 24.49 30.99
N ALA D 2 -26.06 14.89 5.10
CA ALA D 2 -26.87 13.91 5.90
C ALA D 2 -26.27 12.51 5.81
N ALA D 3 -26.41 11.90 4.64
CA ALA D 3 -25.91 10.55 4.39
C ALA D 3 -26.51 9.55 5.36
N LYS D 4 -27.81 9.31 5.22
CA LYS D 4 -28.50 8.37 6.09
C LYS D 4 -29.04 7.18 5.30
N ASN D 5 -29.13 7.30 3.98
CA ASN D 5 -29.66 6.21 3.17
C ASN D 5 -28.62 5.15 2.83
N ALA D 6 -29.09 3.95 2.56
CA ALA D 6 -28.21 2.83 2.24
C ALA D 6 -28.40 2.30 0.84
N PHE D 7 -27.34 1.69 0.33
CA PHE D 7 -27.34 1.10 -0.98
C PHE D 7 -26.87 -0.35 -0.86
N TYR D 8 -27.66 -1.27 -1.40
CA TYR D 8 -27.34 -2.69 -1.38
C TYR D 8 -27.33 -3.23 -2.80
N ALA D 9 -26.33 -4.03 -3.14
CA ALA D 9 -26.27 -4.63 -4.46
C ALA D 9 -25.61 -6.01 -4.44
N GLN D 10 -26.10 -6.86 -5.35
CA GLN D 10 -25.59 -8.21 -5.50
C GLN D 10 -24.62 -8.18 -6.67
N SER D 11 -23.54 -8.95 -6.59
CA SER D 11 -22.51 -8.95 -7.61
C SER D 11 -21.96 -10.33 -7.89
N GLY D 12 -21.59 -10.59 -9.14
CA GLY D 12 -21.03 -11.88 -9.51
C GLY D 12 -22.08 -12.97 -9.74
N GLY D 13 -21.63 -14.22 -9.83
CA GLY D 13 -22.56 -15.31 -10.05
C GLY D 13 -23.44 -15.45 -8.82
N VAL D 14 -24.73 -15.68 -9.02
CA VAL D 14 -25.63 -15.80 -7.86
C VAL D 14 -25.58 -17.18 -7.19
N THR D 15 -26.30 -17.31 -6.08
CA THR D 15 -26.36 -18.57 -5.34
C THR D 15 -27.79 -18.84 -4.92
N ALA D 16 -28.00 -19.92 -4.18
CA ALA D 16 -29.34 -20.29 -3.74
C ALA D 16 -29.77 -19.47 -2.52
N VAL D 17 -28.80 -18.93 -1.80
CA VAL D 17 -29.10 -18.20 -0.58
C VAL D 17 -28.63 -16.74 -0.50
N ILE D 18 -28.14 -16.18 -1.60
CA ILE D 18 -27.71 -14.79 -1.54
C ILE D 18 -28.90 -13.87 -1.19
N ASN D 19 -30.12 -14.32 -1.48
CA ASN D 19 -31.30 -13.52 -1.14
C ASN D 19 -31.57 -13.58 0.34
N ALA D 20 -31.01 -14.59 1.02
CA ALA D 20 -31.17 -14.71 2.46
C ALA D 20 -30.27 -13.63 3.07
N SER D 21 -29.12 -13.38 2.46
CA SER D 21 -28.22 -12.34 2.96
C SER D 21 -28.90 -10.99 2.71
N ALA D 22 -29.60 -10.87 1.58
CA ALA D 22 -30.29 -9.64 1.26
C ALA D 22 -31.36 -9.37 2.31
N ALA D 23 -32.05 -10.42 2.74
CA ALA D 23 -33.09 -10.27 3.76
C ALA D 23 -32.42 -9.85 5.07
N GLY D 24 -31.24 -10.40 5.33
CA GLY D 24 -30.52 -10.05 6.54
C GLY D 24 -30.23 -8.57 6.55
N VAL D 25 -29.66 -8.06 5.46
CA VAL D 25 -29.35 -6.63 5.37
C VAL D 25 -30.59 -5.75 5.53
N ILE D 26 -31.59 -5.99 4.70
CA ILE D 26 -32.82 -5.20 4.70
C ILE D 26 -33.59 -5.22 6.02
N GLU D 27 -33.83 -6.40 6.60
CA GLU D 27 -34.57 -6.45 7.85
C GLU D 27 -33.79 -5.80 8.99
N ALA D 28 -32.47 -6.00 9.02
CA ALA D 28 -31.65 -5.41 10.06
C ALA D 28 -31.62 -3.88 9.89
N ALA D 29 -31.45 -3.43 8.66
CA ALA D 29 -31.40 -2.00 8.35
C ALA D 29 -32.71 -1.31 8.70
N ARG D 30 -33.83 -1.97 8.41
CA ARG D 30 -35.13 -1.41 8.71
C ARG D 30 -35.28 -1.11 10.21
N LYS D 31 -34.67 -1.95 11.04
CA LYS D 31 -34.75 -1.77 12.49
C LYS D 31 -33.99 -0.52 12.93
N GLN D 32 -33.07 -0.05 12.11
CA GLN D 32 -32.29 1.14 12.44
C GLN D 32 -33.15 2.39 12.45
N SER D 33 -33.34 3.00 11.29
CA SER D 33 -34.14 4.22 11.17
C SER D 33 -33.82 5.12 12.37
N GLY D 34 -32.67 5.75 12.28
CA GLY D 34 -32.16 6.64 13.31
C GLY D 34 -30.77 6.84 12.77
N LYS D 35 -30.29 5.76 12.15
CA LYS D 35 -28.98 5.70 11.54
C LYS D 35 -29.20 5.58 10.02
N ILE D 36 -30.09 4.67 9.65
CA ILE D 36 -30.40 4.41 8.24
C ILE D 36 -31.81 4.88 7.86
N GLY D 37 -31.88 5.72 6.85
CA GLY D 37 -33.16 6.24 6.39
C GLY D 37 -33.86 5.32 5.43
N ARG D 38 -33.59 5.46 4.14
CA ARG D 38 -34.20 4.60 3.13
C ARG D 38 -33.19 3.55 2.71
N ILE D 39 -33.68 2.40 2.26
CA ILE D 39 -32.80 1.32 1.81
C ILE D 39 -32.98 1.10 0.31
N TYR D 40 -31.99 1.49 -0.48
CA TYR D 40 -32.05 1.31 -1.93
C TYR D 40 -31.22 0.12 -2.35
N ALA D 41 -31.60 -0.49 -3.47
CA ALA D 41 -30.86 -1.61 -4.02
C ALA D 41 -30.54 -1.25 -5.46
N GLY D 42 -29.39 -1.71 -5.94
CA GLY D 42 -29.04 -1.42 -7.32
C GLY D 42 -29.61 -2.50 -8.21
N ARG D 43 -30.36 -2.10 -9.23
CA ARG D 43 -30.92 -3.08 -10.14
C ARG D 43 -29.74 -3.57 -10.97
N ASN D 44 -29.50 -4.88 -10.94
CA ASN D 44 -28.40 -5.49 -11.67
C ASN D 44 -27.02 -5.19 -11.09
N GLY D 45 -26.95 -4.91 -9.80
CA GLY D 45 -25.67 -4.65 -9.17
C GLY D 45 -25.13 -3.23 -9.19
N ILE D 46 -23.81 -3.12 -9.19
CA ILE D 46 -23.17 -1.81 -9.21
C ILE D 46 -23.58 -0.99 -10.42
N ILE D 47 -23.86 -1.66 -11.53
CA ILE D 47 -24.27 -0.96 -12.73
C ILE D 47 -25.54 -0.15 -12.46
N GLY D 48 -26.36 -0.64 -11.53
CA GLY D 48 -27.58 0.06 -11.18
C GLY D 48 -27.26 1.40 -10.56
N ALA D 49 -26.16 1.47 -9.81
CA ALA D 49 -25.75 2.72 -9.19
C ALA D 49 -25.22 3.69 -10.24
N LEU D 50 -24.44 3.17 -11.18
CA LEU D 50 -23.86 4.00 -12.25
C LEU D 50 -24.92 4.59 -13.18
N THR D 51 -25.90 3.78 -13.57
CA THR D 51 -26.95 4.27 -14.46
C THR D 51 -28.13 4.84 -13.69
N GLU D 52 -27.97 4.96 -12.38
CA GLU D 52 -29.03 5.48 -11.51
C GLU D 52 -30.34 4.73 -11.71
N ASP D 53 -30.27 3.40 -11.60
CA ASP D 53 -31.43 2.54 -11.72
C ASP D 53 -31.51 1.89 -10.34
N LEU D 54 -32.13 2.60 -9.42
CA LEU D 54 -32.26 2.14 -8.05
C LEU D 54 -33.65 1.61 -7.75
N ILE D 55 -33.71 0.75 -6.75
CA ILE D 55 -34.93 0.13 -6.30
C ILE D 55 -35.16 0.53 -4.84
N ASP D 56 -36.37 1.01 -4.52
CA ASP D 56 -36.67 1.39 -3.14
C ASP D 56 -37.22 0.16 -2.41
N THR D 57 -36.35 -0.54 -1.66
CA THR D 57 -36.81 -1.72 -0.94
C THR D 57 -37.82 -1.34 0.13
N GLY D 58 -37.90 -0.04 0.43
CA GLY D 58 -38.85 0.42 1.42
C GLY D 58 -40.29 0.21 0.95
N GLN D 59 -40.45 -0.05 -0.35
CA GLN D 59 -41.80 -0.26 -0.86
C GLN D 59 -42.15 -1.75 -1.05
N GLU D 60 -41.29 -2.63 -0.54
CA GLU D 60 -41.52 -4.08 -0.60
C GLU D 60 -42.23 -4.47 0.69
N SER D 61 -43.20 -5.36 0.59
CA SER D 61 -43.93 -5.81 1.76
C SER D 61 -43.01 -6.62 2.68
N ASP D 62 -43.34 -6.67 3.96
CA ASP D 62 -42.55 -7.43 4.92
C ASP D 62 -42.55 -8.91 4.52
N ALA D 63 -43.68 -9.38 4.01
CA ALA D 63 -43.81 -10.77 3.60
C ALA D 63 -42.88 -11.13 2.43
N ALA D 64 -42.75 -10.21 1.48
CA ALA D 64 -41.89 -10.44 0.32
C ALA D 64 -40.41 -10.47 0.73
N ILE D 65 -40.03 -9.59 1.65
CA ILE D 65 -38.64 -9.55 2.11
C ILE D 65 -38.34 -10.84 2.85
N SER D 66 -39.26 -11.27 3.70
CA SER D 66 -39.06 -12.50 4.44
C SER D 66 -38.92 -13.69 3.46
N ALA D 67 -39.73 -13.67 2.40
CA ALA D 67 -39.71 -14.74 1.39
C ALA D 67 -38.37 -14.85 0.65
N LEU D 68 -37.55 -13.80 0.71
CA LEU D 68 -36.24 -13.83 0.06
C LEU D 68 -35.41 -14.94 0.70
N ARG D 69 -35.70 -15.24 1.96
CA ARG D 69 -34.98 -16.27 2.69
C ARG D 69 -35.13 -17.67 2.09
N TYR D 70 -36.17 -17.88 1.27
CA TYR D 70 -36.34 -19.19 0.66
C TYR D 70 -36.47 -19.10 -0.86
N THR D 71 -35.84 -18.07 -1.44
CA THR D 71 -35.86 -17.84 -2.88
C THR D 71 -34.43 -17.81 -3.43
N PRO D 72 -34.16 -18.57 -4.51
CA PRO D 72 -32.84 -18.63 -5.13
C PRO D 72 -32.49 -17.43 -6.00
N SER D 73 -31.20 -17.36 -6.37
CA SER D 73 -30.67 -16.33 -7.24
C SER D 73 -30.68 -14.91 -6.69
N GLY D 74 -30.46 -13.93 -7.56
CA GLY D 74 -30.42 -12.54 -7.14
C GLY D 74 -31.71 -11.81 -7.45
N ALA D 75 -32.50 -11.53 -6.42
CA ALA D 75 -33.79 -10.87 -6.59
C ALA D 75 -33.73 -9.43 -7.10
N PHE D 76 -32.54 -8.82 -7.11
CA PHE D 76 -32.40 -7.45 -7.58
C PHE D 76 -31.59 -7.45 -8.86
N GLY D 77 -31.16 -8.64 -9.26
CA GLY D 77 -30.34 -8.77 -10.45
C GLY D 77 -28.91 -8.60 -10.03
N SER D 78 -27.99 -9.20 -10.78
CA SER D 78 -26.57 -9.09 -10.47
C SER D 78 -25.82 -8.76 -11.76
N CYS D 79 -24.50 -8.64 -11.67
CA CYS D 79 -23.68 -8.35 -12.84
C CYS D 79 -22.22 -8.67 -12.52
N ARG D 80 -21.35 -8.47 -13.51
CA ARG D 80 -19.92 -8.72 -13.32
C ARG D 80 -19.10 -7.51 -13.74
N TYR D 81 -19.50 -6.33 -13.27
CA TYR D 81 -18.81 -5.09 -13.60
C TYR D 81 -17.69 -4.82 -12.61
N LYS D 82 -16.47 -4.63 -13.13
CA LYS D 82 -15.32 -4.37 -12.25
C LYS D 82 -15.10 -2.88 -12.01
N ASN D 89 -8.34 6.46 -14.89
CA ASN D 89 -9.67 7.05 -14.95
C ASN D 89 -10.19 7.30 -13.54
N ARG D 90 -11.32 7.99 -13.45
CA ARG D 90 -11.93 8.29 -12.15
C ARG D 90 -13.38 8.74 -12.39
N ARG D 91 -13.81 8.68 -13.64
CA ARG D 91 -15.16 9.07 -14.01
C ARG D 91 -16.24 8.20 -13.37
N GLU D 92 -15.98 6.90 -13.31
CA GLU D 92 -16.93 5.96 -12.72
C GLU D 92 -17.10 6.27 -11.23
N TYR D 93 -16.01 6.70 -10.59
CA TYR D 93 -16.06 7.03 -9.18
C TYR D 93 -16.79 8.35 -8.96
N GLU D 94 -16.52 9.31 -9.84
CA GLU D 94 -17.17 10.62 -9.74
C GLU D 94 -18.66 10.44 -10.02
N ARG D 95 -19.01 9.52 -10.91
CA ARG D 95 -20.40 9.26 -11.22
C ARG D 95 -21.08 8.63 -10.01
N LEU D 96 -20.38 7.71 -9.36
CA LEU D 96 -20.93 7.04 -8.18
C LEU D 96 -21.17 8.07 -7.08
N ILE D 97 -20.26 9.03 -6.96
CA ILE D 97 -20.41 10.06 -5.95
C ILE D 97 -21.61 10.93 -6.28
N GLU D 98 -21.83 11.20 -7.57
CA GLU D 98 -22.97 12.02 -7.99
C GLU D 98 -24.26 11.31 -7.59
N VAL D 99 -24.33 10.03 -7.90
CA VAL D 99 -25.52 9.23 -7.58
C VAL D 99 -25.74 9.15 -6.07
N PHE D 100 -24.73 8.73 -5.33
CA PHE D 100 -24.87 8.63 -3.89
C PHE D 100 -25.24 9.97 -3.26
N LYS D 101 -24.64 11.04 -3.76
CA LYS D 101 -24.93 12.37 -3.24
C LYS D 101 -26.39 12.74 -3.51
N ALA D 102 -26.83 12.50 -4.74
CA ALA D 102 -28.20 12.82 -5.15
C ALA D 102 -29.25 12.08 -4.32
N HIS D 103 -28.89 10.92 -3.78
CA HIS D 103 -29.83 10.14 -2.99
C HIS D 103 -29.44 10.02 -1.52
N ASP D 104 -28.54 10.89 -1.08
CA ASP D 104 -28.10 10.91 0.31
C ASP D 104 -27.67 9.54 0.84
N ILE D 105 -26.84 8.84 0.06
CA ILE D 105 -26.38 7.53 0.46
C ILE D 105 -25.05 7.58 1.22
N GLY D 106 -25.05 7.00 2.41
CA GLY D 106 -23.84 6.98 3.24
C GLY D 106 -23.43 5.57 3.64
N TYR D 107 -24.17 4.57 3.17
CA TYR D 107 -23.87 3.16 3.48
C TYR D 107 -23.88 2.35 2.19
N PHE D 108 -22.84 1.55 1.99
CA PHE D 108 -22.71 0.72 0.79
C PHE D 108 -22.52 -0.74 1.21
N PHE D 109 -23.49 -1.58 0.86
CA PHE D 109 -23.42 -3.02 1.20
C PHE D 109 -23.31 -3.77 -0.11
N TYR D 110 -22.16 -4.42 -0.32
CA TYR D 110 -21.93 -5.13 -1.57
C TYR D 110 -21.86 -6.63 -1.29
N ASN D 111 -22.79 -7.38 -1.88
CA ASN D 111 -22.91 -8.82 -1.69
C ASN D 111 -22.29 -9.59 -2.85
N GLY D 112 -21.07 -10.09 -2.65
CA GLY D 112 -20.42 -10.83 -3.72
C GLY D 112 -19.21 -11.63 -3.28
N GLY D 113 -18.46 -12.15 -4.24
CA GLY D 113 -17.28 -12.94 -3.94
C GLY D 113 -15.96 -12.19 -3.90
N GLY D 114 -14.88 -12.89 -4.23
CA GLY D 114 -13.55 -12.30 -4.23
C GLY D 114 -13.40 -11.06 -5.08
N ASP D 115 -13.84 -11.13 -6.33
CA ASP D 115 -13.73 -9.99 -7.24
C ASP D 115 -14.60 -8.83 -6.77
N SER D 116 -15.72 -9.17 -6.12
CA SER D 116 -16.64 -8.16 -5.61
C SER D 116 -15.98 -7.48 -4.42
N ALA D 117 -15.17 -8.23 -3.68
CA ALA D 117 -14.47 -7.68 -2.53
C ALA D 117 -13.59 -6.52 -2.97
N ASP D 118 -13.04 -6.64 -4.18
CA ASP D 118 -12.17 -5.62 -4.76
C ASP D 118 -12.96 -4.35 -5.08
N THR D 119 -14.11 -4.53 -5.73
CA THR D 119 -14.96 -3.41 -6.08
C THR D 119 -15.37 -2.67 -4.80
N CYS D 120 -15.67 -3.43 -3.75
CA CYS D 120 -16.09 -2.85 -2.48
C CYS D 120 -14.95 -2.14 -1.76
N LEU D 121 -13.74 -2.67 -1.92
CA LEU D 121 -12.56 -2.08 -1.29
C LEU D 121 -12.29 -0.70 -1.87
N LYS D 122 -12.54 -0.53 -3.16
CA LYS D 122 -12.32 0.74 -3.83
C LYS D 122 -13.33 1.80 -3.40
N VAL D 123 -14.57 1.39 -3.19
CA VAL D 123 -15.62 2.30 -2.76
C VAL D 123 -15.41 2.74 -1.31
N SER D 124 -14.92 1.82 -0.48
CA SER D 124 -14.69 2.11 0.94
C SER D 124 -13.51 3.04 1.15
N GLN D 125 -12.51 2.90 0.29
CA GLN D 125 -11.31 3.73 0.38
C GLN D 125 -11.65 5.13 -0.14
N LEU D 126 -12.83 5.24 -0.73
CA LEU D 126 -13.31 6.50 -1.32
C LEU D 126 -13.42 7.69 -0.36
N SER D 127 -13.45 7.41 0.94
CA SER D 127 -13.54 8.50 1.91
C SER D 127 -12.19 9.18 2.04
N GLY D 128 -11.13 8.38 1.98
CA GLY D 128 -9.78 8.91 2.09
C GLY D 128 -9.18 9.37 0.78
N THR D 129 -9.64 8.80 -0.33
CA THR D 129 -9.11 9.17 -1.63
C THR D 129 -9.86 10.37 -2.18
N LEU D 130 -11.17 10.22 -2.37
CA LEU D 130 -11.97 11.31 -2.91
C LEU D 130 -12.35 12.32 -1.83
N GLY D 131 -13.32 11.95 -0.99
CA GLY D 131 -13.74 12.85 0.08
C GLY D 131 -15.22 12.77 0.37
N TYR D 132 -15.87 11.68 -0.01
CA TYR D 132 -17.30 11.50 0.23
C TYR D 132 -17.54 10.59 1.43
N PRO D 133 -18.26 11.07 2.45
CA PRO D 133 -18.54 10.27 3.65
C PRO D 133 -19.43 9.06 3.39
N ILE D 134 -18.82 7.89 3.22
CA ILE D 134 -19.58 6.66 2.98
C ILE D 134 -18.84 5.45 3.56
N GLN D 135 -19.60 4.56 4.19
CA GLN D 135 -19.05 3.35 4.77
C GLN D 135 -19.39 2.17 3.86
N ALA D 136 -18.40 1.38 3.49
CA ALA D 136 -18.62 0.22 2.62
C ALA D 136 -18.36 -1.07 3.37
N ILE D 137 -19.33 -1.98 3.33
CA ILE D 137 -19.22 -3.26 4.00
C ILE D 137 -19.46 -4.35 2.97
N HIS D 138 -18.57 -5.34 2.94
CA HIS D 138 -18.71 -6.43 1.99
C HIS D 138 -19.50 -7.56 2.64
N VAL D 139 -20.50 -8.09 1.93
CA VAL D 139 -21.29 -9.22 2.46
C VAL D 139 -20.81 -10.43 1.65
N PRO D 140 -20.15 -11.38 2.31
CA PRO D 140 -19.63 -12.58 1.64
C PRO D 140 -20.64 -13.41 0.85
N LYS D 141 -20.18 -13.89 -0.29
CA LYS D 141 -20.97 -14.74 -1.17
C LYS D 141 -20.07 -15.47 -2.15
N THR D 142 -20.25 -16.79 -2.25
CA THR D 142 -19.53 -17.59 -3.24
C THR D 142 -19.73 -19.10 -3.10
N VAL D 143 -20.31 -19.70 -4.14
CA VAL D 143 -20.54 -21.13 -4.14
C VAL D 143 -19.20 -21.87 -4.21
N ASP D 144 -18.14 -21.18 -4.64
CA ASP D 144 -16.83 -21.82 -4.74
C ASP D 144 -16.07 -21.91 -3.41
N ASN D 145 -16.61 -21.26 -2.38
CA ASN D 145 -16.01 -21.27 -1.06
C ASN D 145 -14.55 -20.83 -1.08
N ASP D 146 -14.22 -19.87 -1.94
CA ASP D 146 -12.84 -19.42 -2.06
C ASP D 146 -12.42 -18.17 -1.30
N LEU D 147 -13.30 -17.63 -0.46
CA LEU D 147 -12.95 -16.44 0.32
C LEU D 147 -12.11 -16.85 1.52
N PRO D 148 -11.08 -16.07 1.83
CA PRO D 148 -10.19 -16.39 2.96
C PRO D 148 -10.79 -15.95 4.30
N ILE D 149 -10.10 -16.33 5.36
CA ILE D 149 -10.45 -16.00 6.74
C ILE D 149 -11.73 -16.62 7.28
N THR D 150 -12.85 -16.39 6.61
CA THR D 150 -14.12 -16.97 7.06
C THR D 150 -14.04 -18.50 6.96
N ASP D 151 -14.71 -19.20 7.87
CA ASP D 151 -14.71 -20.67 7.88
C ASP D 151 -15.28 -21.21 6.57
N CYS D 152 -16.37 -20.60 6.13
CA CYS D 152 -17.04 -21.01 4.90
C CYS D 152 -17.76 -19.81 4.29
N CYS D 153 -18.22 -19.97 3.05
CA CYS D 153 -18.89 -18.90 2.32
C CYS D 153 -20.38 -19.13 2.06
N PRO D 154 -21.21 -18.10 2.29
CA PRO D 154 -22.65 -18.22 2.05
C PRO D 154 -22.92 -18.68 0.63
N GLY D 155 -23.60 -19.81 0.51
CA GLY D 155 -23.91 -20.36 -0.80
C GLY D 155 -23.20 -21.69 -1.01
N PHE D 156 -22.01 -21.85 -0.42
CA PHE D 156 -21.26 -23.09 -0.58
C PHE D 156 -21.91 -24.30 0.06
N GLY D 157 -22.40 -24.14 1.29
CA GLY D 157 -23.01 -25.27 1.96
C GLY D 157 -24.18 -25.84 1.16
N SER D 158 -24.96 -24.96 0.55
CA SER D 158 -26.11 -25.40 -0.24
C SER D 158 -25.68 -26.09 -1.53
N VAL D 159 -24.64 -25.57 -2.19
CA VAL D 159 -24.18 -26.24 -3.39
C VAL D 159 -23.60 -27.60 -2.99
N ALA D 160 -22.85 -27.62 -1.89
CA ALA D 160 -22.25 -28.86 -1.40
C ALA D 160 -23.33 -29.91 -1.10
N LYS D 161 -24.41 -29.47 -0.46
CA LYS D 161 -25.49 -30.38 -0.13
C LYS D 161 -26.08 -30.97 -1.40
N TYR D 162 -26.33 -30.10 -2.38
CA TYR D 162 -26.89 -30.50 -3.67
C TYR D 162 -25.98 -31.50 -4.38
N ILE D 163 -24.67 -31.25 -4.35
CA ILE D 163 -23.71 -32.13 -5.00
C ILE D 163 -23.65 -33.49 -4.28
N ALA D 164 -23.63 -33.46 -2.95
CA ALA D 164 -23.58 -34.69 -2.17
C ALA D 164 -24.84 -35.53 -2.45
N VAL D 165 -26.00 -34.89 -2.41
CA VAL D 165 -27.25 -35.59 -2.65
C VAL D 165 -27.34 -36.09 -4.09
N SER D 166 -26.98 -35.24 -5.05
CA SER D 166 -27.01 -35.61 -6.46
C SER D 166 -26.07 -36.77 -6.75
N THR D 167 -24.90 -36.76 -6.12
CA THR D 167 -23.91 -37.83 -6.32
C THR D 167 -24.43 -39.14 -5.70
N LEU D 168 -25.06 -39.03 -4.54
CA LEU D 168 -25.61 -40.19 -3.85
C LEU D 168 -26.71 -40.84 -4.69
N GLU D 169 -27.64 -40.03 -5.19
CA GLU D 169 -28.74 -40.55 -6.00
C GLU D 169 -28.26 -41.15 -7.31
N ALA D 170 -27.29 -40.50 -7.95
CA ALA D 170 -26.74 -41.00 -9.20
C ALA D 170 -26.03 -42.34 -8.96
N SER D 171 -25.38 -42.46 -7.80
CA SER D 171 -24.69 -43.68 -7.45
C SER D 171 -25.67 -44.82 -7.23
N PHE D 172 -26.81 -44.52 -6.60
CA PHE D 172 -27.82 -45.55 -6.37
C PHE D 172 -28.36 -46.03 -7.71
N ASP D 173 -28.50 -45.10 -8.64
CA ASP D 173 -29.02 -45.44 -9.95
C ASP D 173 -28.06 -46.34 -10.71
N VAL D 174 -26.82 -45.89 -10.87
CA VAL D 174 -25.83 -46.69 -11.60
C VAL D 174 -25.58 -48.03 -10.93
N ALA D 175 -25.56 -48.07 -9.60
CA ALA D 175 -25.33 -49.32 -8.90
C ALA D 175 -26.38 -50.37 -9.29
N SER D 176 -27.64 -49.94 -9.38
CA SER D 176 -28.72 -50.84 -9.72
C SER D 176 -28.67 -51.36 -11.17
N MET D 177 -28.06 -50.61 -12.07
CA MET D 177 -27.95 -51.01 -13.47
C MET D 177 -26.59 -51.64 -13.80
N SER D 178 -25.59 -51.42 -12.96
CA SER D 178 -24.23 -51.88 -13.20
C SER D 178 -23.95 -53.32 -13.60
N ALA D 179 -24.73 -54.28 -13.09
CA ALA D 179 -24.50 -55.68 -13.43
C ALA D 179 -24.32 -55.93 -14.93
N THR D 180 -25.25 -55.44 -15.73
CA THR D 180 -25.17 -55.65 -17.17
C THR D 180 -25.29 -54.37 -18.00
N SER D 181 -25.42 -53.22 -17.34
CA SER D 181 -25.54 -51.96 -18.07
C SER D 181 -24.46 -50.95 -17.68
N THR D 182 -24.85 -49.69 -17.56
CA THR D 182 -23.92 -48.62 -17.21
C THR D 182 -23.13 -48.92 -15.95
N LYS D 183 -21.81 -48.70 -15.99
CA LYS D 183 -20.97 -48.96 -14.83
C LYS D 183 -20.29 -47.72 -14.29
N VAL D 184 -20.26 -46.66 -15.08
CA VAL D 184 -19.61 -45.42 -14.67
C VAL D 184 -20.44 -44.17 -14.95
N PHE D 185 -20.61 -43.34 -13.92
CA PHE D 185 -21.36 -42.10 -14.08
C PHE D 185 -20.39 -40.94 -13.84
N VAL D 186 -20.41 -39.95 -14.72
CA VAL D 186 -19.53 -38.79 -14.58
C VAL D 186 -20.34 -37.50 -14.41
N LEU D 187 -20.19 -36.86 -13.26
CA LEU D 187 -20.91 -35.62 -12.98
C LEU D 187 -19.97 -34.41 -12.97
N GLU D 188 -20.16 -33.48 -13.90
CA GLU D 188 -19.36 -32.27 -13.97
C GLU D 188 -19.96 -31.21 -13.03
N VAL D 189 -19.13 -30.62 -12.19
CA VAL D 189 -19.57 -29.60 -11.25
C VAL D 189 -18.77 -28.29 -11.43
N MET D 190 -19.21 -27.23 -10.77
CA MET D 190 -18.54 -25.93 -10.86
C MET D 190 -17.27 -25.87 -10.02
N GLY D 191 -16.53 -24.77 -10.16
CA GLY D 191 -15.30 -24.60 -9.43
C GLY D 191 -14.13 -24.60 -10.40
N ARG D 192 -13.82 -23.44 -10.96
CA ARG D 192 -12.74 -23.31 -11.92
C ARG D 192 -11.33 -23.43 -11.33
N HIS D 193 -11.13 -22.96 -10.10
CA HIS D 193 -9.80 -23.02 -9.48
C HIS D 193 -9.80 -23.70 -8.13
N ALA D 194 -10.95 -23.66 -7.44
CA ALA D 194 -11.07 -24.28 -6.13
C ALA D 194 -11.88 -25.58 -6.23
N GLY D 195 -11.42 -26.63 -5.56
CA GLY D 195 -12.11 -27.90 -5.61
C GLY D 195 -13.09 -28.21 -4.49
N TRP D 196 -13.52 -27.17 -3.77
CA TRP D 196 -14.46 -27.35 -2.67
C TRP D 196 -15.77 -27.99 -3.12
N ILE D 197 -16.26 -27.58 -4.28
CA ILE D 197 -17.51 -28.14 -4.80
C ILE D 197 -17.32 -29.62 -5.12
N ALA D 198 -16.28 -29.95 -5.87
CA ALA D 198 -16.00 -31.33 -6.21
C ALA D 198 -15.85 -32.17 -4.95
N ALA D 199 -15.23 -31.59 -3.94
CA ALA D 199 -15.02 -32.27 -2.67
C ALA D 199 -16.32 -32.73 -2.00
N ALA D 200 -17.40 -31.97 -2.21
CA ALA D 200 -18.69 -32.33 -1.62
C ALA D 200 -19.15 -33.69 -2.11
N GLY D 201 -18.74 -34.04 -3.33
CA GLY D 201 -19.12 -35.34 -3.89
C GLY D 201 -18.71 -36.49 -3.00
N GLY D 202 -17.57 -36.33 -2.32
CA GLY D 202 -17.08 -37.37 -1.44
C GLY D 202 -17.97 -37.63 -0.24
N LEU D 203 -18.85 -36.68 0.09
CA LEU D 203 -19.75 -36.86 1.22
C LEU D 203 -20.83 -37.89 0.92
N ALA D 204 -20.97 -38.27 -0.35
CA ALA D 204 -21.97 -39.26 -0.72
C ALA D 204 -21.59 -40.61 -0.11
N SER D 205 -20.31 -40.81 0.14
CA SER D 205 -19.84 -42.06 0.74
C SER D 205 -19.67 -41.89 2.25
N SER D 206 -19.72 -42.99 2.98
CA SER D 206 -19.56 -42.96 4.43
C SER D 206 -19.09 -44.31 4.93
N PRO D 207 -18.66 -44.39 6.20
CA PRO D 207 -18.19 -45.67 6.74
C PRO D 207 -19.29 -46.74 6.68
N GLU D 208 -20.53 -46.35 6.96
CA GLU D 208 -21.64 -47.29 6.93
C GLU D 208 -22.07 -47.66 5.52
N ARG D 209 -22.09 -46.69 4.62
CA ARG D 209 -22.46 -46.95 3.23
C ARG D 209 -21.38 -46.45 2.29
N GLU D 210 -20.35 -47.29 2.13
CA GLU D 210 -19.21 -46.96 1.29
C GLU D 210 -19.60 -46.90 -0.19
N ILE D 211 -19.29 -45.79 -0.84
CA ILE D 211 -19.61 -45.62 -2.25
C ILE D 211 -18.39 -45.10 -2.99
N PRO D 212 -18.07 -45.73 -4.13
CA PRO D 212 -16.91 -45.30 -4.91
C PRO D 212 -17.12 -43.96 -5.60
N VAL D 213 -16.43 -42.93 -5.11
CA VAL D 213 -16.53 -41.60 -5.70
C VAL D 213 -15.13 -41.09 -5.98
N VAL D 214 -14.76 -41.10 -7.26
CA VAL D 214 -13.46 -40.63 -7.70
C VAL D 214 -13.60 -39.15 -8.03
N ILE D 215 -12.89 -38.30 -7.29
CA ILE D 215 -12.98 -36.86 -7.49
C ILE D 215 -11.79 -36.27 -8.24
N LEU D 216 -12.08 -35.51 -9.28
CA LEU D 216 -11.07 -34.84 -10.08
C LEU D 216 -11.02 -33.37 -9.67
N PHE D 217 -10.07 -33.04 -8.80
CA PHE D 217 -9.90 -31.70 -8.28
C PHE D 217 -9.09 -30.78 -9.21
N PRO D 218 -9.38 -29.47 -9.16
CA PRO D 218 -8.66 -28.51 -10.00
C PRO D 218 -7.24 -28.36 -9.47
N GLU D 219 -7.07 -28.59 -8.16
CA GLU D 219 -5.77 -28.48 -7.50
C GLU D 219 -4.81 -29.61 -7.87
N ILE D 220 -5.35 -30.71 -8.38
CA ILE D 220 -4.53 -31.87 -8.75
C ILE D 220 -4.38 -31.99 -10.25
N SER D 221 -3.14 -32.08 -10.72
CA SER D 221 -2.89 -32.21 -12.15
C SER D 221 -3.44 -33.55 -12.60
N PHE D 222 -4.24 -33.54 -13.66
CA PHE D 222 -4.85 -34.76 -14.17
C PHE D 222 -3.91 -35.74 -14.84
N ASP D 223 -3.89 -36.97 -14.32
CA ASP D 223 -3.06 -38.04 -14.84
C ASP D 223 -3.99 -39.18 -15.28
N LYS D 224 -4.21 -39.31 -16.59
CA LYS D 224 -5.09 -40.35 -17.11
C LYS D 224 -4.76 -41.76 -16.65
N GLN D 225 -3.49 -42.14 -16.72
CA GLN D 225 -3.09 -43.47 -16.30
C GLN D 225 -3.58 -43.73 -14.88
N LYS D 226 -3.26 -42.82 -13.98
CA LYS D 226 -3.67 -42.93 -12.58
C LYS D 226 -5.19 -42.94 -12.42
N PHE D 227 -5.87 -42.12 -13.21
CA PHE D 227 -7.32 -42.02 -13.16
C PHE D 227 -8.02 -43.32 -13.57
N LEU D 228 -7.63 -43.87 -14.71
CA LEU D 228 -8.23 -45.10 -15.18
C LEU D 228 -7.96 -46.24 -14.21
N ALA D 229 -6.75 -46.28 -13.65
CA ALA D 229 -6.38 -47.31 -12.69
C ALA D 229 -7.27 -47.23 -11.45
N LYS D 230 -7.54 -46.01 -11.00
CA LYS D 230 -8.39 -45.82 -9.82
C LYS D 230 -9.83 -46.26 -10.14
N VAL D 231 -10.31 -45.89 -11.32
CA VAL D 231 -11.65 -46.24 -11.73
C VAL D 231 -11.76 -47.76 -11.83
N ASP D 232 -10.83 -48.36 -12.56
CA ASP D 232 -10.79 -49.81 -12.73
C ASP D 232 -10.88 -50.52 -11.37
N SER D 233 -10.10 -50.05 -10.40
CA SER D 233 -10.11 -50.67 -9.07
C SER D 233 -11.45 -50.51 -8.37
N CYS D 234 -12.12 -49.39 -8.60
CA CYS D 234 -13.42 -49.16 -7.99
C CYS D 234 -14.47 -50.08 -8.63
N VAL D 235 -14.44 -50.18 -9.95
CA VAL D 235 -15.38 -51.04 -10.66
C VAL D 235 -15.13 -52.51 -10.33
N LYS D 236 -13.88 -52.85 -10.08
CA LYS D 236 -13.53 -54.22 -9.74
C LYS D 236 -14.03 -54.57 -8.34
N LYS D 237 -13.97 -53.62 -7.41
CA LYS D 237 -14.39 -53.84 -6.04
C LYS D 237 -15.88 -53.61 -5.76
N PHE D 238 -16.48 -52.64 -6.46
CA PHE D 238 -17.89 -52.31 -6.24
C PHE D 238 -18.82 -52.70 -7.37
N GLY D 239 -18.28 -52.81 -8.59
CA GLY D 239 -19.10 -53.15 -9.73
C GLY D 239 -19.49 -51.92 -10.52
N TYR D 240 -19.18 -50.74 -9.97
CA TYR D 240 -19.50 -49.47 -10.63
C TYR D 240 -18.60 -48.39 -10.06
N CYS D 241 -18.73 -47.17 -10.57
CA CYS D 241 -17.93 -46.06 -10.07
C CYS D 241 -18.54 -44.73 -10.49
N SER D 242 -18.56 -43.78 -9.57
CA SER D 242 -19.08 -42.45 -9.86
C SER D 242 -17.90 -41.50 -9.86
N VAL D 243 -17.84 -40.65 -10.87
CA VAL D 243 -16.75 -39.69 -11.01
C VAL D 243 -17.33 -38.27 -10.95
N VAL D 244 -16.78 -37.46 -10.05
CA VAL D 244 -17.19 -36.07 -9.90
C VAL D 244 -15.98 -35.25 -10.37
N VAL D 245 -16.16 -34.51 -11.45
CA VAL D 245 -15.07 -33.70 -12.01
C VAL D 245 -15.37 -32.21 -12.03
N SER D 246 -14.40 -31.41 -11.58
CA SER D 246 -14.57 -29.96 -11.58
C SER D 246 -14.34 -29.45 -12.99
N GLU D 247 -15.08 -28.41 -13.38
CA GLU D 247 -14.93 -27.83 -14.70
C GLU D 247 -13.52 -27.28 -14.93
N GLY D 248 -12.78 -27.08 -13.83
CA GLY D 248 -11.44 -26.53 -13.94
C GLY D 248 -10.27 -27.50 -13.91
N VAL D 249 -10.54 -28.79 -14.08
CA VAL D 249 -9.48 -29.79 -14.08
C VAL D 249 -8.54 -29.55 -15.25
N LYS D 250 -7.23 -29.70 -15.00
CA LYS D 250 -6.22 -29.48 -16.03
C LYS D 250 -5.24 -30.65 -16.13
N GLY D 251 -4.77 -30.92 -17.35
CA GLY D 251 -3.85 -32.01 -17.56
C GLY D 251 -2.41 -31.57 -17.75
N ASP D 252 -1.69 -32.34 -18.56
CA ASP D 252 -0.28 -32.05 -18.85
C ASP D 252 -0.16 -30.66 -19.44
N ASP D 253 -0.79 -30.45 -20.60
CA ASP D 253 -0.77 -29.15 -21.26
C ASP D 253 -1.51 -28.16 -20.36
N GLY D 254 -2.85 -28.12 -20.50
CA GLY D 254 -3.65 -27.23 -19.68
C GLY D 254 -5.14 -27.12 -19.98
N LYS D 255 -5.97 -27.69 -19.11
CA LYS D 255 -7.44 -27.64 -19.20
C LYS D 255 -8.16 -28.65 -20.12
N PHE D 256 -8.74 -29.68 -19.50
CA PHE D 256 -9.45 -30.72 -20.25
C PHE D 256 -10.62 -30.19 -21.11
N GLY D 273 -17.96 -29.21 -22.66
CA GLY D 273 -17.85 -29.59 -21.25
C GLY D 273 -16.78 -30.63 -21.01
N VAL D 274 -16.45 -30.85 -19.74
CA VAL D 274 -15.42 -31.82 -19.39
C VAL D 274 -16.00 -33.20 -19.12
N ALA D 275 -17.27 -33.26 -18.71
CA ALA D 275 -17.91 -34.54 -18.44
C ALA D 275 -17.79 -35.49 -19.63
N PRO D 276 -18.14 -35.03 -20.83
CA PRO D 276 -18.06 -35.87 -22.03
C PRO D 276 -16.62 -36.36 -22.27
N VAL D 277 -15.68 -35.45 -22.13
CA VAL D 277 -14.26 -35.74 -22.32
C VAL D 277 -13.80 -36.87 -21.40
N VAL D 278 -14.14 -36.75 -20.12
CA VAL D 278 -13.76 -37.74 -19.13
C VAL D 278 -14.48 -39.06 -19.39
N ALA D 279 -15.71 -38.98 -19.87
CA ALA D 279 -16.50 -40.17 -20.15
C ALA D 279 -15.81 -41.02 -21.23
N SER D 280 -15.42 -40.38 -22.34
CA SER D 280 -14.76 -41.09 -23.43
C SER D 280 -13.49 -41.77 -22.97
N MET D 281 -12.71 -41.10 -22.13
CA MET D 281 -11.46 -41.68 -21.62
C MET D 281 -11.75 -43.01 -20.94
N VAL D 282 -12.88 -43.08 -20.24
CA VAL D 282 -13.25 -44.32 -19.54
C VAL D 282 -13.63 -45.42 -20.52
N LYS D 283 -14.39 -45.07 -21.55
CA LYS D 283 -14.80 -46.06 -22.56
C LYS D 283 -13.58 -46.52 -23.34
N GLU D 284 -12.88 -45.57 -23.94
CA GLU D 284 -11.70 -45.86 -24.74
C GLU D 284 -10.65 -46.67 -23.98
N GLY D 285 -10.31 -46.22 -22.77
CA GLY D 285 -9.29 -46.91 -21.98
C GLY D 285 -9.71 -48.10 -21.15
N LEU D 286 -10.99 -48.24 -20.84
CA LEU D 286 -11.44 -49.36 -20.02
C LEU D 286 -12.58 -50.15 -20.66
N GLY D 287 -13.12 -49.65 -21.76
CA GLY D 287 -14.20 -50.33 -22.45
C GLY D 287 -15.47 -50.47 -21.63
N LEU D 288 -15.74 -49.49 -20.77
CA LEU D 288 -16.93 -49.54 -19.93
C LEU D 288 -18.03 -48.61 -20.42
N LYS D 289 -19.28 -49.04 -20.24
CA LYS D 289 -20.44 -48.25 -20.64
C LYS D 289 -20.57 -47.11 -19.62
N TYR D 290 -20.85 -45.90 -20.10
CA TYR D 290 -20.95 -44.75 -19.21
C TYR D 290 -22.17 -43.86 -19.43
N HIS D 291 -22.37 -42.96 -18.47
CA HIS D 291 -23.44 -41.97 -18.48
C HIS D 291 -22.83 -40.76 -17.78
N TRP D 292 -23.17 -39.57 -18.26
CA TRP D 292 -22.65 -38.36 -17.64
C TRP D 292 -23.68 -37.24 -17.64
N GLY D 293 -23.47 -36.28 -16.75
CA GLY D 293 -24.36 -35.15 -16.65
C GLY D 293 -23.53 -33.90 -16.33
N VAL D 294 -24.14 -32.74 -16.50
CA VAL D 294 -23.49 -31.47 -16.20
C VAL D 294 -24.54 -30.65 -15.45
N ALA D 295 -24.32 -30.42 -14.15
CA ALA D 295 -25.28 -29.68 -13.34
C ALA D 295 -25.45 -28.22 -13.75
N ASP D 296 -24.34 -27.54 -14.01
CA ASP D 296 -24.37 -26.14 -14.41
C ASP D 296 -25.24 -25.34 -13.43
N TYR D 297 -26.10 -24.46 -13.95
CA TYR D 297 -26.96 -23.64 -13.10
C TYR D 297 -27.73 -24.37 -12.01
N LEU D 298 -28.16 -25.60 -12.28
CA LEU D 298 -28.93 -26.34 -11.28
C LEU D 298 -28.27 -26.41 -9.90
N GLN D 299 -26.96 -26.58 -9.87
CA GLN D 299 -26.26 -26.70 -8.59
C GLN D 299 -26.20 -25.42 -7.76
N ARG D 300 -26.25 -24.26 -8.41
CA ARG D 300 -26.19 -23.00 -7.69
C ARG D 300 -27.54 -22.28 -7.52
N ALA D 301 -28.61 -22.91 -7.97
CA ALA D 301 -29.94 -22.32 -7.83
C ALA D 301 -30.87 -23.33 -7.15
N ALA D 302 -30.29 -24.34 -6.54
CA ALA D 302 -31.04 -25.42 -5.90
C ALA D 302 -31.59 -25.11 -4.50
N ARG D 303 -32.41 -24.07 -4.40
CA ARG D 303 -32.97 -23.70 -3.11
C ARG D 303 -33.91 -24.81 -2.60
N HIS D 304 -34.41 -25.66 -3.50
CA HIS D 304 -35.30 -26.74 -3.10
C HIS D 304 -34.62 -27.76 -2.20
N ILE D 305 -33.29 -27.75 -2.17
CA ILE D 305 -32.54 -28.65 -1.32
C ILE D 305 -31.33 -27.91 -0.71
N ALA D 306 -31.59 -26.73 -0.16
CA ALA D 306 -30.54 -25.93 0.45
C ALA D 306 -30.17 -26.45 1.83
N SER D 307 -28.98 -26.06 2.27
CA SER D 307 -28.50 -26.45 3.59
C SER D 307 -29.09 -25.47 4.59
N LYS D 308 -29.73 -25.99 5.64
CA LYS D 308 -30.31 -25.13 6.65
C LYS D 308 -29.20 -24.29 7.30
N THR D 309 -28.04 -24.90 7.48
CA THR D 309 -26.92 -24.20 8.11
C THR D 309 -26.47 -23.04 7.23
N ASP D 310 -26.34 -23.29 5.94
CA ASP D 310 -25.94 -22.28 4.97
C ASP D 310 -26.92 -21.10 4.94
N VAL D 311 -28.22 -21.40 4.95
CA VAL D 311 -29.24 -20.35 4.94
C VAL D 311 -29.11 -19.46 6.18
N GLU D 312 -28.97 -20.07 7.35
CA GLU D 312 -28.84 -19.31 8.59
C GLU D 312 -27.59 -18.43 8.57
N GLN D 313 -26.47 -18.96 8.08
CA GLN D 313 -25.24 -18.17 8.03
C GLN D 313 -25.37 -17.04 6.99
N ALA D 314 -26.00 -17.34 5.86
CA ALA D 314 -26.17 -16.33 4.82
C ALA D 314 -26.92 -15.12 5.40
N TYR D 315 -28.00 -15.41 6.12
CA TYR D 315 -28.81 -14.37 6.73
C TYR D 315 -28.02 -13.61 7.79
N ALA D 316 -27.28 -14.35 8.62
CA ALA D 316 -26.48 -13.75 9.69
C ALA D 316 -25.43 -12.77 9.16
N MET D 317 -24.85 -13.08 8.00
CA MET D 317 -23.84 -12.21 7.42
C MET D 317 -24.47 -10.89 6.95
N GLY D 318 -25.69 -10.95 6.42
CA GLY D 318 -26.35 -9.74 5.96
C GLY D 318 -26.69 -8.88 7.16
N GLN D 319 -27.19 -9.52 8.21
CA GLN D 319 -27.55 -8.84 9.44
C GLN D 319 -26.31 -8.23 10.10
N ALA D 320 -25.22 -8.99 10.14
CA ALA D 320 -23.97 -8.53 10.73
C ALA D 320 -23.39 -7.34 9.98
N ALA D 321 -23.47 -7.35 8.66
CA ALA D 321 -22.94 -6.26 7.85
C ALA D 321 -23.56 -4.95 8.30
N VAL D 322 -24.88 -4.95 8.46
CA VAL D 322 -25.59 -3.76 8.89
C VAL D 322 -25.16 -3.33 10.29
N GLU D 323 -25.06 -4.28 11.22
CA GLU D 323 -24.67 -3.92 12.59
C GLU D 323 -23.27 -3.30 12.60
N PHE D 324 -22.37 -3.80 11.77
CA PHE D 324 -21.02 -3.26 11.70
C PHE D 324 -21.05 -1.81 11.21
N ALA D 325 -21.88 -1.55 10.20
CA ALA D 325 -22.01 -0.21 9.63
C ALA D 325 -22.53 0.78 10.67
N VAL D 326 -23.61 0.41 11.37
CA VAL D 326 -24.19 1.30 12.36
C VAL D 326 -23.27 1.48 13.56
N GLN D 327 -22.26 0.61 13.66
CA GLN D 327 -21.28 0.72 14.74
C GLN D 327 -20.10 1.58 14.30
N GLY D 328 -20.21 2.13 13.09
CA GLY D 328 -19.17 2.99 12.56
C GLY D 328 -18.02 2.33 11.81
N HIS D 329 -18.15 1.05 11.46
CA HIS D 329 -17.06 0.39 10.75
C HIS D 329 -17.06 0.63 9.26
N ASN D 330 -15.93 0.30 8.64
CA ASN D 330 -15.78 0.51 7.21
C ASN D 330 -14.71 -0.39 6.63
N SER D 331 -14.89 -0.79 5.37
CA SER D 331 -13.94 -1.64 4.68
C SER D 331 -13.69 -2.95 5.42
N VAL D 332 -14.77 -3.58 5.87
CA VAL D 332 -14.70 -4.86 6.58
C VAL D 332 -15.74 -5.83 5.99
N MET D 333 -15.63 -7.09 6.37
CA MET D 333 -16.54 -8.15 5.89
C MET D 333 -16.87 -9.07 7.05
N PRO D 334 -18.16 -9.34 7.30
CA PRO D 334 -18.48 -10.24 8.41
C PRO D 334 -18.00 -11.64 8.05
N THR D 335 -17.73 -12.46 9.05
CA THR D 335 -17.22 -13.81 8.82
C THR D 335 -17.89 -14.86 9.68
N ILE D 336 -17.69 -16.11 9.29
CA ILE D 336 -18.19 -17.24 10.05
C ILE D 336 -16.96 -17.81 10.76
N GLU D 337 -17.00 -17.83 12.09
CA GLU D 337 -15.89 -18.39 12.86
C GLU D 337 -16.33 -19.70 13.49
N ARG D 338 -15.63 -20.79 13.17
CA ARG D 338 -15.97 -22.10 13.73
C ARG D 338 -15.41 -22.15 15.15
N ILE D 339 -16.30 -22.17 16.13
CA ILE D 339 -15.91 -22.20 17.54
C ILE D 339 -15.67 -23.60 18.05
N SER D 340 -16.41 -24.57 17.51
CA SER D 340 -16.28 -25.96 17.94
C SER D 340 -16.87 -26.93 16.95
N ALA D 341 -16.59 -28.22 17.16
CA ALA D 341 -17.10 -29.28 16.31
C ALA D 341 -17.27 -30.57 17.11
N PRO D 343 -20.14 -30.69 19.08
CA PRO D 343 -21.07 -30.30 18.02
C PRO D 343 -20.60 -29.04 17.31
N TYR D 344 -20.97 -28.93 16.04
CA TYR D 344 -20.60 -27.76 15.23
C TYR D 344 -21.18 -26.50 15.85
N GLN D 345 -20.33 -25.50 16.06
CA GLN D 345 -20.74 -24.22 16.62
C GLN D 345 -19.99 -23.11 15.91
N TRP D 346 -20.68 -22.02 15.60
CA TRP D 346 -20.06 -20.89 14.92
C TRP D 346 -20.57 -19.57 15.46
N LYS D 347 -19.84 -18.50 15.19
CA LYS D 347 -20.20 -17.15 15.62
C LYS D 347 -19.80 -16.17 14.52
N VAL D 348 -20.25 -14.93 14.63
CA VAL D 348 -19.92 -13.89 13.65
C VAL D 348 -18.61 -13.18 13.97
N GLY D 349 -17.73 -13.07 12.98
CA GLY D 349 -16.46 -12.39 13.16
C GLY D 349 -16.42 -11.20 12.21
N MET D 350 -15.31 -10.47 12.18
CA MET D 350 -15.17 -9.31 11.29
CA MET D 350 -15.21 -9.39 11.23
C MET D 350 -13.76 -9.35 10.70
N ALA D 351 -13.67 -9.34 9.37
CA ALA D 351 -12.38 -9.35 8.70
C ALA D 351 -12.08 -8.02 8.03
N GLN D 352 -10.79 -7.78 7.78
CA GLN D 352 -10.35 -6.57 7.12
C GLN D 352 -10.49 -6.85 5.64
N LEU D 353 -11.18 -5.97 4.91
CA LEU D 353 -11.38 -6.19 3.48
C LEU D 353 -10.07 -6.25 2.72
N SER D 354 -9.04 -5.58 3.24
CA SER D 354 -7.74 -5.60 2.58
C SER D 354 -7.14 -6.99 2.65
N GLN D 355 -7.41 -7.70 3.75
CA GLN D 355 -6.89 -9.06 3.93
C GLN D 355 -7.83 -10.08 3.28
N VAL D 356 -8.76 -9.60 2.48
CA VAL D 356 -9.72 -10.45 1.79
C VAL D 356 -9.62 -10.23 0.28
N ALA D 357 -9.56 -8.97 -0.12
CA ALA D 357 -9.47 -8.59 -1.53
C ALA D 357 -8.54 -9.50 -2.33
N ASN D 358 -9.03 -9.99 -3.46
CA ASN D 358 -8.27 -10.89 -4.32
C ASN D 358 -7.29 -11.76 -3.54
N VAL D 359 -7.85 -12.71 -2.80
CA VAL D 359 -7.09 -13.68 -2.02
C VAL D 359 -7.96 -14.92 -2.07
N GLU D 360 -7.40 -16.03 -2.54
CA GLU D 360 -8.18 -17.25 -2.68
C GLU D 360 -7.89 -18.35 -1.67
N LYS D 361 -8.96 -18.97 -1.19
CA LYS D 361 -8.86 -20.06 -0.24
C LYS D 361 -9.05 -21.33 -1.06
N MET D 362 -7.94 -21.97 -1.41
CA MET D 362 -7.99 -23.20 -2.18
C MET D 362 -8.08 -24.38 -1.24
N MET D 363 -8.26 -25.57 -1.79
CA MET D 363 -8.37 -26.78 -1.00
C MET D 363 -7.02 -27.07 -0.31
N PRO D 364 -7.03 -27.28 1.02
CA PRO D 364 -5.79 -27.59 1.73
C PRO D 364 -5.23 -28.93 1.25
N GLU D 365 -3.91 -29.06 1.19
CA GLU D 365 -3.29 -30.30 0.73
C GLU D 365 -3.72 -31.51 1.55
N ASN D 366 -3.84 -31.34 2.86
CA ASN D 366 -4.22 -32.43 3.75
C ASN D 366 -5.71 -32.74 3.71
N PHE D 367 -6.42 -32.16 2.75
CA PHE D 367 -7.86 -32.42 2.61
C PHE D 367 -8.07 -33.42 1.48
N ILE D 368 -7.04 -33.58 0.66
CA ILE D 368 -7.09 -34.50 -0.46
C ILE D 368 -6.29 -35.76 -0.15
N THR D 369 -6.84 -36.92 -0.49
CA THR D 369 -6.19 -38.20 -0.23
C THR D 369 -4.86 -38.34 -0.94
N GLU D 370 -4.05 -39.29 -0.48
CA GLU D 370 -2.74 -39.55 -1.05
C GLU D 370 -2.79 -39.78 -2.56
N ASP D 371 -3.73 -40.60 -3.01
CA ASP D 371 -3.86 -40.88 -4.44
C ASP D 371 -4.41 -39.68 -5.18
N GLY D 372 -4.89 -38.69 -4.44
CA GLY D 372 -5.42 -37.48 -5.03
C GLY D 372 -6.80 -37.58 -5.66
N PHE D 373 -7.53 -38.64 -5.33
CA PHE D 373 -8.86 -38.83 -5.90
C PHE D 373 -10.00 -38.81 -4.88
N GLY D 374 -9.68 -38.44 -3.64
CA GLY D 374 -10.70 -38.40 -2.61
C GLY D 374 -10.47 -37.32 -1.57
N ILE D 375 -11.34 -37.27 -0.57
CA ILE D 375 -11.20 -36.31 0.50
C ILE D 375 -10.82 -37.07 1.75
N THR D 376 -10.01 -36.44 2.60
CA THR D 376 -9.56 -37.06 3.83
C THR D 376 -10.56 -36.87 4.97
N ASP D 377 -10.34 -37.58 6.07
CA ASP D 377 -11.23 -37.44 7.20
C ASP D 377 -11.22 -36.00 7.68
N LEU D 378 -10.07 -35.33 7.58
CA LEU D 378 -9.98 -33.94 8.01
C LEU D 378 -10.96 -33.12 7.17
N CYS D 379 -10.95 -33.37 5.87
CA CYS D 379 -11.86 -32.66 4.96
C CYS D 379 -13.32 -32.97 5.32
N ARG D 380 -13.64 -34.22 5.64
CA ARG D 380 -15.02 -34.59 6.00
C ARG D 380 -15.49 -33.85 7.25
N GLU D 381 -14.60 -33.71 8.23
CA GLU D 381 -14.95 -33.02 9.46
C GLU D 381 -15.23 -31.55 9.20
N TYR D 382 -14.60 -31.00 8.17
CA TYR D 382 -14.81 -29.60 7.81
C TYR D 382 -16.14 -29.45 7.06
N LEU D 383 -16.29 -30.22 5.99
CA LEU D 383 -17.49 -30.17 5.14
C LEU D 383 -18.82 -30.60 5.73
N ALA D 384 -18.83 -31.73 6.44
CA ALA D 384 -20.05 -32.29 7.01
C ALA D 384 -21.03 -31.32 7.66
N PRO D 385 -20.59 -30.57 8.68
CA PRO D 385 -21.48 -29.62 9.36
C PRO D 385 -22.07 -28.55 8.43
N LEU D 386 -21.36 -28.26 7.35
CA LEU D 386 -21.81 -27.23 6.42
C LEU D 386 -23.10 -27.57 5.64
N ILE D 387 -23.40 -28.85 5.50
CA ILE D 387 -24.60 -29.25 4.76
C ILE D 387 -25.71 -29.75 5.67
N GLU D 388 -25.51 -29.60 6.98
CA GLU D 388 -26.46 -30.07 7.98
C GLU D 388 -27.80 -29.34 8.03
N GLY D 389 -28.88 -30.13 8.05
CA GLY D 389 -30.22 -29.59 8.12
C GLY D 389 -30.87 -29.28 6.79
N GLU D 390 -32.20 -29.41 6.75
CA GLU D 390 -32.98 -29.15 5.55
C GLU D 390 -33.85 -27.93 5.83
N ASP D 391 -33.94 -27.04 4.85
CA ASP D 391 -34.72 -25.81 4.98
C ASP D 391 -35.46 -25.65 3.67
N TYR D 392 -36.60 -26.33 3.57
CA TYR D 392 -37.41 -26.31 2.35
C TYR D 392 -38.31 -25.10 2.19
N PRO D 393 -38.43 -24.60 0.96
CA PRO D 393 -39.29 -23.45 0.70
C PRO D 393 -40.71 -23.97 0.66
N PRO D 394 -41.71 -23.09 0.84
CA PRO D 394 -43.10 -23.53 0.80
C PRO D 394 -43.45 -23.83 -0.67
N TYR D 395 -44.44 -24.70 -0.90
CA TYR D 395 -44.83 -25.05 -2.27
C TYR D 395 -46.27 -24.67 -2.61
N LYS D 396 -46.51 -24.50 -3.90
CA LYS D 396 -47.83 -24.16 -4.42
C LYS D 396 -47.94 -24.75 -5.83
N ASP D 397 -49.01 -25.51 -6.07
CA ASP D 397 -49.22 -26.12 -7.38
C ASP D 397 -48.04 -26.96 -7.84
N GLY D 398 -47.45 -27.70 -6.90
CA GLY D 398 -46.33 -28.57 -7.23
C GLY D 398 -44.94 -27.95 -7.28
N LEU D 399 -44.85 -26.62 -7.25
CA LEU D 399 -43.54 -25.96 -7.33
C LEU D 399 -43.26 -25.05 -6.14
N PRO D 400 -41.97 -24.79 -5.85
CA PRO D 400 -41.61 -23.91 -4.74
C PRO D 400 -42.26 -22.56 -5.00
N ASP D 401 -42.80 -21.94 -3.96
CA ASP D 401 -43.46 -20.66 -4.13
C ASP D 401 -42.48 -19.50 -3.96
N TYR D 402 -41.49 -19.45 -4.86
CA TYR D 402 -40.45 -18.42 -4.84
C TYR D 402 -41.00 -17.01 -5.09
N VAL D 403 -40.37 -16.03 -4.47
CA VAL D 403 -40.85 -14.67 -4.61
C VAL D 403 -40.18 -13.89 -5.73
N ARG D 404 -40.95 -12.96 -6.28
CA ARG D 404 -40.50 -12.05 -7.31
C ARG D 404 -40.85 -10.70 -6.71
N LEU D 405 -39.84 -9.95 -6.31
CA LEU D 405 -40.07 -8.65 -5.69
C LEU D 405 -40.72 -7.67 -6.66
N LYS D 406 -41.53 -6.75 -6.14
CA LYS D 406 -42.11 -5.77 -7.03
C LYS D 406 -41.02 -4.79 -7.47
N ASN D 407 -40.00 -4.61 -6.62
CA ASN D 407 -38.89 -3.70 -6.92
C ASN D 407 -39.30 -2.36 -7.54
N VAL D 408 -39.96 -1.52 -6.75
CA VAL D 408 -40.40 -0.21 -7.23
C VAL D 408 -39.20 0.66 -7.59
N ALA D 409 -39.28 1.29 -8.77
CA ALA D 409 -38.21 2.14 -9.24
C ALA D 409 -38.12 3.47 -8.51
N VAL D 410 -36.92 4.01 -8.44
CA VAL D 410 -36.69 5.31 -7.81
C VAL D 410 -36.56 6.29 -8.98
N PRO D 411 -37.38 7.36 -9.01
CA PRO D 411 -37.29 8.32 -10.11
C PRO D 411 -35.87 8.90 -10.23
N LYS D 412 -35.35 8.98 -11.46
CA LYS D 412 -34.02 9.50 -11.70
C LYS D 412 -33.93 10.99 -11.37
N LYS D 413 -32.78 11.41 -10.86
CA LYS D 413 -32.59 12.82 -10.50
C LYS D 413 -31.43 13.45 -11.26
N LEU D 414 -30.65 12.61 -11.94
CA LEU D 414 -29.50 13.08 -12.70
C LEU D 414 -29.58 12.71 -14.17
N SER D 415 -28.64 13.23 -14.97
CA SER D 415 -28.56 12.94 -16.39
C SER D 415 -27.96 11.54 -16.52
N GLY D 416 -28.10 10.94 -17.70
CA GLY D 416 -27.58 9.61 -17.94
C GLY D 416 -26.07 9.44 -17.89
N PHE D 417 -25.65 8.18 -17.76
CA PHE D 417 -24.24 7.80 -17.71
C PHE D 417 -24.11 6.52 -18.55
N THR D 418 -23.07 6.47 -19.39
CA THR D 418 -22.85 5.31 -20.25
C THR D 418 -21.71 4.46 -19.70
#